data_2KYZ
#
_entry.id   2KYZ
#
_entity_poly.entity_id   1
_entity_poly.type   'polypeptide(L)'
_entity_poly.pdbx_seq_one_letter_code
;MRYVLYVPDISCNHCKMRISKALEELGVKNYEVSVEEKKVVVETENLDSVLKKLEEIDYPVESYQEV
;
_entity_poly.pdbx_strand_id   A
#
# COMPACT_ATOMS: atom_id res chain seq x y z
N MET A 1 2.53 9.68 9.92
CA MET A 1 1.17 10.06 9.51
C MET A 1 0.58 8.90 8.72
N ARG A 2 -0.75 8.86 8.49
CA ARG A 2 -1.37 7.68 7.86
C ARG A 2 -2.14 8.07 6.61
N TYR A 3 -2.11 7.21 5.59
CA TYR A 3 -2.59 7.55 4.27
C TYR A 3 -3.29 6.34 3.66
N VAL A 4 -4.46 6.58 3.07
CA VAL A 4 -5.32 5.60 2.43
C VAL A 4 -5.00 5.62 0.94
N LEU A 5 -4.05 4.79 0.51
CA LEU A 5 -3.68 4.59 -0.89
C LEU A 5 -4.87 3.98 -1.63
N TYR A 6 -4.93 4.09 -2.94
CA TYR A 6 -5.91 3.44 -3.79
C TYR A 6 -5.15 2.61 -4.80
N VAL A 7 -5.14 1.29 -4.60
CA VAL A 7 -4.29 0.35 -5.32
C VAL A 7 -5.24 -0.63 -6.04
N PRO A 8 -5.75 -0.27 -7.24
CA PRO A 8 -6.66 -1.11 -8.02
C PRO A 8 -6.07 -2.48 -8.39
N ASP A 9 -4.75 -2.63 -8.39
CA ASP A 9 -4.10 -3.93 -8.65
C ASP A 9 -4.45 -4.96 -7.58
N ILE A 10 -4.93 -4.52 -6.40
CA ILE A 10 -5.39 -5.41 -5.34
C ILE A 10 -6.82 -5.87 -5.65
N SER A 11 -7.18 -6.10 -6.91
CA SER A 11 -8.47 -6.67 -7.25
C SER A 11 -8.52 -8.15 -6.84
N CYS A 12 -7.39 -8.80 -6.57
CA CYS A 12 -7.29 -10.22 -6.22
C CYS A 12 -6.60 -10.49 -4.88
N ASN A 13 -6.87 -11.67 -4.32
CA ASN A 13 -6.43 -12.15 -3.02
C ASN A 13 -4.91 -12.33 -2.96
N HIS A 14 -4.28 -12.90 -3.99
CA HIS A 14 -2.82 -12.95 -4.05
C HIS A 14 -2.21 -11.55 -4.00
N CYS A 15 -2.83 -10.60 -4.70
CA CYS A 15 -2.36 -9.23 -4.75
C CYS A 15 -2.26 -8.62 -3.35
N LYS A 16 -3.18 -8.95 -2.44
CA LYS A 16 -3.14 -8.50 -1.04
C LYS A 16 -1.75 -8.70 -0.44
N MET A 17 -1.17 -9.91 -0.57
CA MET A 17 0.16 -10.21 -0.04
C MET A 17 1.30 -9.41 -0.67
N ARG A 18 1.22 -9.09 -1.97
CA ARG A 18 2.34 -8.48 -2.69
C ARG A 18 2.74 -7.20 -2.00
N ILE A 19 1.72 -6.43 -1.63
CA ILE A 19 1.88 -5.21 -0.87
C ILE A 19 2.52 -5.56 0.46
N SER A 20 1.88 -6.41 1.27
CA SER A 20 2.26 -6.59 2.65
C SER A 20 3.72 -7.00 2.78
N LYS A 21 4.17 -7.98 2.00
CA LYS A 21 5.55 -8.42 2.05
C LYS A 21 6.48 -7.22 1.86
N ALA A 22 6.24 -6.45 0.81
CA ALA A 22 7.02 -5.28 0.48
C ALA A 22 6.88 -4.17 1.54
N LEU A 23 5.77 -4.06 2.26
CA LEU A 23 5.57 -3.10 3.35
C LEU A 23 6.37 -3.52 4.59
N GLU A 24 6.29 -4.79 4.96
CA GLU A 24 7.04 -5.37 6.07
C GLU A 24 8.54 -5.15 5.85
N GLU A 25 9.04 -5.38 4.63
CA GLU A 25 10.45 -5.22 4.31
C GLU A 25 10.81 -3.75 4.09
N LEU A 26 9.85 -2.90 3.71
CA LEU A 26 9.97 -1.45 3.73
C LEU A 26 10.22 -1.00 5.17
N GLY A 27 9.52 -1.60 6.13
CA GLY A 27 9.63 -1.27 7.54
C GLY A 27 8.48 -0.39 8.00
N VAL A 28 7.31 -0.44 7.36
CA VAL A 28 6.10 0.13 7.95
C VAL A 28 5.88 -0.54 9.32
N LYS A 29 5.12 0.09 10.22
CA LYS A 29 4.72 -0.55 11.48
C LYS A 29 3.23 -0.57 11.73
N ASN A 30 2.41 0.15 10.97
CA ASN A 30 0.96 0.07 11.06
C ASN A 30 0.46 0.22 9.65
N TYR A 31 -0.36 -0.72 9.20
CA TYR A 31 -0.86 -0.76 7.84
C TYR A 31 -2.04 -1.71 7.80
N GLU A 32 -2.83 -1.63 6.74
CA GLU A 32 -3.84 -2.61 6.41
C GLU A 32 -4.01 -2.63 4.90
N VAL A 33 -4.34 -3.79 4.34
CA VAL A 33 -4.63 -3.96 2.92
C VAL A 33 -6.08 -4.45 2.79
N SER A 34 -6.74 -4.09 1.69
CA SER A 34 -8.10 -4.49 1.37
C SER A 34 -8.13 -4.90 -0.10
N VAL A 35 -8.55 -6.13 -0.36
CA VAL A 35 -8.87 -6.60 -1.71
C VAL A 35 -10.32 -6.23 -2.05
N GLU A 36 -11.21 -6.19 -1.07
CA GLU A 36 -12.60 -5.76 -1.24
C GLU A 36 -12.64 -4.36 -1.85
N GLU A 37 -11.94 -3.41 -1.25
CA GLU A 37 -11.98 -2.01 -1.64
C GLU A 37 -10.72 -1.55 -2.38
N LYS A 38 -9.78 -2.46 -2.73
CA LYS A 38 -8.57 -2.15 -3.51
C LYS A 38 -7.79 -1.00 -2.89
N LYS A 39 -7.45 -1.17 -1.61
CA LYS A 39 -7.06 -0.07 -0.76
C LYS A 39 -5.94 -0.53 0.16
N VAL A 40 -5.11 0.41 0.61
CA VAL A 40 -4.06 0.15 1.57
C VAL A 40 -4.04 1.36 2.48
N VAL A 41 -4.13 1.20 3.80
CA VAL A 41 -3.62 2.23 4.69
C VAL A 41 -2.18 1.85 5.01
N VAL A 42 -1.31 2.85 5.04
CA VAL A 42 -0.02 2.79 5.72
C VAL A 42 -0.01 3.89 6.76
N GLU A 43 0.72 3.69 7.85
CA GLU A 43 1.01 4.65 8.90
C GLU A 43 2.54 4.71 8.94
N THR A 44 3.15 5.73 8.33
CA THR A 44 4.59 5.86 8.28
C THR A 44 5.02 7.33 8.23
N GLU A 45 6.33 7.59 8.29
CA GLU A 45 6.88 8.94 8.32
C GLU A 45 7.47 9.36 6.96
N ASN A 46 7.62 8.43 6.00
CA ASN A 46 7.88 8.74 4.60
C ASN A 46 6.98 7.93 3.67
N LEU A 47 5.80 8.49 3.41
CA LEU A 47 4.84 8.04 2.41
C LEU A 47 5.50 7.81 1.06
N ASP A 48 6.45 8.65 0.67
CA ASP A 48 7.14 8.54 -0.63
C ASP A 48 7.70 7.14 -0.81
N SER A 49 8.45 6.67 0.21
CA SER A 49 9.05 5.35 0.26
C SER A 49 8.02 4.23 -0.01
N VAL A 50 6.80 4.38 0.48
CA VAL A 50 5.71 3.45 0.25
C VAL A 50 5.28 3.54 -1.22
N LEU A 51 4.98 4.73 -1.74
CA LEU A 51 4.46 4.94 -3.09
C LEU A 51 5.46 4.42 -4.14
N LYS A 52 6.75 4.62 -3.85
CA LYS A 52 7.89 4.11 -4.59
C LYS A 52 7.85 2.58 -4.58
N LYS A 53 7.80 1.99 -3.38
CA LYS A 53 7.75 0.54 -3.23
C LYS A 53 6.58 -0.04 -4.03
N LEU A 54 5.40 0.61 -3.98
CA LEU A 54 4.22 0.18 -4.71
C LEU A 54 4.48 0.11 -6.21
N GLU A 55 5.05 1.17 -6.80
CA GLU A 55 5.39 1.18 -8.22
C GLU A 55 6.41 0.06 -8.50
N GLU A 56 7.43 -0.08 -7.65
CA GLU A 56 8.48 -1.08 -7.81
C GLU A 56 8.03 -2.52 -7.52
N ILE A 57 6.77 -2.77 -7.15
CA ILE A 57 6.18 -4.10 -7.16
C ILE A 57 5.21 -4.27 -8.34
N ASP A 58 5.22 -3.36 -9.32
CA ASP A 58 4.39 -3.27 -10.52
C ASP A 58 2.97 -2.75 -10.25
N TYR A 59 2.72 -2.15 -9.08
CA TYR A 59 1.40 -1.75 -8.61
C TYR A 59 1.35 -0.21 -8.50
N PRO A 60 1.16 0.52 -9.61
CA PRO A 60 1.05 1.97 -9.59
C PRO A 60 -0.23 2.36 -8.85
N VAL A 61 -0.10 3.17 -7.80
CA VAL A 61 -1.23 3.69 -7.04
C VAL A 61 -1.96 4.76 -7.88
N GLU A 62 -3.28 4.83 -7.79
CA GLU A 62 -4.05 5.89 -8.46
C GLU A 62 -3.88 7.20 -7.67
N SER A 63 -4.15 7.18 -6.37
CA SER A 63 -4.04 8.33 -5.47
C SER A 63 -3.96 7.83 -4.02
N TYR A 64 -3.79 8.74 -3.07
CA TYR A 64 -3.84 8.50 -1.64
C TYR A 64 -4.57 9.68 -1.00
N GLN A 65 -4.78 9.63 0.32
CA GLN A 65 -5.31 10.74 1.13
C GLN A 65 -4.97 10.47 2.59
N GLU A 66 -4.60 11.49 3.35
CA GLU A 66 -4.33 11.39 4.76
C GLU A 66 -5.61 11.12 5.55
N VAL A 67 -5.48 10.33 6.63
CA VAL A 67 -6.54 10.14 7.63
C VAL A 67 -5.93 10.23 9.03
N MET A 1 1.52 10.41 10.84
CA MET A 1 0.67 10.39 9.65
C MET A 1 0.40 8.97 9.20
N ARG A 2 -0.79 8.73 8.65
CA ARG A 2 -1.07 7.60 7.80
C ARG A 2 -1.78 8.11 6.56
N TYR A 3 -1.80 7.30 5.50
CA TYR A 3 -2.44 7.66 4.24
C TYR A 3 -3.16 6.42 3.72
N VAL A 4 -4.37 6.59 3.18
CA VAL A 4 -5.15 5.54 2.55
C VAL A 4 -4.95 5.64 1.03
N LEU A 5 -4.20 4.69 0.48
CA LEU A 5 -3.84 4.58 -0.94
C LEU A 5 -4.99 3.86 -1.66
N TYR A 6 -5.27 4.22 -2.92
CA TYR A 6 -6.13 3.45 -3.82
C TYR A 6 -5.26 2.62 -4.76
N VAL A 7 -5.25 1.31 -4.56
CA VAL A 7 -4.44 0.34 -5.28
C VAL A 7 -5.42 -0.58 -6.04
N PRO A 8 -5.86 -0.22 -7.26
CA PRO A 8 -6.79 -1.06 -8.02
C PRO A 8 -6.23 -2.46 -8.35
N ASP A 9 -4.91 -2.64 -8.31
CA ASP A 9 -4.21 -3.91 -8.59
C ASP A 9 -4.51 -4.97 -7.53
N ILE A 10 -5.11 -4.60 -6.40
CA ILE A 10 -5.55 -5.55 -5.40
C ILE A 10 -6.84 -6.26 -5.88
N SER A 11 -7.17 -6.29 -7.17
CA SER A 11 -8.31 -7.04 -7.69
C SER A 11 -8.20 -8.56 -7.45
N CYS A 12 -7.11 -9.10 -6.89
CA CYS A 12 -7.02 -10.49 -6.44
C CYS A 12 -6.57 -10.66 -4.98
N ASN A 13 -6.79 -11.85 -4.43
CA ASN A 13 -6.51 -12.18 -3.04
C ASN A 13 -5.01 -12.41 -2.83
N HIS A 14 -4.32 -13.10 -3.73
CA HIS A 14 -2.85 -13.20 -3.68
C HIS A 14 -2.21 -11.83 -3.91
N CYS A 15 -2.84 -10.95 -4.71
CA CYS A 15 -2.38 -9.57 -4.83
C CYS A 15 -2.22 -8.97 -3.43
N LYS A 16 -3.20 -9.11 -2.53
CA LYS A 16 -3.22 -8.43 -1.22
C LYS A 16 -1.87 -8.58 -0.53
N MET A 17 -1.37 -9.81 -0.45
CA MET A 17 -0.11 -10.12 0.21
C MET A 17 1.10 -9.51 -0.49
N ARG A 18 1.06 -9.21 -1.79
CA ARG A 18 2.18 -8.63 -2.51
C ARG A 18 2.56 -7.28 -1.94
N ILE A 19 1.57 -6.45 -1.59
CA ILE A 19 1.85 -5.17 -0.94
C ILE A 19 2.51 -5.49 0.40
N SER A 20 1.85 -6.28 1.24
CA SER A 20 2.24 -6.44 2.61
C SER A 20 3.66 -6.93 2.71
N LYS A 21 4.03 -7.97 1.96
CA LYS A 21 5.37 -8.50 2.03
C LYS A 21 6.40 -7.41 1.77
N ALA A 22 6.21 -6.61 0.72
CA ALA A 22 7.12 -5.53 0.40
C ALA A 22 7.09 -4.43 1.48
N LEU A 23 5.95 -4.16 2.12
CA LEU A 23 5.82 -3.19 3.20
C LEU A 23 6.60 -3.63 4.44
N GLU A 24 6.48 -4.89 4.82
CA GLU A 24 7.11 -5.47 6.01
C GLU A 24 8.63 -5.28 5.91
N GLU A 25 9.24 -5.51 4.75
CA GLU A 25 10.66 -5.30 4.54
C GLU A 25 10.97 -3.81 4.52
N LEU A 26 10.04 -2.98 4.01
CA LEU A 26 10.08 -1.52 4.04
C LEU A 26 10.23 -1.02 5.48
N GLY A 27 9.76 -1.80 6.46
CA GLY A 27 9.86 -1.49 7.86
C GLY A 27 8.70 -0.65 8.37
N VAL A 28 7.54 -0.74 7.72
CA VAL A 28 6.31 -0.17 8.25
C VAL A 28 6.00 -0.84 9.60
N LYS A 29 5.21 -0.18 10.44
CA LYS A 29 4.72 -0.74 11.70
C LYS A 29 3.22 -0.63 11.88
N ASN A 30 2.50 -0.01 10.95
CA ASN A 30 1.05 0.01 10.95
C ASN A 30 0.64 0.18 9.50
N TYR A 31 -0.05 -0.81 8.94
CA TYR A 31 -0.59 -0.76 7.60
C TYR A 31 -1.84 -1.63 7.53
N GLU A 32 -2.56 -1.56 6.41
CA GLU A 32 -3.70 -2.43 6.13
C GLU A 32 -3.90 -2.57 4.62
N VAL A 33 -4.58 -3.61 4.14
CA VAL A 33 -4.84 -3.89 2.73
C VAL A 33 -6.20 -4.60 2.62
N SER A 34 -7.04 -4.21 1.65
CA SER A 34 -8.31 -4.88 1.35
C SER A 34 -8.55 -4.96 -0.15
N VAL A 35 -8.69 -6.19 -0.68
CA VAL A 35 -9.18 -6.51 -2.03
C VAL A 35 -10.64 -6.11 -2.25
N GLU A 36 -11.45 -6.13 -1.19
CA GLU A 36 -12.83 -5.66 -1.19
C GLU A 36 -12.87 -4.20 -1.66
N GLU A 37 -12.10 -3.35 -0.99
CA GLU A 37 -12.08 -1.91 -1.22
C GLU A 37 -11.05 -1.50 -2.28
N LYS A 38 -10.10 -2.37 -2.65
CA LYS A 38 -8.89 -2.02 -3.42
C LYS A 38 -8.16 -0.84 -2.77
N LYS A 39 -8.03 -0.88 -1.44
CA LYS A 39 -7.37 0.15 -0.64
C LYS A 39 -6.23 -0.45 0.16
N VAL A 40 -5.28 0.41 0.53
CA VAL A 40 -4.21 0.16 1.47
C VAL A 40 -4.24 1.31 2.46
N VAL A 41 -3.77 1.10 3.69
CA VAL A 41 -3.35 2.18 4.57
C VAL A 41 -1.88 1.90 4.90
N VAL A 42 -1.09 2.95 5.09
CA VAL A 42 0.26 2.89 5.62
C VAL A 42 0.40 4.05 6.59
N GLU A 43 0.83 3.76 7.81
CA GLU A 43 1.21 4.72 8.84
C GLU A 43 2.73 4.85 8.75
N THR A 44 3.20 5.88 8.05
CA THR A 44 4.62 6.16 8.04
C THR A 44 4.83 7.65 7.86
N GLU A 45 5.97 8.10 8.39
CA GLU A 45 6.53 9.44 8.31
C GLU A 45 7.36 9.61 7.02
N ASN A 46 7.34 8.64 6.11
CA ASN A 46 7.86 8.78 4.75
C ASN A 46 7.01 8.01 3.75
N LEU A 47 5.89 8.62 3.36
CA LEU A 47 4.96 8.09 2.38
C LEU A 47 5.63 7.84 1.04
N ASP A 48 6.54 8.72 0.61
CA ASP A 48 7.22 8.60 -0.67
C ASP A 48 7.92 7.25 -0.79
N SER A 49 8.56 6.78 0.31
CA SER A 49 9.16 5.45 0.37
C SER A 49 8.14 4.38 -0.05
N VAL A 50 6.93 4.44 0.49
CA VAL A 50 5.83 3.52 0.18
C VAL A 50 5.45 3.66 -1.29
N LEU A 51 5.05 4.85 -1.75
CA LEU A 51 4.48 5.03 -3.09
C LEU A 51 5.43 4.52 -4.16
N LYS A 52 6.73 4.78 -3.96
CA LYS A 52 7.79 4.27 -4.81
C LYS A 52 7.84 2.75 -4.74
N LYS A 53 7.90 2.14 -3.54
CA LYS A 53 7.92 0.69 -3.41
C LYS A 53 6.70 0.09 -4.13
N LEU A 54 5.52 0.68 -3.98
CA LEU A 54 4.29 0.22 -4.60
C LEU A 54 4.48 0.16 -6.13
N GLU A 55 5.01 1.21 -6.74
CA GLU A 55 5.25 1.23 -8.17
C GLU A 55 6.41 0.29 -8.56
N GLU A 56 7.42 0.13 -7.70
CA GLU A 56 8.52 -0.81 -7.90
C GLU A 56 8.04 -2.26 -7.90
N ILE A 57 6.98 -2.58 -7.16
CA ILE A 57 6.42 -3.93 -7.12
C ILE A 57 5.42 -4.15 -8.26
N ASP A 58 5.32 -3.24 -9.24
CA ASP A 58 4.43 -3.29 -10.41
C ASP A 58 2.97 -2.95 -10.08
N TYR A 59 2.74 -2.24 -8.96
CA TYR A 59 1.41 -1.87 -8.50
C TYR A 59 1.34 -0.33 -8.43
N PRO A 60 1.05 0.39 -9.52
CA PRO A 60 1.05 1.85 -9.52
C PRO A 60 -0.21 2.41 -8.87
N VAL A 61 -0.07 3.12 -7.74
CA VAL A 61 -1.20 3.65 -6.97
C VAL A 61 -1.94 4.68 -7.82
N GLU A 62 -3.26 4.78 -7.69
CA GLU A 62 -4.03 5.79 -8.38
C GLU A 62 -3.82 7.12 -7.64
N SER A 63 -4.28 7.23 -6.39
CA SER A 63 -3.99 8.35 -5.49
C SER A 63 -4.04 7.88 -4.04
N TYR A 64 -3.75 8.78 -3.10
CA TYR A 64 -3.87 8.56 -1.66
C TYR A 64 -4.61 9.74 -1.03
N GLN A 65 -4.88 9.67 0.28
CA GLN A 65 -5.27 10.79 1.11
C GLN A 65 -4.86 10.51 2.55
N GLU A 66 -4.52 11.54 3.31
CA GLU A 66 -4.15 11.50 4.72
C GLU A 66 -5.37 11.13 5.56
N VAL A 67 -5.21 10.27 6.58
CA VAL A 67 -6.30 9.92 7.52
C VAL A 67 -5.77 9.79 8.94
N MET A 1 2.28 9.34 10.74
CA MET A 1 1.02 9.78 10.13
C MET A 1 0.45 8.61 9.36
N ARG A 2 -0.76 8.71 8.80
CA ARG A 2 -1.30 7.65 7.97
C ARG A 2 -1.97 8.23 6.73
N TYR A 3 -2.12 7.40 5.71
CA TYR A 3 -2.66 7.79 4.43
C TYR A 3 -3.43 6.61 3.89
N VAL A 4 -4.54 6.85 3.20
CA VAL A 4 -5.25 5.82 2.46
C VAL A 4 -4.89 5.95 1.01
N LEU A 5 -4.34 4.89 0.44
CA LEU A 5 -3.88 4.76 -0.93
C LEU A 5 -5.03 4.11 -1.72
N TYR A 6 -4.99 4.14 -3.05
CA TYR A 6 -5.97 3.46 -3.90
C TYR A 6 -5.24 2.60 -4.92
N VAL A 7 -5.13 1.30 -4.63
CA VAL A 7 -4.30 0.33 -5.32
C VAL A 7 -5.27 -0.69 -5.96
N PRO A 8 -5.83 -0.41 -7.15
CA PRO A 8 -6.85 -1.26 -7.75
C PRO A 8 -6.32 -2.65 -8.14
N ASP A 9 -4.99 -2.82 -8.25
CA ASP A 9 -4.38 -4.11 -8.55
C ASP A 9 -4.64 -5.14 -7.45
N ILE A 10 -5.14 -4.74 -6.25
CA ILE A 10 -5.46 -5.68 -5.18
C ILE A 10 -6.75 -6.47 -5.48
N SER A 11 -7.30 -6.41 -6.69
CA SER A 11 -8.57 -7.03 -7.05
C SER A 11 -8.63 -8.54 -6.73
N CYS A 12 -7.47 -9.21 -6.58
CA CYS A 12 -7.34 -10.62 -6.27
C CYS A 12 -6.61 -10.86 -4.94
N ASN A 13 -6.87 -12.01 -4.31
CA ASN A 13 -6.36 -12.35 -2.98
C ASN A 13 -4.85 -12.51 -2.94
N HIS A 14 -4.20 -13.00 -4.01
CA HIS A 14 -2.73 -13.02 -4.06
C HIS A 14 -2.18 -11.58 -4.01
N CYS A 15 -2.82 -10.68 -4.77
CA CYS A 15 -2.39 -9.31 -4.93
C CYS A 15 -2.27 -8.59 -3.59
N LYS A 16 -3.15 -8.88 -2.63
CA LYS A 16 -3.08 -8.38 -1.25
C LYS A 16 -1.68 -8.54 -0.68
N MET A 17 -1.13 -9.77 -0.69
CA MET A 17 0.21 -10.07 -0.20
C MET A 17 1.31 -9.27 -0.87
N ARG A 18 1.15 -9.01 -2.16
CA ARG A 18 2.21 -8.44 -2.99
C ARG A 18 2.65 -7.08 -2.46
N ILE A 19 1.70 -6.34 -1.89
CA ILE A 19 1.96 -5.12 -1.15
C ILE A 19 2.65 -5.48 0.16
N SER A 20 1.98 -6.24 1.03
CA SER A 20 2.40 -6.38 2.41
C SER A 20 3.83 -6.88 2.50
N LYS A 21 4.19 -7.88 1.68
CA LYS A 21 5.52 -8.45 1.67
C LYS A 21 6.60 -7.37 1.59
N ALA A 22 6.43 -6.49 0.62
CA ALA A 22 7.34 -5.42 0.29
C ALA A 22 7.32 -4.36 1.38
N LEU A 23 6.15 -4.02 1.93
CA LEU A 23 5.98 -3.05 3.01
C LEU A 23 6.66 -3.55 4.29
N GLU A 24 6.42 -4.80 4.70
CA GLU A 24 7.06 -5.41 5.87
C GLU A 24 8.59 -5.35 5.78
N GLU A 25 9.19 -5.50 4.59
CA GLU A 25 10.64 -5.34 4.39
C GLU A 25 11.04 -3.86 4.37
N LEU A 26 10.16 -2.98 3.88
CA LEU A 26 10.29 -1.53 4.01
C LEU A 26 10.43 -1.17 5.49
N GLY A 27 9.70 -1.88 6.35
CA GLY A 27 9.66 -1.69 7.79
C GLY A 27 8.63 -0.63 8.12
N VAL A 28 7.46 -0.71 7.51
CA VAL A 28 6.25 -0.10 8.04
C VAL A 28 5.99 -0.72 9.43
N LYS A 29 5.14 -0.10 10.26
CA LYS A 29 4.76 -0.70 11.55
C LYS A 29 3.27 -0.68 11.83
N ASN A 30 2.46 -0.02 11.03
CA ASN A 30 1.01 -0.15 11.04
C ASN A 30 0.61 0.05 9.60
N TYR A 31 -0.21 -0.85 9.08
CA TYR A 31 -0.71 -0.80 7.73
C TYR A 31 -1.95 -1.69 7.66
N GLU A 32 -2.66 -1.62 6.55
CA GLU A 32 -3.93 -2.29 6.34
C GLU A 32 -4.09 -2.50 4.84
N VAL A 33 -4.72 -3.58 4.39
CA VAL A 33 -4.97 -3.91 2.98
C VAL A 33 -6.34 -4.58 2.85
N SER A 34 -7.10 -4.29 1.79
CA SER A 34 -8.44 -4.83 1.57
C SER A 34 -8.69 -5.16 0.08
N VAL A 35 -9.15 -6.39 -0.21
CA VAL A 35 -9.45 -6.88 -1.57
C VAL A 35 -10.73 -6.29 -2.14
N GLU A 36 -11.82 -6.22 -1.37
CA GLU A 36 -13.08 -5.74 -1.92
C GLU A 36 -13.06 -4.21 -1.98
N GLU A 37 -12.37 -3.57 -1.03
CA GLU A 37 -12.25 -2.11 -1.07
C GLU A 37 -11.14 -1.66 -2.02
N LYS A 38 -10.16 -2.52 -2.36
CA LYS A 38 -8.94 -2.14 -3.10
C LYS A 38 -8.28 -0.90 -2.48
N LYS A 39 -8.24 -0.88 -1.15
CA LYS A 39 -7.57 0.16 -0.39
C LYS A 39 -6.47 -0.46 0.45
N VAL A 40 -5.54 0.40 0.84
CA VAL A 40 -4.38 0.16 1.67
C VAL A 40 -4.31 1.39 2.55
N VAL A 41 -3.85 1.20 3.77
CA VAL A 41 -3.37 2.27 4.61
C VAL A 41 -1.93 1.89 4.92
N VAL A 42 -1.00 2.84 4.85
CA VAL A 42 0.20 2.75 5.68
C VAL A 42 0.15 3.85 6.73
N GLU A 43 0.84 3.60 7.84
CA GLU A 43 1.08 4.55 8.91
C GLU A 43 2.60 4.73 8.99
N THR A 44 3.16 5.69 8.25
CA THR A 44 4.56 6.04 8.25
C THR A 44 4.72 7.57 8.38
N GLU A 45 5.96 8.03 8.53
CA GLU A 45 6.32 9.44 8.40
C GLU A 45 6.71 9.77 6.95
N ASN A 46 7.10 8.77 6.15
CA ASN A 46 7.60 8.95 4.79
C ASN A 46 6.73 8.12 3.86
N LEU A 47 5.57 8.67 3.48
CA LEU A 47 4.68 8.02 2.52
C LEU A 47 5.42 7.75 1.23
N ASP A 48 6.26 8.68 0.79
CA ASP A 48 6.84 8.65 -0.53
C ASP A 48 7.76 7.43 -0.69
N SER A 49 8.36 6.93 0.38
CA SER A 49 9.14 5.67 0.36
C SER A 49 8.24 4.47 0.07
N VAL A 50 7.03 4.47 0.63
CA VAL A 50 5.99 3.47 0.42
C VAL A 50 5.59 3.51 -1.05
N LEU A 51 5.23 4.67 -1.59
CA LEU A 51 4.83 4.81 -2.99
C LEU A 51 5.91 4.29 -3.92
N LYS A 52 7.17 4.55 -3.58
CA LYS A 52 8.32 4.06 -4.34
C LYS A 52 8.28 2.54 -4.38
N LYS A 53 8.05 1.89 -3.23
CA LYS A 53 7.89 0.45 -3.20
C LYS A 53 6.71 0.00 -4.05
N LEU A 54 5.56 0.67 -3.98
CA LEU A 54 4.35 0.26 -4.72
C LEU A 54 4.64 0.25 -6.21
N GLU A 55 5.25 1.31 -6.73
CA GLU A 55 5.55 1.40 -8.16
C GLU A 55 6.59 0.31 -8.51
N GLU A 56 7.63 0.11 -7.68
CA GLU A 56 8.69 -0.89 -7.83
C GLU A 56 8.17 -2.34 -7.85
N ILE A 57 7.02 -2.61 -7.23
CA ILE A 57 6.41 -3.93 -7.23
C ILE A 57 5.43 -4.12 -8.39
N ASP A 58 5.44 -3.26 -9.40
CA ASP A 58 4.59 -3.32 -10.60
C ASP A 58 3.15 -2.88 -10.33
N TYR A 59 2.88 -2.28 -9.16
CA TYR A 59 1.54 -1.96 -8.69
C TYR A 59 1.42 -0.43 -8.62
N PRO A 60 1.08 0.26 -9.71
CA PRO A 60 0.99 1.72 -9.74
C PRO A 60 -0.27 2.25 -9.07
N VAL A 61 -0.11 3.05 -8.01
CA VAL A 61 -1.24 3.56 -7.22
C VAL A 61 -1.98 4.61 -8.05
N GLU A 62 -3.30 4.72 -7.90
CA GLU A 62 -4.07 5.77 -8.56
C GLU A 62 -3.85 7.10 -7.82
N SER A 63 -4.09 7.13 -6.50
CA SER A 63 -3.91 8.30 -5.63
C SER A 63 -3.86 7.84 -4.17
N TYR A 64 -3.62 8.80 -3.26
CA TYR A 64 -3.74 8.64 -1.82
C TYR A 64 -4.45 9.85 -1.24
N GLN A 65 -4.67 9.87 0.07
CA GLN A 65 -5.20 10.98 0.85
C GLN A 65 -4.69 10.80 2.27
N GLU A 66 -4.43 11.90 2.96
CA GLU A 66 -4.13 11.97 4.39
C GLU A 66 -5.33 11.49 5.19
N VAL A 67 -5.08 10.88 6.35
CA VAL A 67 -6.08 10.51 7.34
C VAL A 67 -5.54 10.80 8.73
N MET A 1 1.28 9.92 11.05
CA MET A 1 0.44 10.15 9.86
C MET A 1 0.16 8.80 9.23
N ARG A 2 -0.98 8.64 8.57
CA ARG A 2 -1.28 7.48 7.75
C ARG A 2 -1.92 7.93 6.46
N TYR A 3 -1.99 7.04 5.47
CA TYR A 3 -2.37 7.40 4.12
C TYR A 3 -3.25 6.32 3.50
N VAL A 4 -4.44 6.68 3.03
CA VAL A 4 -5.41 5.77 2.39
C VAL A 4 -5.08 5.64 0.91
N LEU A 5 -4.15 4.75 0.54
CA LEU A 5 -3.76 4.57 -0.86
C LEU A 5 -4.85 3.84 -1.64
N TYR A 6 -5.00 4.12 -2.94
CA TYR A 6 -5.93 3.45 -3.84
C TYR A 6 -5.13 2.61 -4.83
N VAL A 7 -5.12 1.31 -4.62
CA VAL A 7 -4.32 0.35 -5.39
C VAL A 7 -5.26 -0.63 -6.11
N PRO A 8 -5.81 -0.28 -7.29
CA PRO A 8 -6.73 -1.13 -8.06
C PRO A 8 -6.13 -2.48 -8.46
N ASP A 9 -4.80 -2.63 -8.50
CA ASP A 9 -4.15 -3.92 -8.79
C ASP A 9 -4.47 -4.96 -7.73
N ILE A 10 -4.89 -4.53 -6.53
CA ILE A 10 -5.33 -5.41 -5.46
C ILE A 10 -6.76 -5.90 -5.72
N SER A 11 -7.19 -6.00 -6.98
CA SER A 11 -8.47 -6.59 -7.31
C SER A 11 -8.56 -8.06 -6.87
N CYS A 12 -7.43 -8.74 -6.63
CA CYS A 12 -7.40 -10.16 -6.27
C CYS A 12 -6.64 -10.44 -4.96
N ASN A 13 -6.98 -11.56 -4.32
CA ASN A 13 -6.50 -11.90 -2.98
C ASN A 13 -5.00 -12.22 -2.94
N HIS A 14 -4.41 -12.72 -4.02
CA HIS A 14 -2.95 -12.82 -4.12
C HIS A 14 -2.30 -11.45 -4.08
N CYS A 15 -2.91 -10.50 -4.79
CA CYS A 15 -2.39 -9.16 -4.90
C CYS A 15 -2.27 -8.51 -3.52
N LYS A 16 -3.18 -8.82 -2.58
CA LYS A 16 -3.09 -8.38 -1.18
C LYS A 16 -1.69 -8.63 -0.60
N MET A 17 -1.18 -9.86 -0.75
CA MET A 17 0.14 -10.26 -0.25
C MET A 17 1.26 -9.40 -0.83
N ARG A 18 1.19 -9.06 -2.12
CA ARG A 18 2.30 -8.42 -2.84
C ARG A 18 2.69 -7.12 -2.13
N ILE A 19 1.68 -6.41 -1.62
CA ILE A 19 1.87 -5.20 -0.85
C ILE A 19 2.43 -5.58 0.50
N SER A 20 1.66 -6.24 1.37
CA SER A 20 2.06 -6.48 2.74
C SER A 20 3.47 -7.02 2.88
N LYS A 21 3.83 -7.99 2.05
CA LYS A 21 5.14 -8.60 2.10
C LYS A 21 6.24 -7.55 1.94
N ALA A 22 6.10 -6.66 0.94
CA ALA A 22 7.01 -5.56 0.70
C ALA A 22 6.92 -4.51 1.81
N LEU A 23 5.74 -4.25 2.38
CA LEU A 23 5.55 -3.28 3.46
C LEU A 23 6.32 -3.71 4.72
N GLU A 24 6.28 -4.99 5.05
CA GLU A 24 6.97 -5.54 6.21
C GLU A 24 8.47 -5.26 6.10
N GLU A 25 9.05 -5.40 4.91
CA GLU A 25 10.48 -5.19 4.65
C GLU A 25 10.79 -3.70 4.45
N LEU A 26 9.81 -2.89 4.05
CA LEU A 26 9.81 -1.43 4.14
C LEU A 26 9.79 -0.98 5.61
N GLY A 27 9.54 -1.89 6.56
CA GLY A 27 9.56 -1.61 7.98
C GLY A 27 8.44 -0.66 8.35
N VAL A 28 7.25 -0.82 7.76
CA VAL A 28 6.04 -0.22 8.34
C VAL A 28 5.80 -0.93 9.69
N LYS A 29 4.95 -0.34 10.55
CA LYS A 29 4.49 -0.98 11.78
C LYS A 29 2.98 -1.07 11.86
N ASN A 30 2.25 -0.16 11.22
CA ASN A 30 0.80 -0.08 11.31
C ASN A 30 0.31 0.11 9.89
N TYR A 31 -0.46 -0.84 9.37
CA TYR A 31 -0.85 -0.90 7.98
C TYR A 31 -1.96 -1.92 7.80
N GLU A 32 -2.68 -1.80 6.69
CA GLU A 32 -3.80 -2.66 6.41
C GLU A 32 -4.13 -2.66 4.92
N VAL A 33 -3.92 -3.79 4.24
CA VAL A 33 -4.28 -3.95 2.84
C VAL A 33 -5.69 -4.53 2.75
N SER A 34 -6.47 -4.08 1.77
CA SER A 34 -7.79 -4.58 1.44
C SER A 34 -7.85 -4.91 -0.04
N VAL A 35 -8.11 -6.18 -0.35
CA VAL A 35 -8.45 -6.63 -1.69
C VAL A 35 -9.86 -6.18 -2.07
N GLU A 36 -10.82 -6.36 -1.15
CA GLU A 36 -12.22 -6.11 -1.41
C GLU A 36 -12.42 -4.65 -1.82
N GLU A 37 -11.73 -3.71 -1.17
CA GLU A 37 -11.83 -2.28 -1.45
C GLU A 37 -10.61 -1.71 -2.21
N LYS A 38 -9.66 -2.54 -2.67
CA LYS A 38 -8.45 -2.12 -3.40
C LYS A 38 -7.74 -0.94 -2.73
N LYS A 39 -7.45 -1.12 -1.45
CA LYS A 39 -6.94 -0.06 -0.60
C LYS A 39 -5.74 -0.58 0.20
N VAL A 40 -4.89 0.34 0.63
CA VAL A 40 -3.78 0.07 1.51
C VAL A 40 -3.73 1.25 2.46
N VAL A 41 -3.90 1.06 3.76
CA VAL A 41 -3.48 2.06 4.72
C VAL A 41 -2.04 1.72 5.08
N VAL A 42 -1.21 2.75 5.23
CA VAL A 42 0.14 2.68 5.77
C VAL A 42 0.29 3.85 6.74
N GLU A 43 0.80 3.58 7.94
CA GLU A 43 1.18 4.56 8.94
C GLU A 43 2.69 4.76 8.80
N THR A 44 3.10 5.82 8.11
CA THR A 44 4.50 6.18 7.92
C THR A 44 4.64 7.70 8.01
N GLU A 45 5.85 8.19 7.75
CA GLU A 45 6.18 9.59 7.60
C GLU A 45 6.68 9.81 6.17
N ASN A 46 7.50 8.90 5.63
CA ASN A 46 7.96 9.01 4.24
C ASN A 46 7.01 8.24 3.33
N LEU A 47 5.88 8.87 3.01
CA LEU A 47 4.90 8.31 2.07
C LEU A 47 5.55 8.01 0.72
N ASP A 48 6.43 8.89 0.23
CA ASP A 48 7.10 8.72 -1.06
C ASP A 48 7.78 7.35 -1.14
N SER A 49 8.38 6.88 -0.03
CA SER A 49 8.94 5.54 0.03
C SER A 49 7.90 4.46 -0.26
N VAL A 50 6.71 4.53 0.35
CA VAL A 50 5.66 3.57 0.13
C VAL A 50 5.18 3.64 -1.32
N LEU A 51 4.88 4.84 -1.83
CA LEU A 51 4.32 5.02 -3.17
C LEU A 51 5.25 4.42 -4.22
N LYS A 52 6.55 4.68 -4.07
CA LYS A 52 7.60 4.13 -4.91
C LYS A 52 7.73 2.63 -4.73
N LYS A 53 7.72 2.12 -3.49
CA LYS A 53 7.77 0.67 -3.24
C LYS A 53 6.59 -0.06 -3.89
N LEU A 54 5.41 0.55 -3.93
CA LEU A 54 4.23 0.01 -4.58
C LEU A 54 4.44 -0.03 -6.09
N GLU A 55 4.92 1.06 -6.68
CA GLU A 55 5.19 1.18 -8.09
C GLU A 55 6.19 0.10 -8.53
N GLU A 56 7.24 -0.10 -7.72
CA GLU A 56 8.29 -1.08 -7.94
C GLU A 56 7.80 -2.53 -8.00
N ILE A 57 6.67 -2.88 -7.38
CA ILE A 57 6.14 -4.24 -7.42
C ILE A 57 5.15 -4.40 -8.58
N ASP A 58 5.18 -3.50 -9.57
CA ASP A 58 4.32 -3.33 -10.75
C ASP A 58 2.96 -2.71 -10.38
N TYR A 59 2.76 -2.17 -9.16
CA TYR A 59 1.45 -1.75 -8.67
C TYR A 59 1.42 -0.22 -8.46
N PRO A 60 1.32 0.59 -9.52
CA PRO A 60 1.27 2.03 -9.37
C PRO A 60 -0.06 2.41 -8.71
N VAL A 61 0.03 3.08 -7.56
CA VAL A 61 -1.12 3.62 -6.83
C VAL A 61 -1.77 4.70 -7.70
N GLU A 62 -3.09 4.81 -7.73
CA GLU A 62 -3.76 5.94 -8.40
C GLU A 62 -3.53 7.21 -7.56
N SER A 63 -4.14 7.27 -6.37
CA SER A 63 -4.09 8.40 -5.44
C SER A 63 -4.14 7.89 -4.00
N TYR A 64 -4.11 8.81 -3.05
CA TYR A 64 -4.00 8.59 -1.61
C TYR A 64 -4.79 9.70 -0.89
N GLN A 65 -4.93 9.60 0.44
CA GLN A 65 -5.55 10.60 1.29
C GLN A 65 -4.84 10.56 2.65
N GLU A 66 -4.61 11.70 3.28
CA GLU A 66 -3.99 11.87 4.58
C GLU A 66 -5.00 11.55 5.70
N VAL A 67 -4.55 10.85 6.75
CA VAL A 67 -5.29 10.52 7.96
C VAL A 67 -4.38 10.25 9.17
N MET A 1 1.62 9.62 10.61
CA MET A 1 0.55 9.85 9.62
C MET A 1 0.24 8.52 8.97
N ARG A 2 -0.97 8.35 8.42
CA ARG A 2 -1.26 7.21 7.56
C ARG A 2 -1.90 7.70 6.26
N TYR A 3 -1.93 6.84 5.24
CA TYR A 3 -2.27 7.24 3.89
C TYR A 3 -3.10 6.15 3.22
N VAL A 4 -4.36 6.43 2.87
CA VAL A 4 -5.27 5.51 2.17
C VAL A 4 -4.92 5.49 0.68
N LEU A 5 -3.98 4.63 0.28
CA LEU A 5 -3.59 4.47 -1.12
C LEU A 5 -4.63 3.61 -1.84
N TYR A 6 -5.19 4.12 -2.93
CA TYR A 6 -5.97 3.35 -3.89
C TYR A 6 -5.01 2.62 -4.82
N VAL A 7 -4.92 1.29 -4.64
CA VAL A 7 -4.06 0.40 -5.40
C VAL A 7 -5.01 -0.60 -6.08
N PRO A 8 -5.57 -0.27 -7.26
CA PRO A 8 -6.64 -1.04 -7.87
C PRO A 8 -6.24 -2.50 -8.14
N ASP A 9 -4.95 -2.74 -8.39
CA ASP A 9 -4.34 -4.05 -8.64
C ASP A 9 -4.56 -5.04 -7.51
N ILE A 10 -5.00 -4.61 -6.32
CA ILE A 10 -5.26 -5.49 -5.19
C ILE A 10 -6.56 -6.30 -5.39
N SER A 11 -7.20 -6.20 -6.55
CA SER A 11 -8.46 -6.83 -6.86
C SER A 11 -8.43 -8.37 -6.83
N CYS A 12 -7.28 -9.00 -6.55
CA CYS A 12 -7.21 -10.43 -6.24
C CYS A 12 -6.60 -10.62 -4.85
N ASN A 13 -7.02 -11.67 -4.14
CA ASN A 13 -6.64 -11.89 -2.75
C ASN A 13 -5.12 -12.08 -2.63
N HIS A 14 -4.46 -12.78 -3.56
CA HIS A 14 -3.00 -12.94 -3.55
C HIS A 14 -2.27 -11.60 -3.71
N CYS A 15 -2.89 -10.65 -4.41
CA CYS A 15 -2.32 -9.35 -4.69
C CYS A 15 -2.10 -8.61 -3.37
N LYS A 16 -2.96 -8.85 -2.37
CA LYS A 16 -2.83 -8.26 -1.05
C LYS A 16 -1.46 -8.59 -0.46
N MET A 17 -1.05 -9.86 -0.47
CA MET A 17 0.26 -10.29 -0.02
C MET A 17 1.42 -9.69 -0.83
N ARG A 18 1.21 -9.23 -2.07
CA ARG A 18 2.28 -8.54 -2.82
C ARG A 18 2.64 -7.26 -2.08
N ILE A 19 1.65 -6.59 -1.47
CA ILE A 19 1.86 -5.41 -0.67
C ILE A 19 2.48 -5.84 0.64
N SER A 20 1.84 -6.66 1.48
CA SER A 20 2.33 -6.86 2.84
C SER A 20 3.77 -7.34 2.86
N LYS A 21 4.12 -8.31 2.00
CA LYS A 21 5.49 -8.83 1.96
C LYS A 21 6.49 -7.72 1.61
N ALA A 22 6.13 -6.78 0.72
CA ALA A 22 6.97 -5.62 0.42
C ALA A 22 6.98 -4.60 1.56
N LEU A 23 5.86 -4.43 2.27
CA LEU A 23 5.70 -3.45 3.32
C LEU A 23 6.54 -3.82 4.54
N GLU A 24 6.54 -5.08 4.94
CA GLU A 24 7.33 -5.57 6.06
C GLU A 24 8.81 -5.25 5.82
N GLU A 25 9.28 -5.39 4.58
CA GLU A 25 10.64 -5.07 4.19
C GLU A 25 10.87 -3.57 4.28
N LEU A 26 9.93 -2.77 3.75
CA LEU A 26 9.92 -1.32 3.79
C LEU A 26 9.97 -0.78 5.22
N GLY A 27 9.61 -1.60 6.21
CA GLY A 27 9.61 -1.21 7.61
C GLY A 27 8.48 -0.23 7.88
N VAL A 28 7.29 -0.50 7.34
CA VAL A 28 6.05 -0.05 7.97
C VAL A 28 5.93 -0.75 9.33
N LYS A 29 5.03 -0.28 10.20
CA LYS A 29 4.57 -1.10 11.32
C LYS A 29 3.07 -1.05 11.56
N ASN A 30 2.31 -0.25 10.81
CA ASN A 30 0.86 -0.22 10.89
C ASN A 30 0.36 -0.08 9.46
N TYR A 31 -0.40 -1.05 8.98
CA TYR A 31 -0.99 -1.05 7.66
C TYR A 31 -2.31 -1.79 7.68
N GLU A 32 -3.10 -1.54 6.64
CA GLU A 32 -4.48 -1.99 6.57
C GLU A 32 -4.89 -2.11 5.10
N VAL A 33 -4.68 -3.28 4.51
CA VAL A 33 -5.08 -3.59 3.15
C VAL A 33 -6.42 -4.28 3.11
N SER A 34 -7.20 -3.99 2.07
CA SER A 34 -8.57 -4.38 1.86
C SER A 34 -8.70 -4.71 0.37
N VAL A 35 -9.11 -5.93 0.05
CA VAL A 35 -9.15 -6.49 -1.31
C VAL A 35 -10.46 -6.15 -2.01
N GLU A 36 -11.57 -6.12 -1.27
CA GLU A 36 -12.81 -5.63 -1.81
C GLU A 36 -12.62 -4.15 -2.16
N GLU A 37 -12.08 -3.37 -1.21
CA GLU A 37 -11.93 -1.93 -1.41
C GLU A 37 -10.74 -1.58 -2.31
N LYS A 38 -9.85 -2.54 -2.62
CA LYS A 38 -8.57 -2.34 -3.31
C LYS A 38 -7.77 -1.17 -2.72
N LYS A 39 -7.66 -1.11 -1.40
CA LYS A 39 -7.00 0.00 -0.72
C LYS A 39 -5.99 -0.51 0.28
N VAL A 40 -4.99 0.31 0.55
CA VAL A 40 -3.82 0.06 1.37
C VAL A 40 -3.73 1.29 2.25
N VAL A 41 -4.06 1.17 3.53
CA VAL A 41 -3.52 2.15 4.47
C VAL A 41 -2.11 1.68 4.80
N VAL A 42 -1.16 2.60 4.93
CA VAL A 42 0.10 2.40 5.64
C VAL A 42 0.29 3.60 6.54
N GLU A 43 1.01 3.39 7.63
CA GLU A 43 1.27 4.35 8.68
C GLU A 43 2.78 4.47 8.79
N THR A 44 3.33 5.57 8.29
CA THR A 44 4.76 5.85 8.28
C THR A 44 4.95 7.37 8.34
N GLU A 45 6.15 7.80 8.71
CA GLU A 45 6.59 9.17 8.63
C GLU A 45 6.75 9.62 7.16
N ASN A 46 7.03 8.70 6.22
CA ASN A 46 7.61 9.06 4.92
C ASN A 46 6.87 8.40 3.76
N LEU A 47 5.81 9.03 3.26
CA LEU A 47 4.98 8.48 2.19
C LEU A 47 5.80 8.19 0.92
N ASP A 48 6.74 9.05 0.54
CA ASP A 48 7.51 8.89 -0.71
C ASP A 48 8.15 7.50 -0.82
N SER A 49 8.72 6.99 0.28
CA SER A 49 9.31 5.66 0.32
C SER A 49 8.27 4.60 -0.05
N VAL A 50 7.04 4.74 0.46
CA VAL A 50 5.92 3.86 0.15
C VAL A 50 5.58 3.94 -1.34
N LEU A 51 5.35 5.14 -1.90
CA LEU A 51 4.85 5.30 -3.26
C LEU A 51 5.80 4.64 -4.24
N LYS A 52 7.10 4.87 -4.07
CA LYS A 52 8.13 4.23 -4.86
C LYS A 52 8.02 2.71 -4.71
N LYS A 53 7.94 2.22 -3.47
CA LYS A 53 7.89 0.80 -3.21
C LYS A 53 6.63 0.14 -3.76
N LEU A 54 5.50 0.85 -3.91
CA LEU A 54 4.32 0.35 -4.62
C LEU A 54 4.61 0.22 -6.12
N GLU A 55 5.18 1.26 -6.71
CA GLU A 55 5.48 1.29 -8.13
C GLU A 55 6.48 0.17 -8.47
N GLU A 56 7.42 -0.11 -7.57
CA GLU A 56 8.44 -1.15 -7.62
C GLU A 56 7.87 -2.56 -7.35
N ILE A 57 6.57 -2.69 -7.10
CA ILE A 57 5.85 -3.96 -7.19
C ILE A 57 4.86 -3.92 -8.36
N ASP A 58 5.07 -3.02 -9.32
CA ASP A 58 4.31 -2.90 -10.56
C ASP A 58 2.88 -2.39 -10.31
N TYR A 59 2.58 -1.90 -9.09
CA TYR A 59 1.25 -1.49 -8.67
C TYR A 59 1.24 0.02 -8.37
N PRO A 60 1.23 0.89 -9.38
CA PRO A 60 1.27 2.34 -9.19
C PRO A 60 -0.03 2.83 -8.54
N VAL A 61 0.11 3.69 -7.54
CA VAL A 61 -1.03 4.21 -6.78
C VAL A 61 -1.88 5.11 -7.67
N GLU A 62 -3.19 4.86 -7.78
CA GLU A 62 -4.11 5.74 -8.52
C GLU A 62 -4.26 7.06 -7.75
N SER A 63 -4.72 7.01 -6.50
CA SER A 63 -4.88 8.15 -5.62
C SER A 63 -4.41 7.77 -4.22
N TYR A 64 -4.14 8.74 -3.37
CA TYR A 64 -3.88 8.55 -1.94
C TYR A 64 -4.69 9.59 -1.17
N GLN A 65 -4.72 9.47 0.16
CA GLN A 65 -5.50 10.31 1.06
C GLN A 65 -4.79 10.28 2.40
N GLU A 66 -4.44 11.44 2.95
CA GLU A 66 -3.99 11.55 4.33
C GLU A 66 -5.14 11.17 5.26
N VAL A 67 -4.88 10.37 6.29
CA VAL A 67 -5.87 9.98 7.29
C VAL A 67 -5.13 9.82 8.63
N MET A 1 2.40 10.16 9.65
CA MET A 1 0.93 10.26 9.66
C MET A 1 0.39 8.89 9.29
N ARG A 2 -0.90 8.75 8.93
CA ARG A 2 -1.30 7.65 8.07
C ARG A 2 -1.91 8.18 6.77
N TYR A 3 -1.94 7.31 5.78
CA TYR A 3 -2.35 7.61 4.42
C TYR A 3 -2.93 6.35 3.84
N VAL A 4 -4.10 6.59 3.32
CA VAL A 4 -4.87 5.73 2.49
C VAL A 4 -4.45 5.89 1.04
N LEU A 5 -4.15 4.78 0.39
CA LEU A 5 -3.75 4.70 -0.99
C LEU A 5 -4.80 3.88 -1.74
N TYR A 6 -5.06 4.24 -3.00
CA TYR A 6 -6.00 3.54 -3.86
C TYR A 6 -5.19 2.67 -4.83
N VAL A 7 -5.14 1.38 -4.52
CA VAL A 7 -4.37 0.37 -5.24
C VAL A 7 -5.37 -0.61 -5.90
N PRO A 8 -5.89 -0.31 -7.10
CA PRO A 8 -6.84 -1.17 -7.81
C PRO A 8 -6.31 -2.58 -8.09
N ASP A 9 -4.98 -2.77 -8.10
CA ASP A 9 -4.33 -4.04 -8.39
C ASP A 9 -4.65 -5.12 -7.37
N ILE A 10 -5.21 -4.76 -6.20
CA ILE A 10 -5.49 -5.72 -5.14
C ILE A 10 -6.68 -6.63 -5.51
N SER A 11 -7.28 -6.50 -6.71
CA SER A 11 -8.48 -7.24 -7.12
C SER A 11 -8.34 -8.77 -7.07
N CYS A 12 -7.15 -9.35 -6.84
CA CYS A 12 -7.00 -10.75 -6.46
C CYS A 12 -6.36 -10.88 -5.07
N ASN A 13 -6.62 -12.00 -4.39
CA ASN A 13 -6.14 -12.26 -3.04
C ASN A 13 -4.61 -12.38 -3.01
N HIS A 14 -4.00 -12.87 -4.09
CA HIS A 14 -2.55 -12.89 -4.23
C HIS A 14 -2.00 -11.47 -4.17
N CYS A 15 -2.70 -10.51 -4.78
CA CYS A 15 -2.25 -9.15 -4.87
C CYS A 15 -2.15 -8.52 -3.49
N LYS A 16 -3.06 -8.81 -2.54
CA LYS A 16 -2.96 -8.34 -1.16
C LYS A 16 -1.60 -8.68 -0.55
N MET A 17 -1.06 -9.87 -0.84
CA MET A 17 0.26 -10.27 -0.38
C MET A 17 1.36 -9.38 -0.98
N ARG A 18 1.29 -9.00 -2.27
CA ARG A 18 2.40 -8.29 -2.91
C ARG A 18 2.72 -6.99 -2.19
N ILE A 19 1.69 -6.24 -1.81
CA ILE A 19 1.82 -5.04 -0.99
C ILE A 19 2.47 -5.43 0.32
N SER A 20 1.78 -6.20 1.17
CA SER A 20 2.19 -6.47 2.53
C SER A 20 3.62 -7.01 2.61
N LYS A 21 3.97 -7.99 1.76
CA LYS A 21 5.26 -8.64 1.78
C LYS A 21 6.39 -7.70 1.32
N ALA A 22 6.05 -6.53 0.75
CA ALA A 22 6.96 -5.41 0.54
C ALA A 22 6.99 -4.50 1.76
N LEU A 23 5.81 -4.19 2.33
CA LEU A 23 5.64 -3.24 3.43
C LEU A 23 6.40 -3.70 4.66
N GLU A 24 6.29 -4.97 5.00
CA GLU A 24 6.94 -5.56 6.17
C GLU A 24 8.45 -5.32 6.09
N GLU A 25 9.04 -5.51 4.92
CA GLU A 25 10.48 -5.29 4.69
C GLU A 25 10.82 -3.80 4.63
N LEU A 26 9.85 -2.94 4.37
CA LEU A 26 9.97 -1.46 4.27
C LEU A 26 10.20 -0.82 5.63
N GLY A 27 10.09 -1.57 6.74
CA GLY A 27 10.25 -1.00 8.07
C GLY A 27 9.00 -0.27 8.53
N VAL A 28 7.82 -0.68 8.03
CA VAL A 28 6.51 -0.26 8.53
C VAL A 28 6.28 -0.83 9.93
N LYS A 29 5.28 -0.31 10.65
CA LYS A 29 4.70 -1.01 11.80
C LYS A 29 3.17 -1.09 11.79
N ASN A 30 2.47 -0.29 10.99
CA ASN A 30 1.02 -0.26 10.98
C ASN A 30 0.59 -0.05 9.55
N TYR A 31 -0.20 -0.97 9.03
CA TYR A 31 -0.76 -0.89 7.70
C TYR A 31 -2.03 -1.74 7.62
N GLU A 32 -2.76 -1.62 6.52
CA GLU A 32 -3.91 -2.47 6.16
C GLU A 32 -3.97 -2.62 4.65
N VAL A 33 -4.61 -3.67 4.14
CA VAL A 33 -4.84 -3.94 2.71
C VAL A 33 -6.18 -4.69 2.60
N SER A 34 -7.05 -4.33 1.65
CA SER A 34 -8.33 -5.01 1.46
C SER A 34 -8.63 -5.20 -0.03
N VAL A 35 -9.04 -6.41 -0.39
CA VAL A 35 -9.37 -6.84 -1.75
C VAL A 35 -10.68 -6.21 -2.26
N GLU A 36 -11.74 -6.19 -1.45
CA GLU A 36 -12.99 -5.53 -1.84
C GLU A 36 -12.74 -4.06 -2.08
N GLU A 37 -12.06 -3.43 -1.12
CA GLU A 37 -11.95 -1.97 -1.08
C GLU A 37 -10.86 -1.45 -2.02
N LYS A 38 -9.96 -2.31 -2.51
CA LYS A 38 -8.80 -1.92 -3.31
C LYS A 38 -8.05 -0.75 -2.68
N LYS A 39 -7.96 -0.77 -1.35
CA LYS A 39 -7.35 0.29 -0.57
C LYS A 39 -6.27 -0.32 0.28
N VAL A 40 -5.28 0.51 0.58
CA VAL A 40 -4.21 0.25 1.51
C VAL A 40 -4.21 1.41 2.49
N VAL A 41 -3.71 1.18 3.69
CA VAL A 41 -3.31 2.22 4.61
C VAL A 41 -1.88 1.92 5.01
N VAL A 42 -1.08 2.94 5.25
CA VAL A 42 0.21 2.86 5.90
C VAL A 42 0.28 3.97 6.94
N GLU A 43 0.82 3.66 8.12
CA GLU A 43 1.11 4.61 9.18
C GLU A 43 2.64 4.80 9.22
N THR A 44 3.15 5.74 8.43
CA THR A 44 4.56 6.09 8.37
C THR A 44 4.72 7.60 8.16
N GLU A 45 5.92 8.11 8.40
CA GLU A 45 6.28 9.49 8.09
C GLU A 45 6.54 9.65 6.59
N ASN A 46 7.35 8.76 5.99
CA ASN A 46 7.84 8.96 4.62
C ASN A 46 7.01 8.17 3.62
N LEU A 47 5.87 8.75 3.25
CA LEU A 47 4.92 8.19 2.31
C LEU A 47 5.57 7.86 0.96
N ASP A 48 6.46 8.70 0.44
CA ASP A 48 7.06 8.47 -0.88
C ASP A 48 7.80 7.13 -0.93
N SER A 49 8.47 6.72 0.16
CA SER A 49 9.14 5.43 0.25
C SER A 49 8.14 4.28 0.01
N VAL A 50 6.91 4.42 0.51
CA VAL A 50 5.82 3.48 0.32
C VAL A 50 5.33 3.52 -1.12
N LEU A 51 5.00 4.71 -1.64
CA LEU A 51 4.44 4.87 -2.98
C LEU A 51 5.41 4.31 -4.01
N LYS A 52 6.70 4.58 -3.85
CA LYS A 52 7.74 4.05 -4.71
C LYS A 52 7.79 2.54 -4.60
N LYS A 53 7.77 1.96 -3.38
CA LYS A 53 7.75 0.51 -3.24
C LYS A 53 6.58 -0.07 -4.01
N LEU A 54 5.39 0.55 -3.96
CA LEU A 54 4.21 0.07 -4.67
C LEU A 54 4.45 0.09 -6.18
N GLU A 55 4.91 1.22 -6.70
CA GLU A 55 5.17 1.37 -8.12
C GLU A 55 6.26 0.37 -8.58
N GLU A 56 7.24 0.09 -7.71
CA GLU A 56 8.34 -0.85 -7.89
C GLU A 56 7.95 -2.33 -7.71
N ILE A 57 6.73 -2.65 -7.29
CA ILE A 57 6.20 -4.02 -7.34
C ILE A 57 5.25 -4.18 -8.53
N ASP A 58 5.20 -3.21 -9.45
CA ASP A 58 4.32 -3.11 -10.63
C ASP A 58 2.89 -2.70 -10.26
N TYR A 59 2.66 -2.10 -9.08
CA TYR A 59 1.31 -1.80 -8.60
C TYR A 59 1.15 -0.28 -8.53
N PRO A 60 0.91 0.41 -9.65
CA PRO A 60 0.81 1.85 -9.68
C PRO A 60 -0.45 2.31 -8.94
N VAL A 61 -0.26 3.13 -7.92
CA VAL A 61 -1.31 3.71 -7.09
C VAL A 61 -2.03 4.79 -7.90
N GLU A 62 -3.38 4.80 -7.92
CA GLU A 62 -4.15 5.83 -8.61
C GLU A 62 -4.04 7.16 -7.86
N SER A 63 -4.36 7.19 -6.56
CA SER A 63 -4.17 8.36 -5.69
C SER A 63 -4.00 7.92 -4.24
N TYR A 64 -3.68 8.88 -3.37
CA TYR A 64 -3.59 8.74 -1.93
C TYR A 64 -4.13 10.02 -1.28
N GLN A 65 -4.34 10.00 0.04
CA GLN A 65 -4.74 11.12 0.86
C GLN A 65 -4.39 10.75 2.31
N GLU A 66 -4.18 11.73 3.16
CA GLU A 66 -4.01 11.60 4.60
C GLU A 66 -5.32 11.19 5.27
N VAL A 67 -5.23 10.50 6.41
CA VAL A 67 -6.37 10.05 7.21
C VAL A 67 -5.91 9.82 8.64
N MET A 1 1.46 9.92 11.44
CA MET A 1 0.94 10.20 10.09
C MET A 1 0.45 8.91 9.47
N ARG A 2 -0.70 8.93 8.79
CA ARG A 2 -1.15 7.80 7.99
C ARG A 2 -1.77 8.34 6.71
N TYR A 3 -1.85 7.48 5.69
CA TYR A 3 -2.32 7.85 4.38
C TYR A 3 -3.14 6.68 3.84
N VAL A 4 -4.20 6.97 3.09
CA VAL A 4 -5.10 6.02 2.49
C VAL A 4 -4.79 6.01 1.01
N LEU A 5 -4.36 4.87 0.49
CA LEU A 5 -3.90 4.68 -0.89
C LEU A 5 -4.94 3.80 -1.56
N TYR A 6 -5.23 4.08 -2.82
CA TYR A 6 -6.16 3.31 -3.63
C TYR A 6 -5.35 2.48 -4.61
N VAL A 7 -5.20 1.19 -4.32
CA VAL A 7 -4.45 0.25 -5.12
C VAL A 7 -5.44 -0.73 -5.76
N PRO A 8 -6.02 -0.40 -6.94
CA PRO A 8 -6.97 -1.29 -7.60
C PRO A 8 -6.36 -2.64 -7.98
N ASP A 9 -5.04 -2.73 -8.06
CA ASP A 9 -4.29 -3.94 -8.38
C ASP A 9 -4.47 -5.02 -7.32
N ILE A 10 -5.07 -4.72 -6.17
CA ILE A 10 -5.43 -5.72 -5.17
C ILE A 10 -6.60 -6.60 -5.66
N SER A 11 -7.06 -6.49 -6.91
CA SER A 11 -8.16 -7.26 -7.51
C SER A 11 -7.94 -8.78 -7.55
N CYS A 12 -6.85 -9.31 -7.01
CA CYS A 12 -6.76 -10.73 -6.64
C CYS A 12 -6.22 -10.87 -5.21
N ASN A 13 -6.57 -11.96 -4.52
CA ASN A 13 -6.08 -12.28 -3.16
C ASN A 13 -4.56 -12.29 -3.10
N HIS A 14 -3.90 -12.86 -4.10
CA HIS A 14 -2.43 -12.90 -4.16
C HIS A 14 -1.83 -11.49 -4.18
N CYS A 15 -2.60 -10.49 -4.63
CA CYS A 15 -2.19 -9.10 -4.68
C CYS A 15 -2.18 -8.44 -3.30
N LYS A 16 -3.06 -8.86 -2.38
CA LYS A 16 -3.01 -8.42 -0.98
C LYS A 16 -1.65 -8.77 -0.39
N MET A 17 -1.19 -10.02 -0.57
CA MET A 17 0.16 -10.43 -0.22
C MET A 17 1.22 -9.53 -0.83
N ARG A 18 1.18 -9.29 -2.15
CA ARG A 18 2.29 -8.63 -2.86
C ARG A 18 2.66 -7.31 -2.20
N ILE A 19 1.65 -6.47 -1.95
CA ILE A 19 1.84 -5.19 -1.28
C ILE A 19 2.50 -5.42 0.08
N SER A 20 1.84 -6.15 0.96
CA SER A 20 2.30 -6.29 2.33
C SER A 20 3.68 -6.87 2.41
N LYS A 21 4.00 -7.83 1.55
CA LYS A 21 5.27 -8.51 1.63
C LYS A 21 6.39 -7.47 1.53
N ALA A 22 6.23 -6.51 0.62
CA ALA A 22 7.16 -5.41 0.44
C ALA A 22 6.98 -4.31 1.51
N LEU A 23 5.77 -4.06 2.01
CA LEU A 23 5.50 -3.09 3.08
C LEU A 23 6.21 -3.49 4.36
N GLU A 24 6.09 -4.75 4.76
CA GLU A 24 6.70 -5.32 5.95
C GLU A 24 8.21 -5.09 5.92
N GLU A 25 8.88 -5.39 4.80
CA GLU A 25 10.32 -5.18 4.69
C GLU A 25 10.66 -3.70 4.60
N LEU A 26 9.70 -2.84 4.27
CA LEU A 26 9.82 -1.38 4.33
C LEU A 26 10.01 -0.88 5.77
N GLY A 27 9.89 -1.77 6.76
CA GLY A 27 9.94 -1.41 8.16
C GLY A 27 8.67 -0.64 8.53
N VAL A 28 7.55 -0.91 7.86
CA VAL A 28 6.26 -0.44 8.32
C VAL A 28 5.97 -1.15 9.64
N LYS A 29 5.25 -0.49 10.54
CA LYS A 29 4.65 -1.12 11.72
C LYS A 29 3.13 -1.15 11.62
N ASN A 30 2.51 -0.31 10.81
CA ASN A 30 1.07 -0.10 10.86
C ASN A 30 0.61 0.16 9.45
N TYR A 31 -0.22 -0.75 8.93
CA TYR A 31 -0.73 -0.70 7.59
C TYR A 31 -1.98 -1.57 7.51
N GLU A 32 -2.66 -1.54 6.37
CA GLU A 32 -3.89 -2.29 6.15
C GLU A 32 -4.06 -2.52 4.64
N VAL A 33 -4.71 -3.60 4.20
CA VAL A 33 -4.93 -3.94 2.78
C VAL A 33 -6.28 -4.67 2.63
N SER A 34 -7.07 -4.39 1.59
CA SER A 34 -8.35 -5.06 1.31
C SER A 34 -8.56 -5.33 -0.18
N VAL A 35 -8.92 -6.57 -0.55
CA VAL A 35 -9.32 -6.98 -1.90
C VAL A 35 -10.69 -6.41 -2.28
N GLU A 36 -11.66 -6.49 -1.36
CA GLU A 36 -12.99 -5.91 -1.54
C GLU A 36 -12.85 -4.44 -1.87
N GLU A 37 -12.13 -3.74 -0.99
CA GLU A 37 -12.12 -2.28 -0.99
C GLU A 37 -11.05 -1.71 -1.93
N LYS A 38 -10.10 -2.52 -2.44
CA LYS A 38 -9.00 -2.10 -3.32
C LYS A 38 -8.16 -0.98 -2.68
N LYS A 39 -8.06 -0.96 -1.36
CA LYS A 39 -7.43 0.11 -0.62
C LYS A 39 -6.32 -0.42 0.25
N VAL A 40 -5.39 0.47 0.60
CA VAL A 40 -4.34 0.27 1.57
C VAL A 40 -4.41 1.43 2.57
N VAL A 41 -3.80 1.26 3.73
CA VAL A 41 -3.28 2.35 4.55
C VAL A 41 -1.81 2.01 4.80
N VAL A 42 -0.93 3.00 4.82
CA VAL A 42 0.28 2.92 5.65
C VAL A 42 0.26 4.03 6.69
N GLU A 43 0.91 3.76 7.82
CA GLU A 43 1.19 4.72 8.89
C GLU A 43 2.71 4.86 8.97
N THR A 44 3.29 5.88 8.32
CA THR A 44 4.71 6.21 8.42
C THR A 44 4.85 7.71 8.16
N GLU A 45 5.97 8.34 8.52
CA GLU A 45 6.33 9.63 7.94
C GLU A 45 6.71 9.49 6.46
N ASN A 46 7.39 8.40 6.08
CA ASN A 46 8.22 8.40 4.89
C ASN A 46 7.46 7.84 3.70
N LEU A 47 6.30 8.42 3.45
CA LEU A 47 5.31 7.97 2.47
C LEU A 47 5.92 7.79 1.08
N ASP A 48 6.84 8.65 0.66
CA ASP A 48 7.39 8.57 -0.69
C ASP A 48 8.07 7.23 -0.92
N SER A 49 8.72 6.70 0.12
CA SER A 49 9.34 5.38 0.13
C SER A 49 8.30 4.27 -0.07
N VAL A 50 7.09 4.45 0.50
CA VAL A 50 5.98 3.54 0.33
C VAL A 50 5.50 3.61 -1.12
N LEU A 51 5.20 4.80 -1.63
CA LEU A 51 4.69 4.98 -2.99
C LEU A 51 5.67 4.39 -4.00
N LYS A 52 6.97 4.63 -3.77
CA LYS A 52 8.08 4.05 -4.47
C LYS A 52 7.98 2.55 -4.46
N LYS A 53 7.91 1.94 -3.27
CA LYS A 53 7.82 0.49 -3.15
C LYS A 53 6.63 -0.04 -3.94
N LEU A 54 5.48 0.64 -3.85
CA LEU A 54 4.24 0.19 -4.49
C LEU A 54 4.43 0.19 -5.99
N GLU A 55 4.97 1.27 -6.55
CA GLU A 55 5.16 1.42 -7.98
C GLU A 55 6.21 0.41 -8.46
N GLU A 56 7.28 0.21 -7.68
CA GLU A 56 8.35 -0.76 -7.89
C GLU A 56 7.90 -2.23 -7.75
N ILE A 57 6.68 -2.49 -7.26
CA ILE A 57 6.08 -3.83 -7.29
C ILE A 57 4.99 -3.91 -8.36
N ASP A 58 5.01 -3.04 -9.38
CA ASP A 58 4.12 -3.08 -10.55
C ASP A 58 2.72 -2.59 -10.22
N TYR A 59 2.50 -2.02 -9.03
CA TYR A 59 1.18 -1.67 -8.53
C TYR A 59 1.15 -0.14 -8.41
N PRO A 60 0.85 0.61 -9.49
CA PRO A 60 0.73 2.06 -9.44
C PRO A 60 -0.53 2.46 -8.66
N VAL A 61 -0.37 3.17 -7.54
CA VAL A 61 -1.50 3.67 -6.76
C VAL A 61 -2.31 4.61 -7.68
N GLU A 62 -3.64 4.55 -7.64
CA GLU A 62 -4.50 5.46 -8.37
C GLU A 62 -4.38 6.84 -7.71
N SER A 63 -4.68 6.91 -6.42
CA SER A 63 -4.51 8.10 -5.60
C SER A 63 -4.18 7.71 -4.17
N TYR A 64 -3.60 8.65 -3.43
CA TYR A 64 -3.50 8.59 -1.98
C TYR A 64 -3.94 9.93 -1.43
N GLN A 65 -4.01 10.03 -0.10
CA GLN A 65 -4.29 11.24 0.65
C GLN A 65 -4.08 10.90 2.12
N GLU A 66 -3.88 11.90 2.95
CA GLU A 66 -3.84 11.83 4.40
C GLU A 66 -5.19 11.37 4.95
N VAL A 67 -5.15 10.81 6.16
CA VAL A 67 -6.28 10.38 6.94
C VAL A 67 -5.95 10.61 8.41
N MET A 1 2.24 9.97 9.52
CA MET A 1 0.77 10.03 9.46
C MET A 1 0.29 8.61 9.19
N ARG A 2 -1.00 8.41 8.91
CA ARG A 2 -1.42 7.31 8.06
C ARG A 2 -2.10 7.88 6.82
N TYR A 3 -2.12 7.07 5.77
CA TYR A 3 -2.49 7.49 4.43
C TYR A 3 -3.17 6.31 3.76
N VAL A 4 -4.36 6.49 3.20
CA VAL A 4 -5.10 5.47 2.48
C VAL A 4 -4.90 5.67 0.98
N LEU A 5 -4.10 4.78 0.41
CA LEU A 5 -3.75 4.67 -1.00
C LEU A 5 -4.91 4.03 -1.75
N TYR A 6 -4.92 4.14 -3.07
CA TYR A 6 -5.94 3.55 -3.95
C TYR A 6 -5.23 2.75 -5.04
N VAL A 7 -5.16 1.42 -4.87
CA VAL A 7 -4.33 0.51 -5.64
C VAL A 7 -5.25 -0.46 -6.41
N PRO A 8 -5.72 -0.12 -7.61
CA PRO A 8 -6.60 -0.98 -8.39
C PRO A 8 -6.18 -2.45 -8.58
N ASP A 9 -4.89 -2.80 -8.52
CA ASP A 9 -4.46 -4.19 -8.74
C ASP A 9 -4.75 -5.09 -7.53
N ILE A 10 -5.19 -4.55 -6.39
CA ILE A 10 -5.62 -5.35 -5.25
C ILE A 10 -7.05 -5.90 -5.50
N SER A 11 -7.40 -6.25 -6.74
CA SER A 11 -8.65 -6.95 -7.04
C SER A 11 -8.68 -8.38 -6.50
N CYS A 12 -7.53 -8.96 -6.11
CA CYS A 12 -7.41 -10.37 -5.73
C CYS A 12 -6.63 -10.52 -4.43
N ASN A 13 -6.81 -11.63 -3.72
CA ASN A 13 -6.28 -11.74 -2.36
C ASN A 13 -4.79 -12.08 -2.34
N HIS A 14 -4.32 -12.96 -3.22
CA HIS A 14 -2.88 -13.17 -3.40
C HIS A 14 -2.16 -11.90 -3.86
N CYS A 15 -2.88 -10.97 -4.51
CA CYS A 15 -2.29 -9.69 -4.79
C CYS A 15 -1.98 -8.97 -3.48
N LYS A 16 -2.81 -9.07 -2.44
CA LYS A 16 -2.64 -8.30 -1.20
C LYS A 16 -1.28 -8.58 -0.56
N MET A 17 -0.87 -9.85 -0.58
CA MET A 17 0.45 -10.28 -0.14
C MET A 17 1.57 -9.48 -0.80
N ARG A 18 1.42 -9.09 -2.08
CA ARG A 18 2.43 -8.38 -2.84
C ARG A 18 2.77 -7.08 -2.11
N ILE A 19 1.75 -6.36 -1.63
CA ILE A 19 1.95 -5.13 -0.91
C ILE A 19 2.60 -5.48 0.43
N SER A 20 1.91 -6.23 1.29
CA SER A 20 2.31 -6.36 2.67
C SER A 20 3.73 -6.90 2.80
N LYS A 21 4.10 -7.89 2.00
CA LYS A 21 5.43 -8.48 2.06
C LYS A 21 6.48 -7.39 1.79
N ALA A 22 6.29 -6.61 0.72
CA ALA A 22 7.14 -5.48 0.38
C ALA A 22 7.11 -4.36 1.41
N LEU A 23 6.00 -4.19 2.14
CA LEU A 23 5.88 -3.19 3.20
C LEU A 23 6.70 -3.60 4.42
N GLU A 24 6.65 -4.86 4.82
CA GLU A 24 7.43 -5.33 5.97
C GLU A 24 8.92 -5.10 5.73
N GLU A 25 9.40 -5.34 4.51
CA GLU A 25 10.79 -5.12 4.13
C GLU A 25 11.11 -3.62 4.07
N LEU A 26 10.10 -2.76 4.01
CA LEU A 26 10.19 -1.30 4.06
C LEU A 26 10.44 -0.83 5.49
N GLY A 27 10.04 -1.61 6.50
CA GLY A 27 10.11 -1.23 7.90
C GLY A 27 8.87 -0.43 8.34
N VAL A 28 7.70 -0.74 7.79
CA VAL A 28 6.42 -0.31 8.34
C VAL A 28 6.15 -1.05 9.65
N LYS A 29 5.17 -0.60 10.45
CA LYS A 29 4.62 -1.42 11.53
C LYS A 29 3.10 -1.46 11.63
N ASN A 30 2.35 -0.69 10.84
CA ASN A 30 0.90 -0.72 10.86
C ASN A 30 0.45 -0.40 9.45
N TYR A 31 -0.40 -1.24 8.90
CA TYR A 31 -0.97 -1.11 7.57
C TYR A 31 -2.27 -1.90 7.53
N GLU A 32 -3.10 -1.58 6.54
CA GLU A 32 -4.46 -2.12 6.43
C GLU A 32 -4.86 -2.15 4.95
N VAL A 33 -4.74 -3.30 4.32
CA VAL A 33 -5.07 -3.52 2.92
C VAL A 33 -6.41 -4.27 2.80
N SER A 34 -7.36 -3.69 2.06
CA SER A 34 -8.69 -4.23 1.82
C SER A 34 -8.83 -4.53 0.34
N VAL A 35 -9.12 -5.78 0.01
CA VAL A 35 -9.21 -6.29 -1.36
C VAL A 35 -10.57 -5.96 -1.96
N GLU A 36 -11.63 -5.86 -1.14
CA GLU A 36 -12.90 -5.36 -1.65
C GLU A 36 -12.73 -3.91 -2.07
N GLU A 37 -12.15 -3.09 -1.20
CA GLU A 37 -12.11 -1.64 -1.39
C GLU A 37 -10.92 -1.19 -2.27
N LYS A 38 -10.04 -2.12 -2.67
CA LYS A 38 -8.81 -1.88 -3.43
C LYS A 38 -7.94 -0.78 -2.80
N LYS A 39 -7.79 -0.80 -1.47
CA LYS A 39 -7.07 0.23 -0.72
C LYS A 39 -5.99 -0.40 0.12
N VAL A 40 -4.99 0.40 0.47
CA VAL A 40 -4.01 0.12 1.49
C VAL A 40 -3.98 1.36 2.36
N VAL A 41 -4.04 1.21 3.67
CA VAL A 41 -3.55 2.22 4.58
C VAL A 41 -2.14 1.80 4.94
N VAL A 42 -1.22 2.75 5.01
CA VAL A 42 0.06 2.61 5.69
C VAL A 42 0.15 3.71 6.73
N GLU A 43 0.75 3.37 7.87
CA GLU A 43 1.12 4.31 8.91
C GLU A 43 2.65 4.43 8.86
N THR A 44 3.15 5.47 8.18
CA THR A 44 4.55 5.81 8.19
C THR A 44 4.71 7.33 8.11
N GLU A 45 5.94 7.82 8.21
CA GLU A 45 6.26 9.24 8.22
C GLU A 45 6.81 9.67 6.84
N ASN A 46 7.46 8.76 6.09
CA ASN A 46 7.84 9.02 4.71
C ASN A 46 6.96 8.19 3.78
N LEU A 47 5.85 8.79 3.35
CA LEU A 47 4.93 8.17 2.41
C LEU A 47 5.63 7.84 1.09
N ASP A 48 6.53 8.69 0.61
CA ASP A 48 7.07 8.57 -0.74
C ASP A 48 7.92 7.30 -0.91
N SER A 49 8.57 6.84 0.15
CA SER A 49 9.27 5.56 0.18
C SER A 49 8.29 4.40 -0.05
N VAL A 50 7.05 4.53 0.44
CA VAL A 50 5.98 3.57 0.21
C VAL A 50 5.55 3.64 -1.25
N LEU A 51 5.25 4.82 -1.78
CA LEU A 51 4.76 4.97 -3.15
C LEU A 51 5.73 4.42 -4.16
N LYS A 52 7.02 4.66 -3.96
CA LYS A 52 8.03 4.06 -4.80
C LYS A 52 8.03 2.55 -4.63
N LYS A 53 7.92 2.00 -3.42
CA LYS A 53 7.77 0.55 -3.28
C LYS A 53 6.56 0.07 -4.08
N LEU A 54 5.42 0.75 -4.05
CA LEU A 54 4.25 0.31 -4.78
C LEU A 54 4.54 0.25 -6.27
N GLU A 55 5.16 1.28 -6.82
CA GLU A 55 5.49 1.32 -8.23
C GLU A 55 6.65 0.38 -8.58
N GLU A 56 7.54 0.04 -7.64
CA GLU A 56 8.62 -0.92 -7.88
C GLU A 56 8.04 -2.32 -7.96
N ILE A 57 7.08 -2.65 -7.08
CA ILE A 57 6.40 -3.94 -7.06
C ILE A 57 5.35 -4.05 -8.17
N ASP A 58 5.36 -3.12 -9.14
CA ASP A 58 4.58 -3.15 -10.37
C ASP A 58 3.10 -2.79 -10.12
N TYR A 59 2.77 -2.20 -8.96
CA TYR A 59 1.42 -1.86 -8.52
C TYR A 59 1.29 -0.33 -8.41
N PRO A 60 1.18 0.40 -9.53
CA PRO A 60 1.05 1.86 -9.54
C PRO A 60 -0.29 2.28 -8.91
N VAL A 61 -0.22 3.05 -7.83
CA VAL A 61 -1.37 3.63 -7.16
C VAL A 61 -2.06 4.63 -8.10
N GLU A 62 -3.37 4.86 -7.95
CA GLU A 62 -4.09 5.95 -8.61
C GLU A 62 -3.82 7.26 -7.86
N SER A 63 -4.26 7.36 -6.60
CA SER A 63 -3.96 8.45 -5.68
C SER A 63 -4.00 7.94 -4.22
N TYR A 64 -3.75 8.81 -3.25
CA TYR A 64 -3.87 8.55 -1.83
C TYR A 64 -4.54 9.74 -1.14
N GLN A 65 -4.92 9.58 0.13
CA GLN A 65 -5.44 10.64 0.96
C GLN A 65 -4.98 10.36 2.39
N GLU A 66 -4.84 11.41 3.18
CA GLU A 66 -4.55 11.36 4.60
C GLU A 66 -5.75 10.75 5.33
N VAL A 67 -5.52 9.95 6.38
CA VAL A 67 -6.58 9.43 7.24
C VAL A 67 -6.03 9.38 8.66
N MET A 1 2.73 10.11 9.58
CA MET A 1 1.24 10.22 9.54
C MET A 1 0.66 8.87 9.14
N ARG A 2 -0.62 8.80 8.75
CA ARG A 2 -1.09 7.69 7.94
C ARG A 2 -1.80 8.23 6.71
N TYR A 3 -1.92 7.38 5.71
CA TYR A 3 -2.43 7.74 4.39
C TYR A 3 -3.15 6.52 3.83
N VAL A 4 -4.37 6.71 3.31
CA VAL A 4 -5.09 5.69 2.58
C VAL A 4 -4.68 5.83 1.12
N LEU A 5 -4.09 4.80 0.54
CA LEU A 5 -3.78 4.71 -0.87
C LEU A 5 -4.90 3.97 -1.60
N TYR A 6 -5.02 4.20 -2.91
CA TYR A 6 -5.96 3.54 -3.78
C TYR A 6 -5.16 2.73 -4.80
N VAL A 7 -5.18 1.41 -4.68
CA VAL A 7 -4.36 0.47 -5.46
C VAL A 7 -5.33 -0.51 -6.14
N PRO A 8 -5.89 -0.18 -7.32
CA PRO A 8 -6.83 -1.07 -8.01
C PRO A 8 -6.25 -2.45 -8.36
N ASP A 9 -4.92 -2.62 -8.42
CA ASP A 9 -4.27 -3.92 -8.68
C ASP A 9 -4.54 -4.93 -7.56
N ILE A 10 -5.06 -4.50 -6.40
CA ILE A 10 -5.44 -5.39 -5.29
C ILE A 10 -6.78 -6.10 -5.60
N SER A 11 -7.18 -6.22 -6.87
CA SER A 11 -8.45 -6.85 -7.21
C SER A 11 -8.53 -8.31 -6.72
N CYS A 12 -7.39 -8.98 -6.51
CA CYS A 12 -7.32 -10.39 -6.13
C CYS A 12 -6.65 -10.61 -4.76
N ASN A 13 -6.95 -11.74 -4.14
CA ASN A 13 -6.47 -12.13 -2.81
C ASN A 13 -4.97 -12.39 -2.79
N HIS A 14 -4.41 -13.06 -3.80
CA HIS A 14 -2.96 -13.23 -3.92
C HIS A 14 -2.28 -11.90 -4.09
N CYS A 15 -2.88 -10.91 -4.76
CA CYS A 15 -2.26 -9.60 -4.88
C CYS A 15 -1.95 -9.02 -3.50
N LYS A 16 -2.81 -9.26 -2.50
CA LYS A 16 -2.64 -8.68 -1.18
C LYS A 16 -1.30 -9.09 -0.55
N MET A 17 -0.78 -10.28 -0.88
CA MET A 17 0.47 -10.75 -0.28
C MET A 17 1.58 -9.82 -0.70
N ARG A 18 1.58 -9.51 -2.00
CA ARG A 18 2.57 -8.71 -2.75
C ARG A 18 2.93 -7.46 -1.97
N ILE A 19 1.95 -6.58 -1.74
CA ILE A 19 2.16 -5.30 -1.08
C ILE A 19 2.69 -5.53 0.33
N SER A 20 2.05 -6.36 1.14
CA SER A 20 2.46 -6.50 2.53
C SER A 20 3.86 -7.04 2.66
N LYS A 21 4.26 -7.94 1.77
CA LYS A 21 5.60 -8.49 1.86
C LYS A 21 6.58 -7.33 1.66
N ALA A 22 6.29 -6.47 0.68
CA ALA A 22 7.03 -5.25 0.38
C ALA A 22 6.89 -4.18 1.46
N LEU A 23 5.84 -4.20 2.29
CA LEU A 23 5.59 -3.24 3.36
C LEU A 23 6.37 -3.64 4.61
N GLU A 24 6.23 -4.89 5.03
CA GLU A 24 6.92 -5.40 6.20
C GLU A 24 8.45 -5.38 6.02
N GLU A 25 8.99 -5.46 4.79
CA GLU A 25 10.41 -5.14 4.59
C GLU A 25 10.67 -3.65 4.71
N LEU A 26 9.77 -2.84 4.13
CA LEU A 26 9.96 -1.41 3.97
C LEU A 26 10.17 -0.77 5.32
N GLY A 27 9.48 -1.28 6.35
CA GLY A 27 9.57 -0.80 7.71
C GLY A 27 8.30 -0.07 8.13
N VAL A 28 7.18 -0.39 7.50
CA VAL A 28 5.89 0.01 8.04
C VAL A 28 5.75 -0.63 9.44
N LYS A 29 4.89 -0.09 10.30
CA LYS A 29 4.65 -0.65 11.62
C LYS A 29 3.19 -0.70 12.03
N ASN A 30 2.29 -0.10 11.25
CA ASN A 30 0.85 -0.26 11.31
C ASN A 30 0.38 -0.04 9.87
N TYR A 31 -0.37 -0.97 9.28
CA TYR A 31 -0.86 -0.92 7.91
C TYR A 31 -2.08 -1.80 7.78
N GLU A 32 -2.77 -1.70 6.64
CA GLU A 32 -3.97 -2.46 6.34
C GLU A 32 -4.11 -2.60 4.83
N VAL A 33 -4.58 -3.73 4.32
CA VAL A 33 -4.84 -3.97 2.89
C VAL A 33 -6.19 -4.68 2.78
N SER A 34 -7.06 -4.20 1.89
CA SER A 34 -8.41 -4.74 1.71
C SER A 34 -8.72 -4.87 0.21
N VAL A 35 -8.96 -6.11 -0.22
CA VAL A 35 -9.21 -6.58 -1.59
C VAL A 35 -10.51 -6.01 -2.13
N GLU A 36 -11.61 -6.11 -1.36
CA GLU A 36 -12.91 -5.59 -1.80
C GLU A 36 -12.78 -4.09 -2.05
N GLU A 37 -12.06 -3.38 -1.18
CA GLU A 37 -11.98 -1.93 -1.24
C GLU A 37 -10.86 -1.43 -2.16
N LYS A 38 -9.94 -2.31 -2.60
CA LYS A 38 -8.71 -1.97 -3.33
C LYS A 38 -7.97 -0.79 -2.70
N LYS A 39 -7.87 -0.83 -1.37
CA LYS A 39 -7.25 0.23 -0.59
C LYS A 39 -6.14 -0.34 0.27
N VAL A 40 -5.19 0.51 0.60
CA VAL A 40 -4.16 0.28 1.59
C VAL A 40 -4.26 1.44 2.55
N VAL A 41 -3.97 1.23 3.83
CA VAL A 41 -3.49 2.29 4.69
C VAL A 41 -2.09 1.87 5.12
N VAL A 42 -1.18 2.83 5.20
CA VAL A 42 0.09 2.71 5.88
C VAL A 42 0.15 3.82 6.91
N GLU A 43 0.77 3.56 8.05
CA GLU A 43 1.16 4.57 9.02
C GLU A 43 2.69 4.61 8.99
N THR A 44 3.28 5.59 8.34
CA THR A 44 4.70 5.92 8.45
C THR A 44 4.83 7.44 8.23
N GLU A 45 6.03 8.00 8.46
CA GLU A 45 6.34 9.35 8.02
C GLU A 45 6.64 9.34 6.52
N ASN A 46 7.44 8.37 6.07
CA ASN A 46 7.96 8.32 4.71
C ASN A 46 6.98 7.62 3.76
N LEU A 47 5.86 8.29 3.48
CA LEU A 47 4.93 7.87 2.43
C LEU A 47 5.67 7.76 1.09
N ASP A 48 6.62 8.66 0.85
CA ASP A 48 7.38 8.79 -0.38
C ASP A 48 7.95 7.44 -0.82
N SER A 49 8.63 6.77 0.10
CA SER A 49 9.23 5.47 -0.10
C SER A 49 8.16 4.39 -0.31
N VAL A 50 7.03 4.45 0.41
CA VAL A 50 5.91 3.52 0.22
C VAL A 50 5.42 3.63 -1.23
N LEU A 51 5.19 4.85 -1.74
CA LEU A 51 4.68 5.07 -3.09
C LEU A 51 5.63 4.44 -4.12
N LYS A 52 6.94 4.66 -3.94
CA LYS A 52 7.95 4.08 -4.83
C LYS A 52 8.02 2.56 -4.68
N LYS A 53 7.85 2.03 -3.46
CA LYS A 53 7.84 0.59 -3.24
C LYS A 53 6.68 -0.05 -3.99
N LEU A 54 5.51 0.59 -3.97
CA LEU A 54 4.32 0.16 -4.69
C LEU A 54 4.58 0.16 -6.20
N GLU A 55 5.16 1.24 -6.71
CA GLU A 55 5.49 1.38 -8.12
C GLU A 55 6.49 0.30 -8.54
N GLU A 56 7.49 0.02 -7.71
CA GLU A 56 8.51 -0.99 -7.98
C GLU A 56 7.92 -2.38 -8.07
N ILE A 57 6.89 -2.72 -7.29
CA ILE A 57 6.23 -4.02 -7.39
C ILE A 57 5.23 -4.05 -8.56
N ASP A 58 5.27 -3.04 -9.43
CA ASP A 58 4.51 -2.92 -10.68
C ASP A 58 3.04 -2.56 -10.43
N TYR A 59 2.70 -2.07 -9.22
CA TYR A 59 1.34 -1.76 -8.80
C TYR A 59 1.23 -0.23 -8.61
N PRO A 60 1.02 0.54 -9.69
CA PRO A 60 0.90 1.98 -9.62
C PRO A 60 -0.36 2.36 -8.83
N VAL A 61 -0.19 3.17 -7.80
CA VAL A 61 -1.25 3.76 -7.00
C VAL A 61 -2.04 4.71 -7.93
N GLU A 62 -3.37 4.73 -7.84
CA GLU A 62 -4.18 5.72 -8.56
C GLU A 62 -3.96 7.09 -7.90
N SER A 63 -4.28 7.19 -6.61
CA SER A 63 -4.09 8.35 -5.75
C SER A 63 -4.17 7.90 -4.28
N TYR A 64 -4.00 8.83 -3.34
CA TYR A 64 -4.04 8.61 -1.91
C TYR A 64 -4.61 9.88 -1.24
N GLN A 65 -4.84 9.84 0.07
CA GLN A 65 -5.01 11.00 0.94
C GLN A 65 -4.59 10.59 2.35
N GLU A 66 -4.40 11.56 3.23
CA GLU A 66 -4.24 11.40 4.67
C GLU A 66 -5.46 10.70 5.33
N VAL A 67 -5.33 10.24 6.58
CA VAL A 67 -6.46 9.70 7.35
C VAL A 67 -6.33 10.14 8.80
N MET A 1 2.36 10.43 8.60
CA MET A 1 0.93 10.37 9.00
C MET A 1 0.41 8.97 8.66
N ARG A 2 -0.88 8.67 8.84
CA ARG A 2 -1.43 7.50 8.15
C ARG A 2 -2.04 7.98 6.84
N TYR A 3 -1.93 7.16 5.79
CA TYR A 3 -2.32 7.51 4.45
C TYR A 3 -3.06 6.31 3.87
N VAL A 4 -4.28 6.51 3.39
CA VAL A 4 -5.02 5.52 2.63
C VAL A 4 -4.58 5.65 1.17
N LEU A 5 -4.16 4.57 0.53
CA LEU A 5 -3.76 4.50 -0.86
C LEU A 5 -4.80 3.68 -1.64
N TYR A 6 -5.02 3.99 -2.91
CA TYR A 6 -6.00 3.35 -3.78
C TYR A 6 -5.26 2.55 -4.85
N VAL A 7 -5.16 1.23 -4.66
CA VAL A 7 -4.36 0.31 -5.46
C VAL A 7 -5.31 -0.70 -6.14
N PRO A 8 -5.91 -0.38 -7.30
CA PRO A 8 -6.87 -1.26 -7.97
C PRO A 8 -6.39 -2.71 -8.21
N ASP A 9 -5.08 -2.97 -8.39
CA ASP A 9 -4.60 -4.35 -8.63
C ASP A 9 -4.89 -5.30 -7.47
N ILE A 10 -5.23 -4.79 -6.28
CA ILE A 10 -5.45 -5.62 -5.10
C ILE A 10 -6.72 -6.48 -5.24
N SER A 11 -7.43 -6.40 -6.36
CA SER A 11 -8.67 -7.08 -6.70
C SER A 11 -8.61 -8.63 -6.60
N CYS A 12 -7.44 -9.23 -6.33
CA CYS A 12 -7.30 -10.65 -6.06
C CYS A 12 -6.52 -10.90 -4.77
N ASN A 13 -6.77 -12.06 -4.14
CA ASN A 13 -6.22 -12.44 -2.84
C ASN A 13 -4.70 -12.37 -2.79
N HIS A 14 -4.02 -12.91 -3.81
CA HIS A 14 -2.56 -12.89 -3.84
C HIS A 14 -2.05 -11.45 -3.95
N CYS A 15 -2.75 -10.61 -4.70
CA CYS A 15 -2.40 -9.22 -4.92
C CYS A 15 -2.37 -8.44 -3.60
N LYS A 16 -3.25 -8.76 -2.64
CA LYS A 16 -3.16 -8.22 -1.27
C LYS A 16 -1.74 -8.41 -0.73
N MET A 17 -1.26 -9.65 -0.72
CA MET A 17 0.06 -9.97 -0.19
C MET A 17 1.18 -9.18 -0.86
N ARG A 18 1.10 -8.92 -2.17
CA ARG A 18 2.22 -8.34 -2.92
C ARG A 18 2.66 -7.04 -2.27
N ILE A 19 1.68 -6.23 -1.84
CA ILE A 19 1.93 -4.98 -1.15
C ILE A 19 2.52 -5.30 0.21
N SER A 20 1.77 -5.97 1.08
CA SER A 20 2.12 -6.16 2.48
C SER A 20 3.52 -6.76 2.63
N LYS A 21 3.80 -7.80 1.85
CA LYS A 21 5.08 -8.47 1.81
C LYS A 21 6.21 -7.47 1.58
N ALA A 22 6.03 -6.55 0.63
CA ALA A 22 6.99 -5.50 0.36
C ALA A 22 7.05 -4.48 1.53
N LEU A 23 5.90 -4.12 2.10
CA LEU A 23 5.77 -3.13 3.16
C LEU A 23 6.45 -3.60 4.45
N GLU A 24 6.26 -4.85 4.86
CA GLU A 24 6.92 -5.43 6.03
C GLU A 24 8.44 -5.33 5.90
N GLU A 25 9.00 -5.55 4.72
CA GLU A 25 10.44 -5.37 4.47
C GLU A 25 10.79 -3.88 4.40
N LEU A 26 9.86 -3.03 3.96
CA LEU A 26 9.91 -1.57 4.09
C LEU A 26 9.91 -1.14 5.57
N GLY A 27 9.65 -2.05 6.51
CA GLY A 27 9.73 -1.77 7.94
C GLY A 27 8.59 -0.88 8.41
N VAL A 28 7.41 -0.98 7.79
CA VAL A 28 6.19 -0.37 8.34
C VAL A 28 5.85 -1.06 9.66
N LYS A 29 4.98 -0.45 10.48
CA LYS A 29 4.46 -1.08 11.70
C LYS A 29 2.95 -1.05 11.83
N ASN A 30 2.25 -0.19 11.08
CA ASN A 30 0.80 -0.12 11.10
C ASN A 30 0.43 0.15 9.67
N TYR A 31 -0.35 -0.76 9.10
CA TYR A 31 -0.81 -0.73 7.74
C TYR A 31 -2.06 -1.61 7.67
N GLU A 32 -2.77 -1.54 6.55
CA GLU A 32 -3.84 -2.48 6.22
C GLU A 32 -3.92 -2.63 4.70
N VAL A 33 -4.57 -3.69 4.22
CA VAL A 33 -4.82 -3.94 2.81
C VAL A 33 -6.20 -4.59 2.66
N SER A 34 -6.95 -4.25 1.62
CA SER A 34 -8.31 -4.71 1.41
C SER A 34 -8.58 -5.05 -0.06
N VAL A 35 -8.97 -6.29 -0.33
CA VAL A 35 -9.32 -6.80 -1.66
C VAL A 35 -10.64 -6.20 -2.15
N GLU A 36 -11.67 -6.10 -1.29
CA GLU A 36 -12.97 -5.54 -1.68
C GLU A 36 -12.81 -4.05 -1.94
N GLU A 37 -12.01 -3.36 -1.12
CA GLU A 37 -11.93 -1.91 -1.15
C GLU A 37 -10.85 -1.43 -2.12
N LYS A 38 -9.94 -2.32 -2.57
CA LYS A 38 -8.73 -2.00 -3.32
C LYS A 38 -7.96 -0.84 -2.69
N LYS A 39 -7.99 -0.77 -1.36
CA LYS A 39 -7.33 0.28 -0.60
C LYS A 39 -6.28 -0.35 0.30
N VAL A 40 -5.26 0.42 0.60
CA VAL A 40 -4.20 0.13 1.54
C VAL A 40 -4.23 1.28 2.53
N VAL A 41 -3.74 1.06 3.76
CA VAL A 41 -3.34 2.14 4.64
C VAL A 41 -1.88 1.86 5.01
N VAL A 42 -1.10 2.90 5.23
CA VAL A 42 0.25 2.85 5.79
C VAL A 42 0.34 4.00 6.78
N GLU A 43 0.81 3.73 7.98
CA GLU A 43 1.07 4.70 9.03
C GLU A 43 2.59 4.81 9.15
N THR A 44 3.19 5.68 8.35
CA THR A 44 4.64 5.86 8.29
C THR A 44 4.95 7.35 8.12
N GLU A 45 6.21 7.76 8.27
CA GLU A 45 6.54 9.18 8.20
C GLU A 45 6.80 9.62 6.77
N ASN A 46 7.28 8.72 5.92
CA ASN A 46 7.81 9.04 4.60
C ASN A 46 7.02 8.26 3.54
N LEU A 47 5.81 8.75 3.26
CA LEU A 47 4.87 8.21 2.28
C LEU A 47 5.56 7.97 0.95
N ASP A 48 6.42 8.89 0.52
CA ASP A 48 7.16 8.82 -0.75
C ASP A 48 7.88 7.47 -0.92
N SER A 49 8.39 6.87 0.15
CA SER A 49 9.11 5.60 0.09
C SER A 49 8.14 4.45 -0.17
N VAL A 50 6.92 4.56 0.35
CA VAL A 50 5.83 3.62 0.11
C VAL A 50 5.40 3.75 -1.35
N LEU A 51 5.11 4.94 -1.88
CA LEU A 51 4.78 5.13 -3.29
C LEU A 51 5.86 4.49 -4.16
N LYS A 52 7.12 4.66 -3.78
CA LYS A 52 8.24 4.11 -4.52
C LYS A 52 8.15 2.60 -4.51
N LYS A 53 8.10 1.97 -3.32
CA LYS A 53 8.04 0.53 -3.23
C LYS A 53 6.85 -0.01 -4.02
N LEU A 54 5.68 0.63 -3.95
CA LEU A 54 4.49 0.21 -4.69
C LEU A 54 4.76 0.20 -6.19
N GLU A 55 5.28 1.28 -6.75
CA GLU A 55 5.53 1.40 -8.17
C GLU A 55 6.69 0.48 -8.60
N GLU A 56 7.67 0.26 -7.71
CA GLU A 56 8.77 -0.66 -7.91
C GLU A 56 8.31 -2.11 -7.94
N ILE A 57 7.19 -2.45 -7.27
CA ILE A 57 6.61 -3.79 -7.31
C ILE A 57 5.58 -3.92 -8.45
N ASP A 58 5.56 -3.01 -9.43
CA ASP A 58 4.68 -3.04 -10.61
C ASP A 58 3.24 -2.64 -10.26
N TYR A 59 3.02 -2.04 -9.07
CA TYR A 59 1.70 -1.70 -8.58
C TYR A 59 1.58 -0.16 -8.44
N PRO A 60 1.28 0.58 -9.52
CA PRO A 60 1.12 2.02 -9.48
C PRO A 60 -0.19 2.36 -8.77
N VAL A 61 -0.13 3.07 -7.64
CA VAL A 61 -1.31 3.56 -6.95
C VAL A 61 -2.03 4.55 -7.87
N GLU A 62 -3.36 4.63 -7.80
CA GLU A 62 -4.15 5.67 -8.45
C GLU A 62 -3.97 6.98 -7.65
N SER A 63 -4.42 7.03 -6.40
CA SER A 63 -4.35 8.21 -5.54
C SER A 63 -4.24 7.81 -4.05
N TYR A 64 -3.87 8.76 -3.20
CA TYR A 64 -3.73 8.62 -1.75
C TYR A 64 -4.45 9.74 -1.02
N GLN A 65 -4.63 9.59 0.29
CA GLN A 65 -5.23 10.56 1.16
C GLN A 65 -4.64 10.40 2.55
N GLU A 66 -4.36 11.51 3.22
CA GLU A 66 -4.11 11.59 4.64
C GLU A 66 -5.39 11.26 5.40
N VAL A 67 -5.28 10.46 6.46
CA VAL A 67 -6.35 10.19 7.43
C VAL A 67 -5.74 10.18 8.82
N MET A 1 1.04 9.57 11.55
CA MET A 1 0.47 9.93 10.25
C MET A 1 0.19 8.68 9.44
N ARG A 2 -0.99 8.65 8.82
CA ARG A 2 -1.42 7.58 7.94
C ARG A 2 -2.06 8.21 6.71
N TYR A 3 -2.28 7.41 5.67
CA TYR A 3 -2.78 7.87 4.39
C TYR A 3 -3.66 6.76 3.83
N VAL A 4 -4.69 7.06 3.05
CA VAL A 4 -5.45 6.05 2.35
C VAL A 4 -5.01 6.10 0.91
N LEU A 5 -4.39 5.03 0.45
CA LEU A 5 -3.91 4.83 -0.91
C LEU A 5 -5.03 4.17 -1.70
N TYR A 6 -5.03 4.26 -3.03
CA TYR A 6 -5.92 3.50 -3.90
C TYR A 6 -5.09 2.63 -4.84
N VAL A 7 -5.04 1.33 -4.61
CA VAL A 7 -4.22 0.39 -5.38
C VAL A 7 -5.20 -0.62 -6.01
N PRO A 8 -5.81 -0.30 -7.18
CA PRO A 8 -6.81 -1.14 -7.81
C PRO A 8 -6.28 -2.52 -8.21
N ASP A 9 -4.95 -2.68 -8.30
CA ASP A 9 -4.30 -3.94 -8.64
C ASP A 9 -4.54 -5.00 -7.55
N ILE A 10 -5.07 -4.64 -6.38
CA ILE A 10 -5.46 -5.58 -5.33
C ILE A 10 -6.83 -6.22 -5.64
N SER A 11 -7.31 -6.18 -6.90
CA SER A 11 -8.52 -6.87 -7.32
C SER A 11 -8.54 -8.33 -6.83
N CYS A 12 -7.39 -9.00 -6.71
CA CYS A 12 -7.28 -10.41 -6.32
C CYS A 12 -6.61 -10.62 -4.95
N ASN A 13 -6.94 -11.75 -4.31
CA ASN A 13 -6.46 -12.19 -3.01
C ASN A 13 -4.95 -12.33 -2.93
N HIS A 14 -4.30 -12.84 -3.97
CA HIS A 14 -2.84 -12.95 -4.08
C HIS A 14 -2.21 -11.56 -4.10
N CYS A 15 -2.83 -10.64 -4.85
CA CYS A 15 -2.30 -9.31 -5.05
C CYS A 15 -2.16 -8.56 -3.73
N LYS A 16 -3.06 -8.78 -2.76
CA LYS A 16 -2.96 -8.24 -1.40
C LYS A 16 -1.56 -8.47 -0.82
N MET A 17 -1.06 -9.71 -0.86
CA MET A 17 0.26 -10.03 -0.32
C MET A 17 1.42 -9.33 -1.04
N ARG A 18 1.31 -9.04 -2.34
CA ARG A 18 2.40 -8.39 -3.08
C ARG A 18 2.79 -7.10 -2.36
N ILE A 19 1.79 -6.32 -1.95
CA ILE A 19 1.98 -5.12 -1.15
C ILE A 19 2.62 -5.50 0.18
N SER A 20 1.97 -6.35 0.97
CA SER A 20 2.28 -6.49 2.37
C SER A 20 3.71 -6.92 2.62
N LYS A 21 4.21 -7.91 1.87
CA LYS A 21 5.57 -8.36 2.08
C LYS A 21 6.52 -7.19 1.83
N ALA A 22 6.29 -6.45 0.74
CA ALA A 22 7.10 -5.28 0.42
C ALA A 22 7.01 -4.21 1.52
N LEU A 23 5.86 -4.08 2.20
CA LEU A 23 5.67 -3.14 3.32
C LEU A 23 6.49 -3.53 4.54
N GLU A 24 6.35 -4.77 5.02
CA GLU A 24 7.11 -5.24 6.17
C GLU A 24 8.63 -5.17 5.92
N GLU A 25 9.07 -5.45 4.69
CA GLU A 25 10.48 -5.38 4.31
C GLU A 25 10.91 -3.90 4.24
N LEU A 26 10.03 -3.01 3.76
CA LEU A 26 10.23 -1.57 3.76
C LEU A 26 10.39 -1.05 5.18
N GLY A 27 9.76 -1.68 6.16
CA GLY A 27 9.84 -1.29 7.57
C GLY A 27 8.68 -0.40 7.96
N VAL A 28 7.51 -0.67 7.38
CA VAL A 28 6.27 -0.43 8.09
C VAL A 28 6.28 -0.96 9.53
N LYS A 29 5.38 -0.36 10.32
CA LYS A 29 4.93 -0.85 11.61
C LYS A 29 3.42 -0.96 11.71
N ASN A 30 2.69 -0.14 10.97
CA ASN A 30 1.26 -0.18 10.96
C ASN A 30 0.78 0.08 9.58
N TYR A 31 -0.20 -0.70 9.16
CA TYR A 31 -0.70 -0.76 7.82
C TYR A 31 -1.94 -1.65 7.78
N GLU A 32 -2.63 -1.60 6.65
CA GLU A 32 -3.74 -2.46 6.30
C GLU A 32 -3.81 -2.57 4.78
N VAL A 33 -4.35 -3.68 4.28
CA VAL A 33 -4.64 -3.92 2.86
C VAL A 33 -6.03 -4.56 2.75
N SER A 34 -6.77 -4.28 1.68
CA SER A 34 -8.08 -4.85 1.41
C SER A 34 -8.27 -5.21 -0.05
N VAL A 35 -8.81 -6.41 -0.28
CA VAL A 35 -9.22 -6.90 -1.59
C VAL A 35 -10.57 -6.33 -2.01
N GLU A 36 -11.61 -6.42 -1.19
CA GLU A 36 -12.92 -5.91 -1.60
C GLU A 36 -12.83 -4.40 -1.82
N GLU A 37 -12.11 -3.69 -0.96
CA GLU A 37 -12.04 -2.23 -1.09
C GLU A 37 -10.95 -1.78 -2.08
N LYS A 38 -10.01 -2.66 -2.47
CA LYS A 38 -8.86 -2.30 -3.33
C LYS A 38 -8.06 -1.11 -2.74
N LYS A 39 -8.01 -1.03 -1.41
CA LYS A 39 -7.44 0.10 -0.69
C LYS A 39 -6.44 -0.39 0.35
N VAL A 40 -5.55 0.49 0.78
CA VAL A 40 -4.42 0.24 1.68
C VAL A 40 -4.36 1.45 2.60
N VAL A 41 -3.77 1.23 3.78
CA VAL A 41 -3.28 2.28 4.64
C VAL A 41 -1.85 1.86 5.00
N VAL A 42 -0.89 2.78 4.97
CA VAL A 42 0.27 2.72 5.87
C VAL A 42 0.23 3.84 6.92
N GLU A 43 0.86 3.61 8.07
CA GLU A 43 1.03 4.57 9.15
C GLU A 43 2.54 4.78 9.31
N THR A 44 3.09 5.70 8.52
CA THR A 44 4.54 5.94 8.43
C THR A 44 4.68 7.30 7.75
N GLU A 45 5.51 8.20 8.26
CA GLU A 45 5.69 9.51 7.64
C GLU A 45 6.29 9.41 6.24
N ASN A 46 7.06 8.36 5.94
CA ASN A 46 7.87 8.31 4.71
C ASN A 46 7.07 7.72 3.56
N LEU A 47 5.86 8.24 3.38
CA LEU A 47 4.88 7.82 2.39
C LEU A 47 5.47 7.78 0.98
N ASP A 48 6.34 8.74 0.62
CA ASP A 48 7.02 8.74 -0.68
C ASP A 48 7.72 7.40 -0.94
N SER A 49 8.43 6.88 0.07
CA SER A 49 9.12 5.59 -0.02
C SER A 49 8.12 4.44 -0.18
N VAL A 50 6.96 4.52 0.47
CA VAL A 50 5.90 3.53 0.36
C VAL A 50 5.36 3.55 -1.07
N LEU A 51 5.01 4.72 -1.62
CA LEU A 51 4.45 4.86 -2.97
C LEU A 51 5.44 4.34 -4.00
N LYS A 52 6.74 4.59 -3.76
CA LYS A 52 7.86 4.00 -4.48
C LYS A 52 7.76 2.50 -4.43
N LYS A 53 7.75 1.92 -3.22
CA LYS A 53 7.75 0.49 -2.99
C LYS A 53 6.56 -0.18 -3.68
N LEU A 54 5.40 0.48 -3.70
CA LEU A 54 4.22 0.02 -4.42
C LEU A 54 4.48 -0.02 -5.92
N GLU A 55 4.93 1.07 -6.52
CA GLU A 55 5.11 1.09 -7.98
C GLU A 55 6.23 0.12 -8.40
N GLU A 56 7.22 -0.06 -7.53
CA GLU A 56 8.36 -0.95 -7.71
C GLU A 56 8.02 -2.44 -7.66
N ILE A 57 6.89 -2.82 -7.05
CA ILE A 57 6.35 -4.18 -7.17
C ILE A 57 5.38 -4.26 -8.36
N ASP A 58 5.43 -3.28 -9.27
CA ASP A 58 4.67 -3.20 -10.50
C ASP A 58 3.21 -2.81 -10.18
N TYR A 59 2.92 -2.22 -9.00
CA TYR A 59 1.57 -1.88 -8.55
C TYR A 59 1.46 -0.35 -8.42
N PRO A 60 1.15 0.36 -9.53
CA PRO A 60 0.98 1.80 -9.53
C PRO A 60 -0.30 2.18 -8.78
N VAL A 61 -0.17 2.87 -7.65
CA VAL A 61 -1.27 3.46 -6.90
C VAL A 61 -1.95 4.52 -7.79
N GLU A 62 -3.28 4.56 -7.83
CA GLU A 62 -4.05 5.61 -8.47
C GLU A 62 -3.77 6.92 -7.71
N SER A 63 -4.00 6.97 -6.39
CA SER A 63 -3.65 8.12 -5.54
C SER A 63 -3.57 7.80 -4.05
N TYR A 64 -3.33 8.80 -3.19
CA TYR A 64 -3.52 8.72 -1.75
C TYR A 64 -4.28 9.97 -1.24
N GLN A 65 -4.50 10.07 0.07
CA GLN A 65 -5.06 11.19 0.82
C GLN A 65 -4.61 11.03 2.29
N GLU A 66 -4.34 12.13 3.00
CA GLU A 66 -3.98 12.19 4.42
C GLU A 66 -5.17 11.81 5.30
N VAL A 67 -4.92 11.07 6.38
CA VAL A 67 -5.94 10.64 7.33
C VAL A 67 -5.33 10.49 8.73
N MET A 1 1.68 9.38 10.88
CA MET A 1 0.69 9.87 9.90
C MET A 1 0.34 8.68 9.03
N ARG A 2 -0.88 8.63 8.45
CA ARG A 2 -1.27 7.46 7.67
C ARG A 2 -1.94 7.89 6.39
N TYR A 3 -1.91 7.04 5.37
CA TYR A 3 -2.24 7.45 4.02
C TYR A 3 -3.01 6.34 3.33
N VAL A 4 -4.26 6.59 2.95
CA VAL A 4 -5.12 5.66 2.25
C VAL A 4 -4.83 5.76 0.75
N LEU A 5 -4.16 4.75 0.20
CA LEU A 5 -3.84 4.62 -1.22
C LEU A 5 -5.07 4.06 -1.96
N TYR A 6 -5.09 4.07 -3.29
CA TYR A 6 -6.12 3.50 -4.15
C TYR A 6 -5.42 2.75 -5.30
N VAL A 7 -5.32 1.45 -5.17
CA VAL A 7 -4.65 0.41 -5.92
C VAL A 7 -5.64 -0.57 -6.46
N PRO A 8 -6.24 -0.34 -7.63
CA PRO A 8 -7.19 -1.27 -8.20
C PRO A 8 -6.59 -2.64 -8.50
N ASP A 9 -5.26 -2.75 -8.56
CA ASP A 9 -4.51 -3.96 -8.84
C ASP A 9 -4.68 -4.98 -7.72
N ILE A 10 -5.08 -4.53 -6.53
CA ILE A 10 -5.32 -5.36 -5.36
C ILE A 10 -6.71 -6.01 -5.45
N SER A 11 -7.31 -6.06 -6.64
CA SER A 11 -8.64 -6.62 -6.87
C SER A 11 -8.74 -8.08 -6.38
N CYS A 12 -7.65 -8.86 -6.47
CA CYS A 12 -7.57 -10.24 -6.00
C CYS A 12 -6.72 -10.37 -4.73
N ASN A 13 -6.95 -11.42 -3.94
CA ASN A 13 -6.33 -11.54 -2.62
C ASN A 13 -4.84 -11.92 -2.69
N HIS A 14 -4.43 -12.60 -3.77
CA HIS A 14 -3.00 -12.80 -4.08
C HIS A 14 -2.28 -11.46 -4.14
N CYS A 15 -2.92 -10.48 -4.79
CA CYS A 15 -2.35 -9.18 -5.02
C CYS A 15 -2.04 -8.51 -3.68
N LYS A 16 -2.88 -8.66 -2.64
CA LYS A 16 -2.58 -8.12 -1.31
C LYS A 16 -1.20 -8.54 -0.82
N MET A 17 -0.85 -9.83 -0.92
CA MET A 17 0.46 -10.31 -0.51
C MET A 17 1.58 -9.53 -1.17
N ARG A 18 1.45 -9.16 -2.46
CA ARG A 18 2.50 -8.44 -3.18
C ARG A 18 2.87 -7.17 -2.43
N ILE A 19 1.86 -6.41 -2.02
CA ILE A 19 2.01 -5.19 -1.23
C ILE A 19 2.61 -5.57 0.12
N SER A 20 1.95 -6.41 0.93
CA SER A 20 2.31 -6.58 2.32
C SER A 20 3.74 -7.05 2.47
N LYS A 21 4.21 -7.97 1.60
CA LYS A 21 5.59 -8.43 1.65
C LYS A 21 6.49 -7.21 1.62
N ALA A 22 6.27 -6.39 0.60
CA ALA A 22 7.04 -5.20 0.29
C ALA A 22 6.89 -4.10 1.35
N LEU A 23 5.83 -4.13 2.17
CA LEU A 23 5.62 -3.20 3.28
C LEU A 23 6.34 -3.67 4.52
N GLU A 24 6.24 -4.95 4.88
CA GLU A 24 6.81 -5.47 6.12
C GLU A 24 8.32 -5.23 6.12
N GLU A 25 8.98 -5.51 4.99
CA GLU A 25 10.40 -5.20 4.82
C GLU A 25 10.66 -3.71 4.95
N LEU A 26 9.70 -2.88 4.52
CA LEU A 26 9.85 -1.44 4.39
C LEU A 26 10.02 -0.72 5.73
N GLY A 27 10.01 -1.47 6.83
CA GLY A 27 10.14 -0.91 8.16
C GLY A 27 8.83 -0.30 8.66
N VAL A 28 7.71 -0.65 8.02
CA VAL A 28 6.39 -0.35 8.54
C VAL A 28 6.21 -1.11 9.86
N LYS A 29 5.26 -0.64 10.67
CA LYS A 29 4.76 -1.39 11.81
C LYS A 29 3.25 -1.37 11.94
N ASN A 30 2.57 -0.56 11.13
CA ASN A 30 1.15 -0.29 11.22
C ASN A 30 0.65 -0.08 9.80
N TYR A 31 0.02 -1.10 9.22
CA TYR A 31 -0.59 -1.03 7.90
C TYR A 31 -1.77 -1.97 7.84
N GLU A 32 -2.54 -1.88 6.76
CA GLU A 32 -3.65 -2.75 6.38
C GLU A 32 -3.78 -2.69 4.85
N VAL A 33 -4.21 -3.78 4.21
CA VAL A 33 -4.42 -3.93 2.78
C VAL A 33 -5.83 -4.51 2.64
N SER A 34 -6.76 -3.75 2.06
CA SER A 34 -8.16 -4.14 1.91
C SER A 34 -8.37 -4.49 0.44
N VAL A 35 -8.44 -5.78 0.13
CA VAL A 35 -8.55 -6.34 -1.22
C VAL A 35 -9.87 -5.91 -1.84
N GLU A 36 -10.99 -6.10 -1.13
CA GLU A 36 -12.31 -5.77 -1.64
C GLU A 36 -12.37 -4.29 -1.98
N GLU A 37 -11.81 -3.43 -1.12
CA GLU A 37 -11.84 -1.99 -1.35
C GLU A 37 -10.73 -1.49 -2.29
N LYS A 38 -9.73 -2.32 -2.63
CA LYS A 38 -8.57 -1.90 -3.45
C LYS A 38 -7.87 -0.69 -2.82
N LYS A 39 -7.80 -0.66 -1.49
CA LYS A 39 -7.14 0.41 -0.75
C LYS A 39 -6.18 -0.21 0.24
N VAL A 40 -5.10 0.51 0.51
CA VAL A 40 -4.13 0.17 1.54
C VAL A 40 -4.03 1.39 2.44
N VAL A 41 -3.70 1.19 3.70
CA VAL A 41 -3.25 2.25 4.58
C VAL A 41 -1.92 1.83 5.15
N VAL A 42 -0.95 2.73 5.14
CA VAL A 42 0.33 2.62 5.84
C VAL A 42 0.41 3.80 6.78
N GLU A 43 0.91 3.56 7.99
CA GLU A 43 1.15 4.53 9.04
C GLU A 43 2.68 4.76 9.08
N THR A 44 3.19 5.77 8.37
CA THR A 44 4.62 6.08 8.31
C THR A 44 4.88 7.60 8.43
N GLU A 45 6.15 8.00 8.44
CA GLU A 45 6.55 9.41 8.32
C GLU A 45 6.92 9.77 6.88
N ASN A 46 7.16 8.81 5.99
CA ASN A 46 7.51 9.11 4.60
C ASN A 46 6.66 8.30 3.65
N LEU A 47 5.56 8.91 3.21
CA LEU A 47 4.63 8.32 2.25
C LEU A 47 5.35 7.94 0.96
N ASP A 48 6.23 8.80 0.42
CA ASP A 48 6.94 8.52 -0.83
C ASP A 48 7.68 7.18 -0.78
N SER A 49 8.28 6.88 0.38
CA SER A 49 8.97 5.62 0.61
C SER A 49 8.07 4.44 0.25
N VAL A 50 6.83 4.46 0.74
CA VAL A 50 5.85 3.42 0.49
C VAL A 50 5.34 3.50 -0.95
N LEU A 51 5.01 4.70 -1.43
CA LEU A 51 4.44 4.88 -2.76
C LEU A 51 5.37 4.35 -3.85
N LYS A 52 6.66 4.58 -3.69
CA LYS A 52 7.69 4.03 -4.55
C LYS A 52 7.63 2.51 -4.50
N LYS A 53 7.50 1.92 -3.32
CA LYS A 53 7.44 0.47 -3.23
C LYS A 53 6.20 -0.07 -3.92
N LEU A 54 5.05 0.61 -3.87
CA LEU A 54 3.89 0.14 -4.62
C LEU A 54 4.25 0.07 -6.10
N GLU A 55 4.86 1.13 -6.62
CA GLU A 55 5.22 1.21 -8.02
C GLU A 55 6.30 0.19 -8.38
N GLU A 56 7.29 -0.03 -7.51
CA GLU A 56 8.40 -0.99 -7.64
C GLU A 56 7.97 -2.44 -7.36
N ILE A 57 6.67 -2.75 -7.25
CA ILE A 57 6.20 -4.13 -7.32
C ILE A 57 5.26 -4.36 -8.52
N ASP A 58 5.16 -3.37 -9.43
CA ASP A 58 4.22 -3.27 -10.56
C ASP A 58 2.80 -2.89 -10.15
N TYR A 59 2.63 -2.26 -8.98
CA TYR A 59 1.31 -1.92 -8.44
C TYR A 59 1.19 -0.40 -8.34
N PRO A 60 1.07 0.33 -9.47
CA PRO A 60 1.00 1.77 -9.42
C PRO A 60 -0.30 2.22 -8.76
N VAL A 61 -0.19 2.80 -7.57
CA VAL A 61 -1.28 3.44 -6.87
C VAL A 61 -1.90 4.48 -7.82
N GLU A 62 -3.22 4.50 -7.90
CA GLU A 62 -3.99 5.48 -8.63
C GLU A 62 -3.95 6.83 -7.89
N SER A 63 -4.52 6.91 -6.68
CA SER A 63 -4.51 8.13 -5.87
C SER A 63 -4.23 7.80 -4.40
N TYR A 64 -3.96 8.78 -3.54
CA TYR A 64 -3.75 8.60 -2.11
C TYR A 64 -4.36 9.81 -1.38
N GLN A 65 -4.53 9.72 -0.05
CA GLN A 65 -4.93 10.80 0.83
C GLN A 65 -4.43 10.50 2.24
N GLU A 66 -4.08 11.51 3.02
CA GLU A 66 -3.85 11.44 4.46
C GLU A 66 -5.17 11.13 5.17
N VAL A 67 -5.13 10.32 6.24
CA VAL A 67 -6.27 10.06 7.13
C VAL A 67 -5.79 9.98 8.59
N MET A 1 2.13 9.48 10.42
CA MET A 1 0.87 9.81 9.76
C MET A 1 0.39 8.56 9.02
N ARG A 2 -0.89 8.47 8.64
CA ARG A 2 -1.34 7.38 7.79
C ARG A 2 -2.03 7.95 6.56
N TYR A 3 -2.05 7.16 5.49
CA TYR A 3 -2.53 7.59 4.19
C TYR A 3 -3.22 6.39 3.58
N VAL A 4 -4.45 6.57 3.08
CA VAL A 4 -5.15 5.57 2.29
C VAL A 4 -4.73 5.76 0.84
N LEU A 5 -4.33 4.66 0.20
CA LEU A 5 -3.89 4.49 -1.17
C LEU A 5 -4.90 3.62 -1.88
N TYR A 6 -5.28 4.05 -3.07
CA TYR A 6 -6.22 3.37 -3.93
C TYR A 6 -5.39 2.53 -4.89
N VAL A 7 -5.26 1.23 -4.61
CA VAL A 7 -4.48 0.29 -5.42
C VAL A 7 -5.46 -0.67 -6.13
N PRO A 8 -6.01 -0.29 -7.29
CA PRO A 8 -7.02 -1.09 -7.99
C PRO A 8 -6.54 -2.48 -8.43
N ASP A 9 -5.22 -2.65 -8.58
CA ASP A 9 -4.57 -3.93 -8.91
C ASP A 9 -4.72 -4.96 -7.81
N ILE A 10 -5.15 -4.55 -6.61
CA ILE A 10 -5.50 -5.48 -5.56
C ILE A 10 -6.94 -5.96 -5.80
N SER A 11 -7.28 -6.34 -7.03
CA SER A 11 -8.58 -6.92 -7.34
C SER A 11 -8.65 -8.35 -6.78
N CYS A 12 -7.51 -9.00 -6.51
CA CYS A 12 -7.48 -10.37 -5.96
C CYS A 12 -6.79 -10.45 -4.60
N ASN A 13 -7.13 -11.47 -3.81
CA ASN A 13 -6.67 -11.61 -2.42
C ASN A 13 -5.18 -11.91 -2.37
N HIS A 14 -4.66 -12.69 -3.32
CA HIS A 14 -3.20 -12.87 -3.48
C HIS A 14 -2.50 -11.54 -3.70
N CYS A 15 -3.09 -10.62 -4.46
CA CYS A 15 -2.50 -9.32 -4.69
C CYS A 15 -2.28 -8.59 -3.37
N LYS A 16 -3.16 -8.77 -2.37
CA LYS A 16 -3.02 -8.13 -1.05
C LYS A 16 -1.67 -8.51 -0.41
N MET A 17 -1.21 -9.76 -0.54
CA MET A 17 0.11 -10.16 -0.05
C MET A 17 1.25 -9.40 -0.74
N ARG A 18 1.14 -9.05 -2.02
CA ARG A 18 2.27 -8.44 -2.75
C ARG A 18 2.66 -7.12 -2.11
N ILE A 19 1.67 -6.36 -1.66
CA ILE A 19 1.88 -5.11 -0.97
C ILE A 19 2.58 -5.42 0.34
N SER A 20 1.98 -6.26 1.18
CA SER A 20 2.49 -6.51 2.51
C SER A 20 3.90 -7.03 2.49
N LYS A 21 4.21 -8.01 1.64
CA LYS A 21 5.54 -8.60 1.67
C LYS A 21 6.59 -7.50 1.55
N ALA A 22 6.35 -6.56 0.64
CA ALA A 22 7.21 -5.42 0.40
C ALA A 22 7.10 -4.39 1.55
N LEU A 23 5.90 -4.16 2.12
CA LEU A 23 5.67 -3.25 3.23
C LEU A 23 6.44 -3.68 4.47
N GLU A 24 6.32 -4.95 4.83
CA GLU A 24 6.92 -5.52 6.02
C GLU A 24 8.44 -5.42 5.98
N GLU A 25 9.08 -5.30 4.81
CA GLU A 25 10.51 -5.04 4.67
C GLU A 25 10.81 -3.53 4.67
N LEU A 26 9.91 -2.69 4.14
CA LEU A 26 10.03 -1.24 4.08
C LEU A 26 10.09 -0.60 5.47
N GLY A 27 9.80 -1.34 6.54
CA GLY A 27 9.79 -0.80 7.89
C GLY A 27 8.53 0.01 8.13
N VAL A 28 7.42 -0.34 7.47
CA VAL A 28 6.11 -0.04 8.03
C VAL A 28 6.01 -0.76 9.38
N LYS A 29 5.09 -0.33 10.24
CA LYS A 29 4.63 -1.12 11.38
C LYS A 29 3.12 -1.18 11.45
N ASN A 30 2.38 -0.36 10.69
CA ASN A 30 0.94 -0.25 10.80
C ASN A 30 0.43 -0.04 9.39
N TYR A 31 -0.30 -1.03 8.88
CA TYR A 31 -0.89 -1.02 7.56
C TYR A 31 -2.11 -1.92 7.59
N GLU A 32 -3.02 -1.61 6.69
CA GLU A 32 -4.35 -2.19 6.61
C GLU A 32 -4.71 -2.25 5.13
N VAL A 33 -4.80 -3.44 4.55
CA VAL A 33 -5.13 -3.65 3.14
C VAL A 33 -6.39 -4.51 3.03
N SER A 34 -7.33 -4.06 2.19
CA SER A 34 -8.61 -4.68 1.95
C SER A 34 -8.75 -4.83 0.46
N VAL A 35 -8.46 -6.03 -0.03
CA VAL A 35 -8.76 -6.45 -1.39
C VAL A 35 -10.21 -6.16 -1.80
N GLU A 36 -11.18 -6.38 -0.91
CA GLU A 36 -12.60 -6.17 -1.20
C GLU A 36 -12.87 -4.74 -1.65
N GLU A 37 -12.07 -3.79 -1.17
CA GLU A 37 -12.20 -2.37 -1.44
C GLU A 37 -11.03 -1.79 -2.24
N LYS A 38 -10.07 -2.61 -2.69
CA LYS A 38 -8.88 -2.17 -3.43
C LYS A 38 -8.12 -1.01 -2.74
N LYS A 39 -8.15 -0.96 -1.40
CA LYS A 39 -7.52 0.10 -0.62
C LYS A 39 -6.46 -0.47 0.32
N VAL A 40 -5.28 0.13 0.27
CA VAL A 40 -4.19 0.01 1.24
C VAL A 40 -4.27 1.25 2.10
N VAL A 41 -3.95 1.16 3.38
CA VAL A 41 -3.49 2.27 4.19
C VAL A 41 -2.08 1.86 4.62
N VAL A 42 -1.12 2.77 4.53
CA VAL A 42 0.08 2.65 5.36
C VAL A 42 0.08 3.76 6.41
N GLU A 43 0.71 3.49 7.53
CA GLU A 43 1.04 4.44 8.57
C GLU A 43 2.57 4.45 8.67
N THR A 44 3.23 5.52 8.23
CA THR A 44 4.67 5.69 8.39
C THR A 44 4.99 7.20 8.56
N GLU A 45 6.25 7.50 8.85
CA GLU A 45 6.86 8.81 8.72
C GLU A 45 7.28 9.08 7.26
N ASN A 46 7.46 8.04 6.43
CA ASN A 46 8.24 8.12 5.19
C ASN A 46 7.46 7.66 3.97
N LEU A 47 6.30 8.27 3.79
CA LEU A 47 5.32 7.92 2.78
C LEU A 47 5.89 7.89 1.36
N ASP A 48 6.71 8.87 1.00
CA ASP A 48 7.20 8.99 -0.37
C ASP A 48 8.16 7.83 -0.70
N SER A 49 8.70 7.14 0.30
CA SER A 49 9.40 5.88 0.11
C SER A 49 8.39 4.81 -0.31
N VAL A 50 7.25 4.71 0.40
CA VAL A 50 6.19 3.74 0.15
C VAL A 50 5.69 3.86 -1.29
N LEU A 51 5.34 5.06 -1.74
CA LEU A 51 4.69 5.27 -3.03
C LEU A 51 5.56 4.74 -4.18
N LYS A 52 6.84 5.12 -4.17
CA LYS A 52 7.88 4.67 -5.07
C LYS A 52 8.06 3.15 -4.99
N LYS A 53 8.23 2.62 -3.78
CA LYS A 53 8.29 1.19 -3.50
C LYS A 53 7.11 0.49 -4.18
N LEU A 54 5.89 1.04 -4.10
CA LEU A 54 4.72 0.39 -4.66
C LEU A 54 4.72 0.41 -6.18
N GLU A 55 5.19 1.48 -6.81
CA GLU A 55 5.45 1.53 -8.24
C GLU A 55 6.44 0.43 -8.63
N GLU A 56 7.54 0.30 -7.89
CA GLU A 56 8.61 -0.66 -8.18
C GLU A 56 8.15 -2.11 -8.05
N ILE A 57 7.17 -2.44 -7.20
CA ILE A 57 6.65 -3.80 -7.14
C ILE A 57 5.67 -4.11 -8.28
N ASP A 58 5.49 -3.18 -9.23
CA ASP A 58 4.56 -3.23 -10.36
C ASP A 58 3.12 -2.94 -9.93
N TYR A 59 2.93 -2.23 -8.80
CA TYR A 59 1.61 -1.89 -8.28
C TYR A 59 1.48 -0.36 -8.18
N PRO A 60 1.18 0.37 -9.27
CA PRO A 60 0.93 1.79 -9.20
C PRO A 60 -0.33 2.06 -8.37
N VAL A 61 -0.22 2.91 -7.34
CA VAL A 61 -1.39 3.51 -6.70
C VAL A 61 -2.07 4.43 -7.74
N GLU A 62 -3.40 4.48 -7.78
CA GLU A 62 -4.12 5.50 -8.53
C GLU A 62 -3.89 6.84 -7.82
N SER A 63 -4.42 6.97 -6.59
CA SER A 63 -4.27 8.16 -5.76
C SER A 63 -4.22 7.78 -4.27
N TYR A 64 -3.67 8.67 -3.46
CA TYR A 64 -3.58 8.53 -2.01
C TYR A 64 -4.10 9.81 -1.34
N GLN A 65 -4.39 9.76 -0.04
CA GLN A 65 -4.73 10.91 0.79
C GLN A 65 -4.48 10.50 2.23
N GLU A 66 -4.13 11.46 3.08
CA GLU A 66 -4.01 11.31 4.51
C GLU A 66 -5.36 10.93 5.13
N VAL A 67 -5.34 10.09 6.18
CA VAL A 67 -6.49 9.76 7.01
C VAL A 67 -6.05 9.75 8.47
N MET A 1 2.63 9.79 9.96
CA MET A 1 1.18 9.91 9.74
C MET A 1 0.65 8.54 9.31
N ARG A 2 -0.60 8.42 8.84
CA ARG A 2 -0.93 7.33 7.93
C ARG A 2 -1.45 7.92 6.64
N TYR A 3 -1.57 7.07 5.62
CA TYR A 3 -2.04 7.50 4.31
C TYR A 3 -2.92 6.41 3.74
N VAL A 4 -4.06 6.81 3.18
CA VAL A 4 -5.09 5.96 2.59
C VAL A 4 -4.88 5.99 1.08
N LEU A 5 -4.14 5.01 0.56
CA LEU A 5 -3.78 4.89 -0.85
C LEU A 5 -5.00 4.39 -1.65
N TYR A 6 -4.92 4.26 -2.97
CA TYR A 6 -5.90 3.55 -3.78
C TYR A 6 -5.16 2.72 -4.83
N VAL A 7 -5.18 1.40 -4.68
CA VAL A 7 -4.32 0.48 -5.43
C VAL A 7 -5.19 -0.55 -6.15
N PRO A 8 -5.67 -0.26 -7.38
CA PRO A 8 -6.61 -1.11 -8.10
C PRO A 8 -6.18 -2.57 -8.33
N ASP A 9 -4.89 -2.93 -8.27
CA ASP A 9 -4.48 -4.31 -8.57
C ASP A 9 -4.88 -5.31 -7.49
N ILE A 10 -5.36 -4.86 -6.33
CA ILE A 10 -5.60 -5.74 -5.19
C ILE A 10 -6.79 -6.69 -5.44
N SER A 11 -7.47 -6.59 -6.58
CA SER A 11 -8.68 -7.32 -6.93
C SER A 11 -8.53 -8.86 -7.01
N CYS A 12 -7.35 -9.43 -6.74
CA CYS A 12 -7.21 -10.85 -6.41
C CYS A 12 -6.48 -10.99 -5.06
N ASN A 13 -6.79 -12.04 -4.29
CA ASN A 13 -6.25 -12.21 -2.93
C ASN A 13 -4.73 -12.32 -2.85
N HIS A 14 -4.09 -12.82 -3.91
CA HIS A 14 -2.63 -12.79 -4.01
C HIS A 14 -2.08 -11.37 -3.93
N CYS A 15 -2.78 -10.45 -4.59
CA CYS A 15 -2.41 -9.06 -4.71
C CYS A 15 -2.43 -8.32 -3.37
N LYS A 16 -3.17 -8.82 -2.38
CA LYS A 16 -3.07 -8.33 -1.02
C LYS A 16 -1.66 -8.61 -0.50
N MET A 17 -1.22 -9.87 -0.48
CA MET A 17 0.05 -10.30 0.03
C MET A 17 1.21 -9.64 -0.74
N ARG A 18 1.07 -9.48 -2.06
CA ARG A 18 2.00 -8.78 -2.94
C ARG A 18 2.44 -7.44 -2.36
N ILE A 19 1.51 -6.68 -1.80
CA ILE A 19 1.79 -5.39 -1.18
C ILE A 19 2.39 -5.65 0.20
N SER A 20 1.67 -6.33 1.10
CA SER A 20 2.05 -6.46 2.48
C SER A 20 3.48 -6.93 2.67
N LYS A 21 3.90 -7.92 1.89
CA LYS A 21 5.23 -8.50 1.99
C LYS A 21 6.31 -7.42 1.82
N ALA A 22 6.13 -6.54 0.83
CA ALA A 22 7.02 -5.42 0.60
C ALA A 22 6.91 -4.38 1.72
N LEU A 23 5.71 -4.11 2.24
CA LEU A 23 5.50 -3.15 3.32
C LEU A 23 6.28 -3.53 4.57
N GLU A 24 6.22 -4.81 4.95
CA GLU A 24 6.95 -5.39 6.07
C GLU A 24 8.46 -5.14 5.96
N GLU A 25 9.03 -5.14 4.75
CA GLU A 25 10.43 -4.82 4.52
C GLU A 25 10.66 -3.32 4.50
N LEU A 26 9.72 -2.55 3.95
CA LEU A 26 9.73 -1.10 3.83
C LEU A 26 9.79 -0.44 5.22
N GLY A 27 9.35 -1.14 6.27
CA GLY A 27 9.45 -0.63 7.63
C GLY A 27 8.20 0.12 8.05
N VAL A 28 7.04 -0.22 7.47
CA VAL A 28 5.78 0.15 8.10
C VAL A 28 5.68 -0.61 9.43
N LYS A 29 4.77 -0.22 10.31
CA LYS A 29 4.50 -0.91 11.57
C LYS A 29 3.03 -1.19 11.81
N ASN A 30 2.19 -0.37 11.19
CA ASN A 30 0.75 -0.44 11.34
C ASN A 30 0.22 -0.12 9.95
N TYR A 31 -0.45 -1.08 9.33
CA TYR A 31 -0.96 -1.00 7.98
C TYR A 31 -2.11 -1.96 7.79
N GLU A 32 -2.85 -1.80 6.72
CA GLU A 32 -3.73 -2.84 6.20
C GLU A 32 -3.81 -2.73 4.69
N VAL A 33 -4.42 -3.74 4.07
CA VAL A 33 -4.71 -3.89 2.66
C VAL A 33 -6.08 -4.58 2.59
N SER A 34 -6.81 -4.48 1.48
CA SER A 34 -8.00 -5.30 1.28
C SER A 34 -8.33 -5.54 -0.21
N VAL A 35 -8.84 -6.73 -0.52
CA VAL A 35 -9.27 -7.14 -1.87
C VAL A 35 -10.50 -6.37 -2.33
N GLU A 36 -11.59 -6.41 -1.56
CA GLU A 36 -12.87 -5.80 -1.95
C GLU A 36 -12.63 -4.33 -2.27
N GLU A 37 -11.92 -3.63 -1.38
CA GLU A 37 -12.00 -2.17 -1.37
C GLU A 37 -10.89 -1.55 -2.26
N LYS A 38 -9.94 -2.34 -2.80
CA LYS A 38 -8.75 -1.90 -3.54
C LYS A 38 -7.94 -0.82 -2.80
N LYS A 39 -7.76 -1.00 -1.50
CA LYS A 39 -7.23 0.01 -0.61
C LYS A 39 -6.13 -0.59 0.25
N VAL A 40 -5.29 0.30 0.75
CA VAL A 40 -4.13 0.09 1.60
C VAL A 40 -4.07 1.31 2.51
N VAL A 41 -3.89 1.12 3.81
CA VAL A 41 -3.50 2.20 4.71
C VAL A 41 -2.14 1.83 5.28
N VAL A 42 -1.26 2.82 5.42
CA VAL A 42 0.12 2.63 5.85
C VAL A 42 0.45 3.74 6.83
N GLU A 43 0.74 3.40 8.09
CA GLU A 43 1.19 4.33 9.11
C GLU A 43 2.72 4.42 9.01
N THR A 44 3.22 5.49 8.36
CA THR A 44 4.63 5.78 8.27
C THR A 44 4.85 7.30 8.17
N GLU A 45 6.10 7.74 8.33
CA GLU A 45 6.49 9.14 8.18
C GLU A 45 6.66 9.49 6.70
N ASN A 46 7.23 8.58 5.90
CA ASN A 46 7.71 8.83 4.55
C ASN A 46 6.81 8.16 3.52
N LEU A 47 5.69 8.79 3.20
CA LEU A 47 4.75 8.31 2.19
C LEU A 47 5.44 8.03 0.86
N ASP A 48 6.32 8.93 0.43
CA ASP A 48 7.08 8.81 -0.80
C ASP A 48 7.70 7.42 -0.94
N SER A 49 8.39 6.91 0.10
CA SER A 49 9.01 5.60 0.04
C SER A 49 7.93 4.52 -0.15
N VAL A 50 6.73 4.66 0.41
CA VAL A 50 5.64 3.71 0.14
C VAL A 50 5.22 3.80 -1.32
N LEU A 51 4.90 4.99 -1.84
CA LEU A 51 4.42 5.16 -3.21
C LEU A 51 5.44 4.61 -4.21
N LYS A 52 6.72 4.91 -3.95
CA LYS A 52 7.85 4.37 -4.69
C LYS A 52 7.81 2.85 -4.61
N LYS A 53 7.76 2.29 -3.41
CA LYS A 53 7.82 0.85 -3.20
C LYS A 53 6.63 0.14 -3.85
N LEU A 54 5.46 0.77 -3.94
CA LEU A 54 4.32 0.24 -4.65
C LEU A 54 4.61 0.14 -6.14
N GLU A 55 5.09 1.21 -6.76
CA GLU A 55 5.41 1.20 -8.20
C GLU A 55 6.57 0.23 -8.50
N GLU A 56 7.52 0.16 -7.57
CA GLU A 56 8.64 -0.78 -7.53
C GLU A 56 8.22 -2.19 -7.06
N ILE A 57 6.93 -2.52 -7.04
CA ILE A 57 6.44 -3.89 -7.08
C ILE A 57 5.39 -4.08 -8.19
N ASP A 58 5.39 -3.21 -9.22
CA ASP A 58 4.48 -3.27 -10.38
C ASP A 58 3.05 -2.78 -10.07
N TYR A 59 2.81 -2.15 -8.92
CA TYR A 59 1.47 -1.79 -8.42
C TYR A 59 1.32 -0.27 -8.31
N PRO A 60 1.13 0.46 -9.43
CA PRO A 60 0.97 1.90 -9.43
C PRO A 60 -0.32 2.31 -8.72
N VAL A 61 -0.17 3.20 -7.75
CA VAL A 61 -1.26 3.80 -6.98
C VAL A 61 -2.02 4.78 -7.88
N GLU A 62 -3.37 4.77 -7.84
CA GLU A 62 -4.19 5.75 -8.55
C GLU A 62 -4.12 7.10 -7.84
N SER A 63 -4.38 7.13 -6.53
CA SER A 63 -4.28 8.34 -5.70
C SER A 63 -4.06 7.97 -4.23
N TYR A 64 -3.84 8.96 -3.37
CA TYR A 64 -3.63 8.82 -1.94
C TYR A 64 -4.23 10.02 -1.22
N GLN A 65 -4.37 9.92 0.10
CA GLN A 65 -4.85 10.93 1.02
C GLN A 65 -4.13 10.64 2.34
N GLU A 66 -3.96 11.66 3.17
CA GLU A 66 -3.40 11.64 4.50
C GLU A 66 -4.51 11.41 5.54
N VAL A 67 -4.15 10.78 6.66
CA VAL A 67 -5.00 10.40 7.80
C VAL A 67 -4.17 10.25 9.08
N MET A 1 2.29 9.94 9.88
CA MET A 1 0.82 10.07 9.80
C MET A 1 0.24 8.74 9.31
N ARG A 2 -1.02 8.69 8.88
CA ARG A 2 -1.49 7.59 8.04
C ARG A 2 -2.07 8.18 6.76
N TYR A 3 -2.17 7.34 5.74
CA TYR A 3 -2.63 7.72 4.42
C TYR A 3 -3.50 6.60 3.90
N VAL A 4 -4.63 6.90 3.28
CA VAL A 4 -5.44 5.94 2.54
C VAL A 4 -4.97 5.99 1.10
N LEU A 5 -4.58 4.85 0.52
CA LEU A 5 -4.05 4.72 -0.83
C LEU A 5 -5.05 3.92 -1.65
N TYR A 6 -5.08 4.14 -2.96
CA TYR A 6 -5.97 3.47 -3.89
C TYR A 6 -5.16 2.69 -4.94
N VAL A 7 -5.10 1.37 -4.79
CA VAL A 7 -4.32 0.44 -5.61
C VAL A 7 -5.31 -0.53 -6.27
N PRO A 8 -5.88 -0.22 -7.44
CA PRO A 8 -6.90 -1.06 -8.07
C PRO A 8 -6.46 -2.52 -8.34
N ASP A 9 -5.15 -2.84 -8.41
CA ASP A 9 -4.68 -4.21 -8.68
C ASP A 9 -4.84 -5.16 -7.48
N ILE A 10 -5.27 -4.67 -6.32
CA ILE A 10 -5.53 -5.51 -5.15
C ILE A 10 -6.84 -6.32 -5.35
N SER A 11 -7.36 -6.43 -6.58
CA SER A 11 -8.58 -7.15 -6.90
C SER A 11 -8.49 -8.67 -6.64
N CYS A 12 -7.33 -9.21 -6.27
CA CYS A 12 -7.14 -10.61 -5.91
C CYS A 12 -6.34 -10.76 -4.60
N ASN A 13 -6.46 -11.93 -3.97
CA ASN A 13 -5.89 -12.22 -2.67
C ASN A 13 -4.38 -12.45 -2.74
N HIS A 14 -3.90 -13.08 -3.82
CA HIS A 14 -2.46 -13.15 -4.13
C HIS A 14 -1.88 -11.75 -4.24
N CYS A 15 -2.61 -10.86 -4.90
CA CYS A 15 -2.16 -9.50 -5.03
C CYS A 15 -1.90 -8.91 -3.64
N LYS A 16 -2.80 -9.05 -2.66
CA LYS A 16 -2.64 -8.37 -1.34
C LYS A 16 -1.29 -8.68 -0.71
N MET A 17 -0.83 -9.93 -0.82
CA MET A 17 0.48 -10.36 -0.39
C MET A 17 1.57 -9.44 -0.93
N ARG A 18 1.49 -9.02 -2.21
CA ARG A 18 2.49 -8.17 -2.84
C ARG A 18 2.72 -6.90 -2.05
N ILE A 19 1.65 -6.28 -1.52
CA ILE A 19 1.80 -5.07 -0.77
C ILE A 19 2.43 -5.42 0.56
N SER A 20 1.84 -6.31 1.36
CA SER A 20 2.40 -6.63 2.68
C SER A 20 3.85 -7.05 2.60
N LYS A 21 4.21 -7.84 1.58
CA LYS A 21 5.57 -8.30 1.45
C LYS A 21 6.49 -7.07 1.41
N ALA A 22 6.18 -6.19 0.46
CA ALA A 22 6.86 -4.95 0.18
C ALA A 22 6.77 -3.96 1.34
N LEU A 23 5.71 -4.03 2.15
CA LEU A 23 5.45 -3.17 3.29
C LEU A 23 6.30 -3.63 4.47
N GLU A 24 6.23 -4.90 4.84
CA GLU A 24 6.97 -5.44 5.97
C GLU A 24 8.48 -5.24 5.80
N GLU A 25 9.03 -5.50 4.60
CA GLU A 25 10.45 -5.22 4.36
C GLU A 25 10.74 -3.73 4.44
N LEU A 26 9.76 -2.90 4.05
CA LEU A 26 9.94 -1.48 4.00
C LEU A 26 10.08 -0.92 5.42
N GLY A 27 9.71 -1.68 6.45
CA GLY A 27 9.80 -1.25 7.84
C GLY A 27 8.62 -0.34 8.18
N VAL A 28 7.47 -0.63 7.60
CA VAL A 28 6.16 -0.25 8.11
C VAL A 28 6.01 -0.79 9.55
N LYS A 29 5.03 -0.31 10.29
CA LYS A 29 4.62 -0.88 11.55
C LYS A 29 3.15 -1.21 11.60
N ASN A 30 2.33 -0.46 10.88
CA ASN A 30 0.88 -0.47 11.01
C ASN A 30 0.37 -0.20 9.61
N TYR A 31 -0.41 -1.13 9.07
CA TYR A 31 -0.94 -1.12 7.72
C TYR A 31 -2.14 -2.03 7.64
N GLU A 32 -3.04 -1.66 6.75
CA GLU A 32 -4.36 -2.26 6.64
C GLU A 32 -4.85 -2.21 5.19
N VAL A 33 -4.79 -3.35 4.52
CA VAL A 33 -5.15 -3.56 3.12
C VAL A 33 -6.48 -4.32 3.04
N SER A 34 -7.29 -4.02 2.01
CA SER A 34 -8.55 -4.67 1.69
C SER A 34 -8.56 -5.03 0.21
N VAL A 35 -8.92 -6.29 -0.09
CA VAL A 35 -9.15 -6.80 -1.43
C VAL A 35 -10.51 -6.33 -1.93
N GLU A 36 -11.52 -6.26 -1.07
CA GLU A 36 -12.85 -5.83 -1.48
C GLU A 36 -12.81 -4.36 -1.86
N GLU A 37 -12.13 -3.52 -1.08
CA GLU A 37 -12.09 -2.09 -1.35
C GLU A 37 -11.02 -1.73 -2.37
N LYS A 38 -10.02 -2.59 -2.62
CA LYS A 38 -8.77 -2.20 -3.27
C LYS A 38 -8.18 -0.94 -2.62
N LYS A 39 -8.04 -0.98 -1.29
CA LYS A 39 -7.46 0.11 -0.52
C LYS A 39 -6.40 -0.44 0.42
N VAL A 40 -5.48 0.42 0.82
CA VAL A 40 -4.32 0.17 1.67
C VAL A 40 -4.26 1.40 2.57
N VAL A 41 -4.02 1.22 3.86
CA VAL A 41 -3.46 2.26 4.69
C VAL A 41 -2.01 1.88 4.93
N VAL A 42 -1.12 2.86 4.97
CA VAL A 42 0.10 2.76 5.77
C VAL A 42 0.13 3.91 6.77
N GLU A 43 0.48 3.60 8.01
CA GLU A 43 0.66 4.54 9.10
C GLU A 43 2.16 4.80 9.25
N THR A 44 2.78 5.55 8.34
CA THR A 44 4.21 5.82 8.32
C THR A 44 4.46 7.34 8.25
N GLU A 45 5.71 7.75 8.44
CA GLU A 45 6.18 9.07 8.04
C GLU A 45 6.60 9.07 6.57
N ASN A 46 7.31 8.05 6.09
CA ASN A 46 8.13 8.18 4.88
C ASN A 46 7.39 7.67 3.65
N LEU A 47 6.22 8.25 3.41
CA LEU A 47 5.26 7.83 2.41
C LEU A 47 5.84 7.79 1.00
N ASP A 48 6.68 8.75 0.58
CA ASP A 48 7.24 8.79 -0.78
C ASP A 48 8.00 7.48 -1.08
N SER A 49 8.66 6.93 -0.06
CA SER A 49 9.33 5.65 -0.15
C SER A 49 8.34 4.52 -0.39
N VAL A 50 7.17 4.53 0.28
CA VAL A 50 6.11 3.54 0.09
C VAL A 50 5.57 3.63 -1.34
N LEU A 51 5.32 4.84 -1.86
CA LEU A 51 4.70 5.02 -3.17
C LEU A 51 5.62 4.46 -4.27
N LYS A 52 6.93 4.68 -4.12
CA LYS A 52 7.96 4.01 -4.93
C LYS A 52 7.92 2.51 -4.71
N LYS A 53 7.88 2.06 -3.45
CA LYS A 53 7.89 0.63 -3.10
C LYS A 53 6.70 -0.12 -3.69
N LEU A 54 5.61 0.57 -4.00
CA LEU A 54 4.45 0.05 -4.72
C LEU A 54 4.69 0.09 -6.24
N GLU A 55 5.19 1.20 -6.77
CA GLU A 55 5.46 1.36 -8.19
C GLU A 55 6.44 0.27 -8.68
N GLU A 56 7.50 0.02 -7.90
CA GLU A 56 8.59 -0.89 -8.21
C GLU A 56 8.20 -2.38 -8.12
N ILE A 57 7.03 -2.70 -7.56
CA ILE A 57 6.46 -4.05 -7.60
C ILE A 57 5.46 -4.18 -8.75
N ASP A 58 5.34 -3.16 -9.60
CA ASP A 58 4.41 -2.98 -10.71
C ASP A 58 2.98 -2.59 -10.30
N TYR A 59 2.78 -2.05 -9.08
CA TYR A 59 1.46 -1.75 -8.53
C TYR A 59 1.31 -0.22 -8.37
N PRO A 60 1.02 0.53 -9.45
CA PRO A 60 0.83 1.97 -9.39
C PRO A 60 -0.40 2.31 -8.54
N VAL A 61 -0.15 3.05 -7.45
CA VAL A 61 -1.17 3.69 -6.65
C VAL A 61 -1.81 4.76 -7.53
N GLU A 62 -3.14 4.80 -7.67
CA GLU A 62 -3.82 5.87 -8.37
C GLU A 62 -3.59 7.20 -7.66
N SER A 63 -3.88 7.23 -6.36
CA SER A 63 -3.60 8.33 -5.45
C SER A 63 -3.63 7.82 -4.01
N TYR A 64 -3.21 8.68 -3.09
CA TYR A 64 -3.37 8.58 -1.66
C TYR A 64 -3.95 9.91 -1.13
N GLN A 65 -4.36 9.95 0.14
CA GLN A 65 -4.68 11.13 0.90
C GLN A 65 -4.36 10.82 2.36
N GLU A 66 -3.95 11.81 3.13
CA GLU A 66 -3.80 11.79 4.58
C GLU A 66 -5.17 11.69 5.25
N VAL A 67 -5.25 10.94 6.35
CA VAL A 67 -6.53 10.63 7.01
C VAL A 67 -6.37 10.50 8.52
N MET A 1 2.22 9.20 10.40
CA MET A 1 0.89 9.56 9.84
C MET A 1 0.28 8.30 9.23
N ARG A 2 -0.92 8.33 8.65
CA ARG A 2 -1.36 7.24 7.78
C ARG A 2 -1.97 7.78 6.49
N TYR A 3 -2.09 6.94 5.46
CA TYR A 3 -2.43 7.41 4.12
C TYR A 3 -3.27 6.39 3.36
N VAL A 4 -4.45 6.75 2.86
CA VAL A 4 -5.35 5.86 2.11
C VAL A 4 -4.92 5.78 0.64
N LEU A 5 -4.11 4.79 0.25
CA LEU A 5 -3.63 4.62 -1.12
C LEU A 5 -4.66 3.83 -1.95
N TYR A 6 -5.09 4.35 -3.09
CA TYR A 6 -5.90 3.62 -4.06
C TYR A 6 -5.03 2.79 -4.98
N VAL A 7 -5.04 1.49 -4.75
CA VAL A 7 -4.32 0.48 -5.51
C VAL A 7 -5.39 -0.45 -6.12
N PRO A 8 -5.94 -0.18 -7.31
CA PRO A 8 -6.94 -1.05 -7.93
C PRO A 8 -6.44 -2.50 -8.14
N ASP A 9 -5.12 -2.71 -8.19
CA ASP A 9 -4.45 -4.00 -8.42
C ASP A 9 -4.57 -4.99 -7.26
N ILE A 10 -5.38 -4.68 -6.25
CA ILE A 10 -5.64 -5.56 -5.11
C ILE A 10 -6.99 -6.26 -5.32
N SER A 11 -7.44 -6.42 -6.56
CA SER A 11 -8.62 -7.20 -6.89
C SER A 11 -8.39 -8.70 -6.68
N CYS A 12 -7.20 -9.15 -6.21
CA CYS A 12 -6.95 -10.54 -5.84
C CYS A 12 -6.34 -10.64 -4.43
N ASN A 13 -6.53 -11.80 -3.77
CA ASN A 13 -5.94 -12.05 -2.44
C ASN A 13 -4.44 -12.28 -2.54
N HIS A 14 -3.96 -13.04 -3.53
CA HIS A 14 -2.52 -13.19 -3.78
C HIS A 14 -1.91 -11.84 -4.05
N CYS A 15 -2.64 -10.95 -4.72
CA CYS A 15 -2.19 -9.60 -4.90
C CYS A 15 -1.93 -8.94 -3.53
N LYS A 16 -2.82 -9.07 -2.53
CA LYS A 16 -2.69 -8.36 -1.23
C LYS A 16 -1.35 -8.67 -0.56
N MET A 17 -0.86 -9.90 -0.72
CA MET A 17 0.46 -10.31 -0.26
C MET A 17 1.56 -9.42 -0.83
N ARG A 18 1.45 -9.02 -2.10
CA ARG A 18 2.49 -8.27 -2.84
C ARG A 18 2.80 -6.95 -2.14
N ILE A 19 1.77 -6.27 -1.63
CA ILE A 19 1.94 -5.04 -0.90
C ILE A 19 2.57 -5.40 0.44
N SER A 20 1.84 -6.16 1.27
CA SER A 20 2.20 -6.34 2.66
C SER A 20 3.64 -6.82 2.83
N LYS A 21 4.06 -7.79 2.03
CA LYS A 21 5.40 -8.33 2.08
C LYS A 21 6.42 -7.18 1.91
N ALA A 22 6.28 -6.42 0.83
CA ALA A 22 7.13 -5.27 0.53
C ALA A 22 7.03 -4.18 1.60
N LEU A 23 5.87 -3.98 2.23
CA LEU A 23 5.66 -2.95 3.24
C LEU A 23 6.42 -3.29 4.51
N GLU A 24 6.21 -4.50 5.02
CA GLU A 24 6.84 -4.95 6.25
C GLU A 24 8.37 -4.83 6.14
N GLU A 25 8.93 -5.07 4.96
CA GLU A 25 10.35 -4.97 4.69
C GLU A 25 10.75 -3.48 4.57
N LEU A 26 9.92 -2.65 3.93
CA LEU A 26 10.08 -1.22 3.75
C LEU A 26 10.09 -0.46 5.08
N GLY A 27 9.66 -1.07 6.18
CA GLY A 27 9.69 -0.45 7.50
C GLY A 27 8.32 -0.04 8.00
N VAL A 28 7.23 -0.46 7.36
CA VAL A 28 5.93 -0.53 8.00
C VAL A 28 5.97 -1.37 9.27
N LYS A 29 5.16 -0.96 10.25
CA LYS A 29 4.70 -1.78 11.35
C LYS A 29 3.17 -1.80 11.43
N ASN A 30 2.44 -0.92 10.74
CA ASN A 30 1.00 -0.84 10.77
C ASN A 30 0.49 -0.37 9.42
N TYR A 31 -0.55 -1.06 8.96
CA TYR A 31 -1.10 -1.01 7.63
C TYR A 31 -2.44 -1.73 7.65
N GLU A 32 -3.28 -1.35 6.71
CA GLU A 32 -4.61 -1.91 6.52
C GLU A 32 -4.90 -2.04 5.02
N VAL A 33 -4.75 -3.23 4.48
CA VAL A 33 -5.12 -3.53 3.09
C VAL A 33 -6.47 -4.23 3.04
N SER A 34 -7.27 -3.91 2.02
CA SER A 34 -8.55 -4.52 1.71
C SER A 34 -8.56 -4.93 0.23
N VAL A 35 -9.01 -6.16 -0.04
CA VAL A 35 -9.22 -6.71 -1.36
C VAL A 35 -10.58 -6.23 -1.91
N GLU A 36 -11.59 -6.10 -1.05
CA GLU A 36 -12.86 -5.55 -1.51
C GLU A 36 -12.67 -4.07 -1.87
N GLU A 37 -12.06 -3.28 -0.99
CA GLU A 37 -12.00 -1.83 -1.20
C GLU A 37 -10.87 -1.45 -2.16
N LYS A 38 -9.96 -2.38 -2.51
CA LYS A 38 -8.77 -2.14 -3.34
C LYS A 38 -7.97 -0.94 -2.82
N LYS A 39 -7.62 -0.99 -1.53
CA LYS A 39 -7.06 0.16 -0.85
C LYS A 39 -6.09 -0.30 0.22
N VAL A 40 -5.00 0.42 0.39
CA VAL A 40 -3.87 0.15 1.29
C VAL A 40 -3.74 1.38 2.17
N VAL A 41 -4.01 1.25 3.46
CA VAL A 41 -3.49 2.23 4.38
C VAL A 41 -2.08 1.78 4.77
N VAL A 42 -1.18 2.72 4.97
CA VAL A 42 0.11 2.55 5.61
C VAL A 42 0.17 3.59 6.72
N GLU A 43 0.62 3.22 7.91
CA GLU A 43 0.78 4.10 9.07
C GLU A 43 2.27 4.35 9.29
N THR A 44 2.90 5.16 8.45
CA THR A 44 4.33 5.43 8.50
C THR A 44 4.57 6.95 8.38
N GLU A 45 5.83 7.39 8.40
CA GLU A 45 6.22 8.80 8.37
C GLU A 45 7.01 9.11 7.09
N ASN A 46 7.15 8.14 6.17
CA ASN A 46 7.92 8.29 4.93
C ASN A 46 7.13 7.78 3.73
N LEU A 47 5.98 8.42 3.44
CA LEU A 47 5.08 8.05 2.35
C LEU A 47 5.80 7.94 1.01
N ASP A 48 6.75 8.82 0.72
CA ASP A 48 7.45 8.84 -0.58
C ASP A 48 8.07 7.47 -0.89
N SER A 49 8.68 6.85 0.13
CA SER A 49 9.28 5.54 0.04
C SER A 49 8.23 4.46 -0.26
N VAL A 50 7.03 4.58 0.32
CA VAL A 50 5.92 3.67 0.04
C VAL A 50 5.47 3.85 -1.41
N LEU A 51 5.23 5.08 -1.86
CA LEU A 51 4.70 5.32 -3.20
C LEU A 51 5.65 4.78 -4.26
N LYS A 52 6.96 4.92 -4.05
CA LYS A 52 7.97 4.34 -4.93
C LYS A 52 7.92 2.82 -4.82
N LYS A 53 7.90 2.26 -3.60
CA LYS A 53 7.86 0.81 -3.43
C LYS A 53 6.68 0.21 -4.18
N LEU A 54 5.51 0.87 -4.17
CA LEU A 54 4.32 0.37 -4.83
C LEU A 54 4.53 0.26 -6.34
N GLU A 55 5.02 1.31 -7.01
CA GLU A 55 5.31 1.24 -8.44
C GLU A 55 6.42 0.21 -8.71
N GLU A 56 7.41 0.08 -7.82
CA GLU A 56 8.51 -0.90 -7.88
C GLU A 56 8.06 -2.37 -7.73
N ILE A 57 6.84 -2.62 -7.24
CA ILE A 57 6.31 -3.98 -7.13
C ILE A 57 5.31 -4.32 -8.24
N ASP A 58 5.16 -3.46 -9.28
CA ASP A 58 4.16 -3.53 -10.35
C ASP A 58 2.75 -3.06 -9.92
N TYR A 59 2.63 -2.21 -8.88
CA TYR A 59 1.33 -1.83 -8.32
C TYR A 59 1.18 -0.30 -8.29
N PRO A 60 0.91 0.34 -9.44
CA PRO A 60 0.77 1.80 -9.52
C PRO A 60 -0.43 2.29 -8.68
N VAL A 61 -0.16 3.14 -7.69
CA VAL A 61 -1.19 3.84 -6.93
C VAL A 61 -1.80 4.92 -7.83
N GLU A 62 -3.12 4.98 -7.96
CA GLU A 62 -3.80 6.05 -8.72
C GLU A 62 -3.68 7.37 -7.92
N SER A 63 -4.18 7.40 -6.68
CA SER A 63 -3.94 8.50 -5.75
C SER A 63 -3.98 7.99 -4.32
N TYR A 64 -3.63 8.86 -3.38
CA TYR A 64 -3.58 8.64 -1.95
C TYR A 64 -4.52 9.64 -1.25
N GLN A 65 -4.55 9.66 0.08
CA GLN A 65 -5.20 10.65 0.94
C GLN A 65 -4.49 10.59 2.29
N GLU A 66 -4.64 11.62 3.12
CA GLU A 66 -4.13 11.73 4.49
C GLU A 66 -5.22 11.39 5.51
N VAL A 67 -4.86 10.67 6.58
CA VAL A 67 -5.74 10.18 7.65
C VAL A 67 -4.94 9.96 8.94
N MET A 1 2.20 9.77 9.99
CA MET A 1 0.74 9.88 9.78
C MET A 1 0.28 8.57 9.14
N ARG A 2 -0.97 8.45 8.70
CA ARG A 2 -1.39 7.33 7.88
C ARG A 2 -1.97 7.85 6.58
N TYR A 3 -1.97 7.03 5.52
CA TYR A 3 -2.41 7.44 4.20
C TYR A 3 -3.12 6.30 3.51
N VAL A 4 -4.35 6.55 3.07
CA VAL A 4 -5.17 5.59 2.36
C VAL A 4 -4.94 5.73 0.86
N LEU A 5 -4.23 4.77 0.26
CA LEU A 5 -3.90 4.72 -1.17
C LEU A 5 -5.12 4.22 -1.96
N TYR A 6 -5.12 4.39 -3.27
CA TYR A 6 -6.13 3.85 -4.18
C TYR A 6 -5.40 3.12 -5.31
N VAL A 7 -5.22 1.84 -5.15
CA VAL A 7 -4.57 0.78 -5.96
C VAL A 7 -5.61 -0.20 -6.48
N PRO A 8 -6.29 0.06 -7.60
CA PRO A 8 -7.27 -0.88 -8.13
C PRO A 8 -6.72 -2.27 -8.50
N ASP A 9 -5.39 -2.42 -8.60
CA ASP A 9 -4.73 -3.69 -8.93
C ASP A 9 -4.71 -4.66 -7.75
N ILE A 10 -5.10 -4.21 -6.56
CA ILE A 10 -5.29 -5.11 -5.42
C ILE A 10 -6.67 -5.77 -5.52
N SER A 11 -7.19 -6.00 -6.73
CA SER A 11 -8.50 -6.59 -6.94
C SER A 11 -8.59 -8.01 -6.37
N CYS A 12 -7.46 -8.70 -6.21
CA CYS A 12 -7.38 -10.13 -5.93
C CYS A 12 -6.62 -10.38 -4.62
N ASN A 13 -6.87 -11.53 -4.00
CA ASN A 13 -6.31 -11.90 -2.71
C ASN A 13 -4.81 -12.19 -2.74
N HIS A 14 -4.28 -12.69 -3.86
CA HIS A 14 -2.83 -12.80 -4.05
C HIS A 14 -2.21 -11.41 -4.15
N CYS A 15 -2.92 -10.47 -4.78
CA CYS A 15 -2.44 -9.11 -4.96
C CYS A 15 -2.06 -8.50 -3.62
N LYS A 16 -2.85 -8.73 -2.56
CA LYS A 16 -2.53 -8.26 -1.22
C LYS A 16 -1.11 -8.61 -0.80
N MET A 17 -0.68 -9.88 -0.92
CA MET A 17 0.66 -10.27 -0.49
C MET A 17 1.76 -9.53 -1.25
N ARG A 18 1.51 -9.07 -2.49
CA ARG A 18 2.47 -8.29 -3.27
C ARG A 18 2.85 -7.05 -2.47
N ILE A 19 1.81 -6.34 -1.98
CA ILE A 19 1.93 -5.20 -1.09
C ILE A 19 2.51 -5.66 0.24
N SER A 20 1.85 -6.52 1.02
CA SER A 20 2.21 -6.68 2.42
C SER A 20 3.64 -7.12 2.61
N LYS A 21 4.14 -8.00 1.73
CA LYS A 21 5.53 -8.44 1.80
C LYS A 21 6.44 -7.21 1.74
N ALA A 22 6.20 -6.37 0.73
CA ALA A 22 6.89 -5.12 0.47
C ALA A 22 6.65 -4.05 1.55
N LEU A 23 5.70 -4.23 2.47
CA LEU A 23 5.50 -3.31 3.57
C LEU A 23 6.27 -3.79 4.80
N GLU A 24 6.19 -5.07 5.13
CA GLU A 24 6.89 -5.62 6.30
C GLU A 24 8.40 -5.43 6.14
N GLU A 25 8.94 -5.57 4.93
CA GLU A 25 10.37 -5.31 4.69
C GLU A 25 10.70 -3.84 4.83
N LEU A 26 9.79 -2.98 4.38
CA LEU A 26 9.97 -1.56 4.26
C LEU A 26 10.12 -0.88 5.63
N GLY A 27 9.87 -1.62 6.71
CA GLY A 27 10.04 -1.11 8.07
C GLY A 27 8.83 -0.29 8.49
N VAL A 28 7.65 -0.60 7.93
CA VAL A 28 6.38 -0.11 8.43
C VAL A 28 6.17 -0.67 9.85
N LYS A 29 5.21 -0.11 10.59
CA LYS A 29 4.78 -0.68 11.88
C LYS A 29 3.27 -0.69 12.09
N ASN A 30 2.49 -0.10 11.18
CA ASN A 30 1.03 -0.20 11.19
C ASN A 30 0.62 -0.10 9.74
N TYR A 31 -0.09 -1.10 9.22
CA TYR A 31 -0.63 -1.05 7.88
C TYR A 31 -1.74 -2.08 7.74
N GLU A 32 -2.57 -1.90 6.72
CA GLU A 32 -3.64 -2.80 6.33
C GLU A 32 -3.81 -2.73 4.81
N VAL A 33 -4.23 -3.83 4.21
CA VAL A 33 -4.51 -3.97 2.78
C VAL A 33 -5.90 -4.58 2.70
N SER A 34 -6.81 -3.97 1.94
CA SER A 34 -8.21 -4.31 1.89
C SER A 34 -8.54 -4.63 0.44
N VAL A 35 -8.55 -5.91 0.07
CA VAL A 35 -8.64 -6.39 -1.32
C VAL A 35 -9.98 -6.04 -1.96
N GLU A 36 -11.10 -6.27 -1.27
CA GLU A 36 -12.41 -5.90 -1.80
C GLU A 36 -12.41 -4.40 -2.10
N GLU A 37 -11.96 -3.65 -1.11
CA GLU A 37 -11.89 -2.21 -1.21
C GLU A 37 -10.77 -1.72 -2.12
N LYS A 38 -9.85 -2.59 -2.54
CA LYS A 38 -8.59 -2.32 -3.23
C LYS A 38 -7.64 -1.39 -2.46
N LYS A 39 -7.99 -0.82 -1.32
CA LYS A 39 -7.21 0.24 -0.68
C LYS A 39 -6.11 -0.38 0.18
N VAL A 40 -5.11 0.42 0.50
CA VAL A 40 -4.13 0.15 1.53
C VAL A 40 -4.16 1.34 2.48
N VAL A 41 -3.85 1.11 3.75
CA VAL A 41 -3.37 2.15 4.63
C VAL A 41 -2.01 1.71 5.14
N VAL A 42 -1.08 2.65 5.24
CA VAL A 42 0.19 2.53 5.94
C VAL A 42 0.24 3.70 6.90
N GLU A 43 0.89 3.49 8.04
CA GLU A 43 1.23 4.49 9.03
C GLU A 43 2.75 4.69 8.94
N THR A 44 3.21 5.70 8.20
CA THR A 44 4.62 6.06 8.08
C THR A 44 4.80 7.57 8.23
N GLU A 45 6.05 8.04 8.31
CA GLU A 45 6.45 9.44 8.27
C GLU A 45 7.07 9.76 6.89
N ASN A 46 7.22 8.77 6.00
CA ASN A 46 7.74 8.97 4.66
C ASN A 46 6.90 8.16 3.68
N LEU A 47 5.73 8.71 3.32
CA LEU A 47 4.82 8.14 2.34
C LEU A 47 5.54 7.84 1.03
N ASP A 48 6.48 8.69 0.63
CA ASP A 48 7.15 8.56 -0.67
C ASP A 48 7.81 7.20 -0.83
N SER A 49 8.43 6.69 0.24
CA SER A 49 9.06 5.39 0.26
C SER A 49 8.03 4.30 -0.07
N VAL A 50 6.82 4.38 0.49
CA VAL A 50 5.73 3.46 0.22
C VAL A 50 5.31 3.64 -1.24
N LEU A 51 5.03 4.86 -1.73
CA LEU A 51 4.54 5.06 -3.09
C LEU A 51 5.55 4.55 -4.11
N LYS A 52 6.83 4.74 -3.86
CA LYS A 52 7.91 4.16 -4.65
C LYS A 52 7.76 2.65 -4.61
N LYS A 53 7.73 2.06 -3.40
CA LYS A 53 7.65 0.63 -3.21
C LYS A 53 6.43 0.02 -3.92
N LEU A 54 5.29 0.70 -3.94
CA LEU A 54 4.11 0.18 -4.62
C LEU A 54 4.39 0.04 -6.12
N GLU A 55 5.01 1.04 -6.76
CA GLU A 55 5.33 0.97 -8.17
C GLU A 55 6.40 -0.12 -8.41
N GLU A 56 7.35 -0.24 -7.48
CA GLU A 56 8.44 -1.21 -7.43
C GLU A 56 8.00 -2.67 -7.26
N ILE A 57 6.71 -2.94 -7.12
CA ILE A 57 6.15 -4.28 -7.14
C ILE A 57 5.23 -4.47 -8.35
N ASP A 58 5.24 -3.53 -9.32
CA ASP A 58 4.38 -3.45 -10.51
C ASP A 58 2.97 -2.97 -10.19
N TYR A 59 2.75 -2.29 -9.05
CA TYR A 59 1.42 -1.89 -8.58
C TYR A 59 1.32 -0.36 -8.58
N PRO A 60 1.06 0.26 -9.73
CA PRO A 60 0.89 1.69 -9.82
C PRO A 60 -0.40 2.10 -9.09
N VAL A 61 -0.24 2.74 -7.93
CA VAL A 61 -1.33 3.37 -7.20
C VAL A 61 -1.93 4.42 -8.15
N GLU A 62 -3.22 4.68 -8.02
CA GLU A 62 -3.88 5.83 -8.64
C GLU A 62 -3.70 7.02 -7.69
N SER A 63 -4.52 7.12 -6.64
CA SER A 63 -4.60 8.29 -5.75
C SER A 63 -4.20 7.92 -4.32
N TYR A 64 -4.17 8.89 -3.40
CA TYR A 64 -3.94 8.66 -1.97
C TYR A 64 -4.59 9.80 -1.18
N GLN A 65 -4.70 9.64 0.14
CA GLN A 65 -5.24 10.63 1.05
C GLN A 65 -4.64 10.41 2.43
N GLU A 66 -4.29 11.50 3.11
CA GLU A 66 -4.04 11.63 4.53
C GLU A 66 -5.27 11.16 5.30
N VAL A 67 -5.11 10.53 6.47
CA VAL A 67 -6.22 10.02 7.29
C VAL A 67 -5.89 10.06 8.77
N MET A 1 1.65 9.80 10.82
CA MET A 1 0.53 9.96 9.88
C MET A 1 0.07 8.58 9.43
N ARG A 2 -1.13 8.46 8.86
CA ARG A 2 -1.46 7.31 8.02
C ARG A 2 -1.96 7.84 6.67
N TYR A 3 -2.05 6.98 5.66
CA TYR A 3 -2.39 7.38 4.30
C TYR A 3 -3.24 6.30 3.65
N VAL A 4 -4.43 6.64 3.17
CA VAL A 4 -5.30 5.78 2.39
C VAL A 4 -4.84 5.82 0.92
N LEU A 5 -4.06 4.85 0.47
CA LEU A 5 -3.71 4.70 -0.94
C LEU A 5 -4.90 4.12 -1.72
N TYR A 6 -4.83 4.13 -3.04
CA TYR A 6 -5.77 3.48 -3.95
C TYR A 6 -4.97 2.79 -5.05
N VAL A 7 -5.14 1.48 -5.14
CA VAL A 7 -4.47 0.43 -5.91
C VAL A 7 -5.50 -0.57 -6.47
N PRO A 8 -6.08 -0.31 -7.65
CA PRO A 8 -7.09 -1.17 -8.23
C PRO A 8 -6.58 -2.60 -8.52
N ASP A 9 -5.27 -2.81 -8.57
CA ASP A 9 -4.64 -4.10 -8.86
C ASP A 9 -4.76 -5.06 -7.67
N ILE A 10 -5.07 -4.56 -6.48
CA ILE A 10 -5.29 -5.41 -5.31
C ILE A 10 -6.66 -6.13 -5.40
N SER A 11 -7.31 -6.15 -6.56
CA SER A 11 -8.59 -6.80 -6.83
C SER A 11 -8.63 -8.31 -6.51
N CYS A 12 -7.48 -8.95 -6.28
CA CYS A 12 -7.44 -10.37 -5.87
C CYS A 12 -6.63 -10.55 -4.59
N ASN A 13 -6.88 -11.61 -3.84
CA ASN A 13 -6.28 -11.76 -2.51
C ASN A 13 -4.77 -12.04 -2.57
N HIS A 14 -4.28 -12.73 -3.60
CA HIS A 14 -2.84 -12.92 -3.78
C HIS A 14 -2.13 -11.58 -3.96
N CYS A 15 -2.81 -10.60 -4.53
CA CYS A 15 -2.32 -9.25 -4.69
C CYS A 15 -2.01 -8.65 -3.32
N LYS A 16 -2.80 -8.88 -2.26
CA LYS A 16 -2.51 -8.34 -0.92
C LYS A 16 -1.11 -8.72 -0.43
N MET A 17 -0.69 -9.99 -0.63
CA MET A 17 0.66 -10.40 -0.25
C MET A 17 1.72 -9.60 -1.01
N ARG A 18 1.48 -9.14 -2.24
CA ARG A 18 2.48 -8.42 -3.02
C ARG A 18 2.87 -7.14 -2.29
N ILE A 19 1.86 -6.36 -1.92
CA ILE A 19 1.97 -5.13 -1.16
C ILE A 19 2.61 -5.44 0.17
N SER A 20 2.03 -6.33 0.98
CA SER A 20 2.48 -6.52 2.35
C SER A 20 3.89 -7.03 2.39
N LYS A 21 4.30 -7.88 1.44
CA LYS A 21 5.66 -8.34 1.47
C LYS A 21 6.57 -7.11 1.40
N ALA A 22 6.27 -6.26 0.42
CA ALA A 22 6.86 -4.94 0.21
C ALA A 22 6.62 -3.94 1.36
N LEU A 23 5.75 -4.19 2.33
CA LEU A 23 5.51 -3.30 3.46
C LEU A 23 6.27 -3.80 4.69
N GLU A 24 6.16 -5.09 5.00
CA GLU A 24 6.87 -5.69 6.12
C GLU A 24 8.39 -5.58 5.93
N GLU A 25 8.91 -5.56 4.69
CA GLU A 25 10.32 -5.29 4.43
C GLU A 25 10.65 -3.81 4.60
N LEU A 26 9.69 -2.94 4.28
CA LEU A 26 9.89 -1.51 4.17
C LEU A 26 10.07 -0.90 5.56
N GLY A 27 9.64 -1.62 6.60
CA GLY A 27 9.76 -1.21 7.99
C GLY A 27 8.46 -0.65 8.54
N VAL A 28 7.32 -0.83 7.85
CA VAL A 28 6.03 -0.37 8.37
C VAL A 28 5.76 -1.09 9.71
N LYS A 29 4.90 -0.55 10.57
CA LYS A 29 4.44 -1.24 11.79
C LYS A 29 2.92 -1.31 11.93
N ASN A 30 2.19 -0.47 11.20
CA ASN A 30 0.74 -0.41 11.23
C ASN A 30 0.33 -0.19 9.79
N TYR A 31 -0.32 -1.19 9.19
CA TYR A 31 -0.79 -1.12 7.84
C TYR A 31 -1.89 -2.14 7.66
N GLU A 32 -2.70 -1.88 6.65
CA GLU A 32 -3.96 -2.56 6.41
C GLU A 32 -4.21 -2.50 4.91
N VAL A 33 -3.88 -3.59 4.21
CA VAL A 33 -4.20 -3.75 2.79
C VAL A 33 -5.63 -4.29 2.71
N SER A 34 -6.45 -3.72 1.83
CA SER A 34 -7.87 -3.97 1.72
C SER A 34 -8.16 -4.42 0.28
N VAL A 35 -8.43 -5.71 0.08
CA VAL A 35 -8.58 -6.36 -1.22
C VAL A 35 -9.92 -5.97 -1.89
N GLU A 36 -11.04 -6.10 -1.17
CA GLU A 36 -12.34 -5.71 -1.70
C GLU A 36 -12.28 -4.22 -2.01
N GLU A 37 -11.73 -3.46 -1.07
CA GLU A 37 -11.77 -2.01 -1.14
C GLU A 37 -10.66 -1.45 -2.04
N LYS A 38 -9.68 -2.26 -2.49
CA LYS A 38 -8.57 -1.85 -3.37
C LYS A 38 -7.79 -0.66 -2.80
N LYS A 39 -7.82 -0.51 -1.48
CA LYS A 39 -7.08 0.53 -0.78
C LYS A 39 -5.96 -0.15 -0.02
N VAL A 40 -4.95 0.62 0.32
CA VAL A 40 -4.00 0.27 1.36
C VAL A 40 -4.07 1.41 2.37
N VAL A 41 -3.84 1.11 3.63
CA VAL A 41 -3.49 2.10 4.62
C VAL A 41 -2.11 1.71 5.14
N VAL A 42 -1.25 2.72 5.28
CA VAL A 42 0.09 2.62 5.82
C VAL A 42 0.24 3.76 6.81
N GLU A 43 0.65 3.45 8.03
CA GLU A 43 1.01 4.41 9.04
C GLU A 43 2.53 4.60 8.93
N THR A 44 2.97 5.63 8.21
CA THR A 44 4.37 5.94 8.02
C THR A 44 4.62 7.45 8.16
N GLU A 45 5.89 7.86 8.09
CA GLU A 45 6.31 9.25 8.06
C GLU A 45 6.91 9.64 6.69
N ASN A 46 7.07 8.70 5.76
CA ASN A 46 7.50 9.04 4.40
C ASN A 46 6.65 8.29 3.40
N LEU A 47 5.58 8.94 2.93
CA LEU A 47 4.64 8.36 1.98
C LEU A 47 5.36 7.95 0.69
N ASP A 48 6.31 8.76 0.21
CA ASP A 48 7.12 8.46 -0.98
C ASP A 48 7.73 7.07 -0.88
N SER A 49 8.25 6.70 0.30
CA SER A 49 8.88 5.42 0.56
C SER A 49 7.92 4.26 0.24
N VAL A 50 6.65 4.39 0.62
CA VAL A 50 5.63 3.42 0.27
C VAL A 50 5.29 3.52 -1.22
N LEU A 51 4.96 4.71 -1.75
CA LEU A 51 4.48 4.89 -3.13
C LEU A 51 5.47 4.32 -4.14
N LYS A 52 6.76 4.61 -3.91
CA LYS A 52 7.89 4.11 -4.66
C LYS A 52 7.86 2.60 -4.69
N LYS A 53 7.73 1.97 -3.51
CA LYS A 53 7.70 0.53 -3.42
C LYS A 53 6.51 -0.05 -4.17
N LEU A 54 5.34 0.60 -4.13
CA LEU A 54 4.17 0.13 -4.85
C LEU A 54 4.40 0.16 -6.37
N GLU A 55 5.07 1.21 -6.87
CA GLU A 55 5.56 1.23 -8.25
C GLU A 55 6.52 0.06 -8.51
N GLU A 56 7.48 -0.16 -7.60
CA GLU A 56 8.51 -1.20 -7.71
C GLU A 56 7.93 -2.63 -7.71
N ILE A 57 6.71 -2.83 -7.21
CA ILE A 57 6.01 -4.11 -7.28
C ILE A 57 5.05 -4.19 -8.49
N ASP A 58 5.09 -3.23 -9.42
CA ASP A 58 4.23 -3.10 -10.62
C ASP A 58 2.82 -2.59 -10.32
N TYR A 59 2.52 -2.13 -9.10
CA TYR A 59 1.19 -1.69 -8.69
C TYR A 59 1.21 -0.19 -8.39
N PRO A 60 1.19 0.68 -9.40
CA PRO A 60 1.25 2.11 -9.18
C PRO A 60 -0.03 2.54 -8.47
N VAL A 61 0.11 3.13 -7.27
CA VAL A 61 -1.00 3.72 -6.53
C VAL A 61 -1.63 4.78 -7.44
N GLU A 62 -2.92 4.61 -7.70
CA GLU A 62 -3.71 5.50 -8.55
C GLU A 62 -3.89 6.87 -7.86
N SER A 63 -4.36 6.89 -6.61
CA SER A 63 -4.57 8.10 -5.82
C SER A 63 -4.27 7.79 -4.34
N TYR A 64 -4.21 8.80 -3.47
CA TYR A 64 -4.02 8.62 -2.03
C TYR A 64 -4.74 9.72 -1.25
N GLN A 65 -4.77 9.60 0.09
CA GLN A 65 -5.31 10.58 1.02
C GLN A 65 -4.55 10.47 2.35
N GLU A 66 -4.20 11.59 2.95
CA GLU A 66 -3.78 11.73 4.34
C GLU A 66 -4.95 11.41 5.27
N VAL A 67 -4.71 10.81 6.45
CA VAL A 67 -5.74 10.44 7.42
C VAL A 67 -5.14 10.42 8.83
N MET A 1 2.54 9.97 8.52
CA MET A 1 1.22 9.73 9.13
C MET A 1 0.63 8.45 8.54
N ARG A 2 -0.65 8.15 8.79
CA ARG A 2 -1.44 7.27 7.98
C ARG A 2 -2.03 7.94 6.77
N TYR A 3 -2.04 7.18 5.67
CA TYR A 3 -2.50 7.55 4.36
C TYR A 3 -3.21 6.33 3.78
N VAL A 4 -4.45 6.51 3.30
CA VAL A 4 -5.17 5.53 2.54
C VAL A 4 -4.74 5.68 1.08
N LEU A 5 -3.96 4.72 0.58
CA LEU A 5 -3.63 4.60 -0.83
C LEU A 5 -4.75 3.85 -1.52
N TYR A 6 -4.99 4.15 -2.78
CA TYR A 6 -5.93 3.44 -3.63
C TYR A 6 -5.12 2.65 -4.65
N VAL A 7 -5.17 1.32 -4.57
CA VAL A 7 -4.38 0.42 -5.40
C VAL A 7 -5.37 -0.53 -6.12
N PRO A 8 -5.93 -0.13 -7.27
CA PRO A 8 -7.04 -0.85 -7.92
C PRO A 8 -6.67 -2.27 -8.39
N ASP A 9 -5.39 -2.56 -8.60
CA ASP A 9 -4.90 -3.88 -9.03
C ASP A 9 -4.97 -4.89 -7.88
N ILE A 10 -5.32 -4.48 -6.67
CA ILE A 10 -5.64 -5.40 -5.58
C ILE A 10 -7.04 -6.00 -5.81
N SER A 11 -7.40 -6.26 -7.06
CA SER A 11 -8.64 -6.91 -7.45
C SER A 11 -8.72 -8.31 -6.83
N CYS A 12 -7.57 -8.97 -6.56
CA CYS A 12 -7.54 -10.30 -5.96
C CYS A 12 -6.72 -10.36 -4.66
N ASN A 13 -6.97 -11.39 -3.86
CA ASN A 13 -6.42 -11.58 -2.51
C ASN A 13 -4.92 -11.89 -2.54
N HIS A 14 -4.42 -12.54 -3.60
CA HIS A 14 -3.00 -12.72 -3.82
C HIS A 14 -2.34 -11.34 -3.91
N CYS A 15 -2.98 -10.43 -4.64
CA CYS A 15 -2.49 -9.10 -4.86
C CYS A 15 -2.30 -8.35 -3.53
N LYS A 16 -3.19 -8.52 -2.56
CA LYS A 16 -3.04 -7.92 -1.22
C LYS A 16 -1.67 -8.27 -0.59
N MET A 17 -1.21 -9.52 -0.72
CA MET A 17 0.03 -9.96 -0.18
C MET A 17 1.20 -9.27 -0.89
N ARG A 18 1.11 -8.94 -2.20
CA ARG A 18 2.21 -8.32 -2.94
C ARG A 18 2.66 -7.05 -2.25
N ILE A 19 1.68 -6.24 -1.84
CA ILE A 19 1.89 -5.02 -1.09
C ILE A 19 2.49 -5.38 0.25
N SER A 20 1.73 -6.10 1.09
CA SER A 20 2.11 -6.36 2.46
C SER A 20 3.54 -6.84 2.61
N LYS A 21 3.93 -7.85 1.83
CA LYS A 21 5.27 -8.41 1.88
C LYS A 21 6.32 -7.31 1.72
N ALA A 22 6.19 -6.47 0.70
CA ALA A 22 7.07 -5.34 0.48
C ALA A 22 6.95 -4.28 1.59
N LEU A 23 5.76 -4.06 2.15
CA LEU A 23 5.54 -3.11 3.24
C LEU A 23 6.33 -3.52 4.49
N GLU A 24 6.29 -4.80 4.85
CA GLU A 24 7.01 -5.32 6.01
C GLU A 24 8.52 -5.07 5.87
N GLU A 25 9.07 -5.18 4.65
CA GLU A 25 10.47 -4.87 4.38
C GLU A 25 10.72 -3.36 4.39
N LEU A 26 9.76 -2.57 3.89
CA LEU A 26 9.80 -1.13 3.83
C LEU A 26 9.86 -0.49 5.22
N GLY A 27 9.58 -1.24 6.29
CA GLY A 27 9.67 -0.71 7.65
C GLY A 27 8.47 0.14 8.00
N VAL A 28 7.32 -0.15 7.40
CA VAL A 28 6.04 0.26 7.97
C VAL A 28 5.94 -0.39 9.36
N LYS A 29 5.01 0.08 10.20
CA LYS A 29 4.65 -0.63 11.43
C LYS A 29 3.15 -0.80 11.59
N ASN A 30 2.33 -0.15 10.75
CA ASN A 30 0.90 -0.07 10.93
C ASN A 30 0.34 0.01 9.51
N TYR A 31 -0.37 -1.02 9.03
CA TYR A 31 -0.95 -1.07 7.70
C TYR A 31 -2.23 -1.90 7.69
N GLU A 32 -3.11 -1.57 6.76
CA GLU A 32 -4.44 -2.16 6.61
C GLU A 32 -4.78 -2.15 5.12
N VAL A 33 -4.42 -3.23 4.42
CA VAL A 33 -4.80 -3.43 3.03
C VAL A 33 -6.09 -4.24 2.96
N SER A 34 -6.93 -3.92 1.97
CA SER A 34 -8.10 -4.69 1.62
C SER A 34 -8.16 -4.89 0.12
N VAL A 35 -8.11 -6.15 -0.30
CA VAL A 35 -8.63 -6.61 -1.58
C VAL A 35 -10.11 -6.27 -1.75
N GLU A 36 -10.94 -6.33 -0.70
CA GLU A 36 -12.35 -6.05 -0.83
C GLU A 36 -12.57 -4.62 -1.31
N GLU A 37 -11.84 -3.64 -0.77
CA GLU A 37 -11.97 -2.23 -1.17
C GLU A 37 -10.88 -1.76 -2.15
N LYS A 38 -9.99 -2.66 -2.61
CA LYS A 38 -8.82 -2.36 -3.46
C LYS A 38 -8.00 -1.18 -2.92
N LYS A 39 -7.62 -1.23 -1.65
CA LYS A 39 -7.10 -0.10 -0.89
C LYS A 39 -5.99 -0.57 0.03
N VAL A 40 -5.05 0.30 0.34
CA VAL A 40 -3.91 0.05 1.22
C VAL A 40 -3.83 1.24 2.14
N VAL A 41 -4.18 1.11 3.40
CA VAL A 41 -3.62 2.02 4.37
C VAL A 41 -2.17 1.60 4.64
N VAL A 42 -1.29 2.60 4.75
CA VAL A 42 -0.04 2.52 5.47
C VAL A 42 -0.06 3.62 6.53
N GLU A 43 0.72 3.46 7.59
CA GLU A 43 1.10 4.49 8.54
C GLU A 43 2.63 4.43 8.68
N THR A 44 3.32 5.48 8.24
CA THR A 44 4.78 5.63 8.28
C THR A 44 5.12 7.12 8.31
N GLU A 45 6.31 7.48 8.77
CA GLU A 45 6.85 8.82 8.57
C GLU A 45 7.15 9.11 7.09
N ASN A 46 7.33 8.09 6.23
CA ASN A 46 8.09 8.27 4.99
C ASN A 46 7.33 7.80 3.75
N LEU A 47 6.16 8.41 3.55
CA LEU A 47 5.19 8.07 2.52
C LEU A 47 5.77 7.97 1.11
N ASP A 48 6.69 8.86 0.75
CA ASP A 48 7.34 8.81 -0.56
C ASP A 48 7.94 7.42 -0.81
N SER A 49 8.62 6.87 0.19
CA SER A 49 9.25 5.57 0.07
C SER A 49 8.20 4.47 -0.17
N VAL A 50 6.97 4.63 0.31
CA VAL A 50 5.85 3.73 0.03
C VAL A 50 5.47 3.84 -1.44
N LEU A 51 5.23 5.05 -1.96
CA LEU A 51 4.82 5.27 -3.36
C LEU A 51 5.82 4.61 -4.31
N LYS A 52 7.11 4.74 -3.96
CA LYS A 52 8.21 4.12 -4.67
C LYS A 52 8.10 2.62 -4.53
N LYS A 53 8.07 2.08 -3.31
CA LYS A 53 8.03 0.65 -3.04
C LYS A 53 6.88 -0.05 -3.77
N LEU A 54 5.72 0.60 -3.85
CA LEU A 54 4.52 0.10 -4.52
C LEU A 54 4.76 0.00 -6.04
N GLU A 55 5.27 1.06 -6.66
CA GLU A 55 5.56 1.05 -8.08
C GLU A 55 6.66 0.01 -8.38
N GLU A 56 7.61 -0.14 -7.46
CA GLU A 56 8.70 -1.12 -7.46
C GLU A 56 8.24 -2.58 -7.41
N ILE A 57 6.98 -2.88 -7.11
CA ILE A 57 6.42 -4.23 -7.17
C ILE A 57 5.47 -4.40 -8.35
N ASP A 58 5.44 -3.49 -9.32
CA ASP A 58 4.49 -3.45 -10.46
C ASP A 58 3.10 -2.95 -10.05
N TYR A 59 2.97 -2.23 -8.92
CA TYR A 59 1.67 -1.79 -8.40
C TYR A 59 1.59 -0.26 -8.32
N PRO A 60 1.31 0.44 -9.43
CA PRO A 60 1.14 1.88 -9.45
C PRO A 60 -0.15 2.28 -8.72
N VAL A 61 -0.01 3.06 -7.65
CA VAL A 61 -1.09 3.61 -6.85
C VAL A 61 -1.91 4.57 -7.73
N GLU A 62 -3.25 4.54 -7.66
CA GLU A 62 -4.10 5.47 -8.39
C GLU A 62 -4.00 6.86 -7.74
N SER A 63 -4.21 6.94 -6.43
CA SER A 63 -4.15 8.17 -5.63
C SER A 63 -4.00 7.82 -4.13
N TYR A 64 -3.69 8.80 -3.28
CA TYR A 64 -3.64 8.66 -1.83
C TYR A 64 -4.39 9.82 -1.15
N GLN A 65 -4.62 9.73 0.17
CA GLN A 65 -5.08 10.81 1.03
C GLN A 65 -4.88 10.37 2.49
N GLU A 66 -4.80 11.32 3.42
CA GLU A 66 -4.55 11.13 4.84
C GLU A 66 -5.83 10.72 5.59
N VAL A 67 -5.74 9.83 6.60
CA VAL A 67 -6.91 9.39 7.38
C VAL A 67 -6.55 9.23 8.86
N MET A 1 2.30 9.61 10.62
CA MET A 1 1.05 10.03 9.96
C MET A 1 0.46 8.82 9.24
N ARG A 2 -0.82 8.83 8.85
CA ARG A 2 -1.34 7.71 8.05
C ARG A 2 -1.97 8.21 6.77
N TYR A 3 -1.97 7.34 5.79
CA TYR A 3 -2.35 7.64 4.42
C TYR A 3 -3.10 6.42 3.89
N VAL A 4 -4.33 6.62 3.40
CA VAL A 4 -5.06 5.59 2.66
C VAL A 4 -4.58 5.68 1.22
N LEU A 5 -4.14 4.57 0.64
CA LEU A 5 -3.76 4.45 -0.76
C LEU A 5 -4.84 3.64 -1.48
N TYR A 6 -5.01 3.87 -2.78
CA TYR A 6 -6.00 3.20 -3.62
C TYR A 6 -5.24 2.44 -4.71
N VAL A 7 -5.04 1.14 -4.49
CA VAL A 7 -4.23 0.24 -5.30
C VAL A 7 -5.20 -0.73 -6.01
N PRO A 8 -5.76 -0.37 -7.18
CA PRO A 8 -6.65 -1.24 -7.94
C PRO A 8 -6.04 -2.60 -8.32
N ASP A 9 -4.71 -2.73 -8.30
CA ASP A 9 -4.01 -4.00 -8.56
C ASP A 9 -4.34 -5.03 -7.49
N ILE A 10 -4.86 -4.61 -6.31
CA ILE A 10 -5.36 -5.55 -5.31
C ILE A 10 -6.71 -6.16 -5.78
N SER A 11 -7.04 -6.16 -7.07
CA SER A 11 -8.25 -6.80 -7.58
C SER A 11 -8.32 -8.29 -7.20
N CYS A 12 -7.23 -8.92 -6.76
CA CYS A 12 -7.20 -10.33 -6.36
C CYS A 12 -6.55 -10.57 -4.98
N ASN A 13 -6.81 -11.75 -4.42
CA ASN A 13 -6.40 -12.20 -3.10
C ASN A 13 -4.88 -12.29 -2.97
N HIS A 14 -4.19 -12.82 -3.98
CA HIS A 14 -2.72 -12.89 -3.95
C HIS A 14 -2.13 -11.47 -3.92
N CYS A 15 -2.74 -10.53 -4.64
CA CYS A 15 -2.29 -9.15 -4.74
C CYS A 15 -2.20 -8.48 -3.37
N LYS A 16 -3.06 -8.85 -2.42
CA LYS A 16 -3.02 -8.38 -1.05
C LYS A 16 -1.66 -8.69 -0.39
N MET A 17 -1.14 -9.92 -0.52
CA MET A 17 0.15 -10.29 -0.04
C MET A 17 1.24 -9.46 -0.74
N ARG A 18 1.18 -9.30 -2.06
CA ARG A 18 2.26 -8.69 -2.85
C ARG A 18 2.71 -7.35 -2.26
N ILE A 19 1.73 -6.50 -1.94
CA ILE A 19 1.98 -5.21 -1.31
C ILE A 19 2.62 -5.43 0.06
N SER A 20 1.94 -6.14 0.97
CA SER A 20 2.41 -6.26 2.35
C SER A 20 3.79 -6.86 2.43
N LYS A 21 4.12 -7.77 1.51
CA LYS A 21 5.42 -8.40 1.49
C LYS A 21 6.49 -7.31 1.46
N ALA A 22 6.32 -6.38 0.52
CA ALA A 22 7.19 -5.24 0.36
C ALA A 22 7.08 -4.26 1.54
N LEU A 23 5.88 -4.07 2.10
CA LEU A 23 5.62 -3.11 3.18
C LEU A 23 6.29 -3.56 4.50
N GLU A 24 6.12 -4.81 4.90
CA GLU A 24 6.83 -5.42 6.04
C GLU A 24 8.36 -5.24 5.91
N GLU A 25 8.92 -5.38 4.71
CA GLU A 25 10.36 -5.21 4.48
C GLU A 25 10.73 -3.73 4.39
N LEU A 26 9.82 -2.87 3.93
CA LEU A 26 9.85 -1.42 4.05
C LEU A 26 9.85 -1.01 5.53
N GLY A 27 9.41 -1.89 6.43
CA GLY A 27 9.42 -1.67 7.86
C GLY A 27 8.24 -0.81 8.26
N VAL A 28 7.08 -1.00 7.60
CA VAL A 28 5.84 -0.46 8.11
C VAL A 28 5.47 -1.24 9.36
N LYS A 29 5.09 -0.51 10.42
CA LYS A 29 4.59 -1.12 11.65
C LYS A 29 3.07 -1.20 11.67
N ASN A 30 2.37 -0.28 11.03
CA ASN A 30 0.92 -0.17 11.15
C ASN A 30 0.43 0.10 9.75
N TYR A 31 -0.36 -0.80 9.22
CA TYR A 31 -0.82 -0.78 7.84
C TYR A 31 -2.06 -1.62 7.71
N GLU A 32 -2.68 -1.55 6.54
CA GLU A 32 -3.78 -2.40 6.20
C GLU A 32 -3.81 -2.61 4.68
N VAL A 33 -4.55 -3.61 4.21
CA VAL A 33 -4.78 -3.93 2.80
C VAL A 33 -6.17 -4.57 2.71
N SER A 34 -7.01 -4.14 1.78
CA SER A 34 -8.36 -4.66 1.54
C SER A 34 -8.52 -5.00 0.07
N VAL A 35 -8.87 -6.26 -0.22
CA VAL A 35 -9.20 -6.73 -1.57
C VAL A 35 -10.48 -6.06 -2.05
N GLU A 36 -11.56 -6.13 -1.25
CA GLU A 36 -12.86 -5.60 -1.63
C GLU A 36 -12.75 -4.09 -1.87
N GLU A 37 -12.00 -3.40 -1.01
CA GLU A 37 -11.91 -1.95 -1.08
C GLU A 37 -10.84 -1.50 -2.09
N LYS A 38 -9.96 -2.39 -2.57
CA LYS A 38 -8.75 -2.05 -3.35
C LYS A 38 -7.92 -0.97 -2.66
N LYS A 39 -7.82 -1.04 -1.33
CA LYS A 39 -7.19 0.00 -0.52
C LYS A 39 -6.04 -0.57 0.28
N VAL A 40 -5.17 0.33 0.71
CA VAL A 40 -4.10 0.13 1.66
C VAL A 40 -4.23 1.25 2.67
N VAL A 41 -3.74 1.03 3.88
CA VAL A 41 -3.33 2.11 4.77
C VAL A 41 -1.88 1.83 5.11
N VAL A 42 -1.11 2.87 5.37
CA VAL A 42 0.23 2.84 5.91
C VAL A 42 0.27 3.98 6.92
N GLU A 43 0.75 3.69 8.12
CA GLU A 43 1.12 4.69 9.12
C GLU A 43 2.64 4.77 9.05
N THR A 44 3.18 5.79 8.37
CA THR A 44 4.61 6.03 8.29
C THR A 44 4.83 7.55 8.19
N GLU A 45 6.07 8.02 8.11
CA GLU A 45 6.39 9.45 8.04
C GLU A 45 6.80 9.84 6.63
N ASN A 46 7.35 8.88 5.87
CA ASN A 46 7.80 9.06 4.49
C ASN A 46 6.84 8.33 3.56
N LEU A 47 5.87 9.06 3.01
CA LEU A 47 4.92 8.49 2.08
C LEU A 47 5.61 8.10 0.77
N ASP A 48 6.56 8.88 0.26
CA ASP A 48 7.30 8.55 -0.97
C ASP A 48 7.95 7.17 -0.85
N SER A 49 8.53 6.86 0.30
CA SER A 49 9.12 5.57 0.62
C SER A 49 8.13 4.42 0.31
N VAL A 50 6.83 4.63 0.56
CA VAL A 50 5.78 3.68 0.26
C VAL A 50 5.47 3.72 -1.24
N LEU A 51 5.15 4.90 -1.83
CA LEU A 51 4.77 5.04 -3.24
C LEU A 51 5.77 4.36 -4.16
N LYS A 52 7.05 4.62 -3.92
CA LYS A 52 8.15 4.07 -4.70
C LYS A 52 8.09 2.56 -4.63
N LYS A 53 7.93 2.03 -3.42
CA LYS A 53 7.91 0.59 -3.19
C LYS A 53 6.71 -0.07 -3.87
N LEU A 54 5.56 0.60 -3.91
CA LEU A 54 4.36 0.13 -4.59
C LEU A 54 4.57 0.12 -6.10
N GLU A 55 5.05 1.22 -6.67
CA GLU A 55 5.31 1.36 -8.09
C GLU A 55 6.34 0.30 -8.51
N GLU A 56 7.38 0.09 -7.69
CA GLU A 56 8.45 -0.89 -7.88
C GLU A 56 7.91 -2.32 -7.98
N ILE A 57 6.85 -2.68 -7.25
CA ILE A 57 6.26 -4.03 -7.32
C ILE A 57 5.22 -4.12 -8.45
N ASP A 58 5.26 -3.22 -9.42
CA ASP A 58 4.44 -3.22 -10.64
C ASP A 58 2.99 -2.79 -10.36
N TYR A 59 2.71 -2.24 -9.16
CA TYR A 59 1.37 -1.91 -8.70
C TYR A 59 1.26 -0.39 -8.55
N PRO A 60 1.05 0.35 -9.65
CA PRO A 60 0.91 1.80 -9.64
C PRO A 60 -0.36 2.18 -8.87
N VAL A 61 -0.19 2.93 -7.79
CA VAL A 61 -1.31 3.44 -7.00
C VAL A 61 -2.07 4.47 -7.84
N GLU A 62 -3.41 4.43 -7.81
CA GLU A 62 -4.28 5.48 -8.33
C GLU A 62 -4.04 6.78 -7.54
N SER A 63 -4.48 6.83 -6.29
CA SER A 63 -4.41 8.02 -5.45
C SER A 63 -4.22 7.64 -3.99
N TYR A 64 -3.85 8.63 -3.19
CA TYR A 64 -3.74 8.53 -1.75
C TYR A 64 -4.50 9.70 -1.11
N GLN A 65 -4.74 9.66 0.19
CA GLN A 65 -5.09 10.83 0.98
C GLN A 65 -4.63 10.59 2.41
N GLU A 66 -4.28 11.67 3.06
CA GLU A 66 -3.94 11.80 4.46
C GLU A 66 -5.21 11.68 5.30
N VAL A 67 -5.11 10.99 6.44
CA VAL A 67 -6.30 10.56 7.19
C VAL A 67 -6.25 11.22 8.56
#